data_7TYN
#
_entry.id   7TYN
#
_cell.length_a   1.00
_cell.length_b   1.00
_cell.length_c   1.00
_cell.angle_alpha   90.00
_cell.angle_beta   90.00
_cell.angle_gamma   90.00
#
_symmetry.space_group_name_H-M   'P 1'
#
loop_
_entity.id
_entity.type
_entity.pdbx_description
1 polymer Calcitonin-1
2 polymer 'Calcitonin receptor'
3 polymer 'Guanine nucleotide-binding protein G(s) subunit alpha isoforms short'
4 polymer 'Guanine nucleotide-binding protein G(I)/G(S)/G(T) subunit beta-1'
5 polymer 'Guanine nucleotide-binding protein G(I)/G(S)/G(O) subunit gamma-2'
6 polymer 'Nanobody 35'
7 non-polymer 2-acetamido-2-deoxy-beta-D-glucopyranose
8 non-polymer '(2S)-2-{[(1R)-1-hydroxyhexadecyl]oxy}-3-{[(1R)-1-hydroxyoctadecyl]oxy}propyl 2-(trimethylammonio)ethyl phosphate'
9 non-polymer 'PALMITIC ACID'
10 non-polymer 'CHOLESTEROL HEMISUCCINATE'
#
loop_
_entity_poly.entity_id
_entity_poly.type
_entity_poly.pdbx_seq_one_letter_code
_entity_poly.pdbx_strand_id
1 'polypeptide(L)' CSNLSTCVLGKLSQELHKLQTYPRTNTGSGTP(NH2) P
2 'polypeptide(L)'
;MKTIIALSYIFCLVFADYKDDDDLEVLFQGPAAFSNQTYPTIEPKPFLYVVGRKKMMDAQYKCYDRMQQLPAYQGEGPYC
NRTWDGWLCWDDTPAGVLSYQFCPDYFPDFDPSEKVTKYCDEKGVWFKHPENNRTWSNYTMCNAFTPEKLKNAYVLYYLA
IVGHSLSIFTLVISLGIFVFFRSLGCQRVTLHKNMFLTYILNSMIIIIHLVEVVPNGELVRRDPVSCKILHFFHQYMMAC
NYFWMLCEGIYLHTLIVVAVFTEKQRLRWYYLLGWGFPLVPTTIHAITRAVYFNDNCWLSVETHLLYIIHGPVMAALVVN
FFFLLNIVRVLVTKMRETHEAESHMYLKAVKATMILVPLLGIQFVVFPWRPSNKMLGKIYDYVMHSLIHFQGFFVATIYC
FCNNEVQTTVKRQWAQFKIQWNQRWGRRPSNRSARAAAAAAEAGDIPIYICHQELRNEPANNQGEESAEIIPLNIIEQES
SAPAGLEVLFQGPHHHHHHHH
;
R
3 'polypeptide(L)'
;MGCLGNSKTEDQRNEEKAQREANKKIEKQLQKDKQVYRATHRLLLLGAGESGKNTIVKQMRILHVNGFNGEGGEEDPQAA
RSNSDGEKATKVQDIKNNLKEAIETIVAAMSNLVPPVELANPENQFRVDYILSVMNVPDFDFPPEFYEHAKALWEDEGVR
ACYERSNEYQLIDCAQYFLDKIDVIKQADYVPSDQDLLRCRVLTSGIFETKFQVDKVNFHMFDVGAQRDERRKWIQCFND
VTAIIFVVASSSYNMVIREDNQTNRLQAALKLFDSIWNNKWLRDTSVILFLNKQDLLAEKVLAGKSKIEDYFPEFARYTT
PEDATPEPGEDPRVTRAKYFIRDEFLRISTASGDGRHYCYPHFTCAVDTENIRRVFNDCRDIIQRMHLRQYELL
;
A
4 'polypeptide(L)'
;MHHHHHHGSSGSELDQLRQEAEQLKNQIRDARKACADATLSQITNNIDPVGRIQMRTRRTLRGHLAKIYAMHWGTDSRLL
VSASQDGKLIIWDSYTTNKVHAIPLRSSWVMTCAYAPSGNYVACGGLDNICSIYNLKTREGNVRVSRELAGHTGYLSCCR
FLDDNQIVTSSGDTTCALWDIETGQQTTTFTGHTGDVMSLSLAPDTRLFVSGACDASAKLWDVREGMCRQTFTGHESDIN
AICFFPNGNAFATGSDDATCRLFDLRADQELMTYSHDNIICGITSVSFSKSGRLLLAGYDDFNCNVWDALKADRAGVLAG
HDNRVSCLGVTDDGMAVATGSWDSFLKIWN
;
B
5 'polypeptide(L)' MASNNTASIAQARKLVEQLKMEANIDRIKVSKAAADLMAYCEAHAKEDPLLTPVPASENPFREKKFFCAIL G
6 'polypeptide(L)'
;QVQLQESGGGLVQPGGSLRLSCAASGFTFSNYKMNWVRQAPGKGLEWVSDISQSGASISYTGSVKGRFTISRDNAKNTLY
LQMNSLKPEDTAVYYCARCPAPFTRDCFDVTSTTYAYRGQGTQVTVSSHHHHHHEPEA
;
N
#
loop_
_chem_comp.id
_chem_comp.type
_chem_comp.name
_chem_comp.formula
NAG D-saccharide, beta linking 2-acetamido-2-deoxy-beta-D-glucopyranose 'C8 H15 N O6'
NH2 non-polymer 'AMINO GROUP' 'H2 N'
P42 non-polymer '(2S)-2-{[(1R)-1-hydroxyhexadecyl]oxy}-3-{[(1R)-1-hydroxyoctadecyl]oxy}propyl 2-(trimethylammonio)ethyl phosphate' 'C42 H88 N O8 P'
PLM non-polymer 'PALMITIC ACID' 'C16 H32 O2'
Y01 non-polymer 'CHOLESTEROL HEMISUCCINATE' 'C31 H50 O4'
#
# COMPACT_ATOMS: atom_id res chain seq x y z
N CYS A 1 32.21 -12.79 28.89
CA CYS A 1 30.83 -12.97 29.32
C CYS A 1 30.60 -12.73 30.81
N SER A 2 31.64 -12.29 31.51
CA SER A 2 31.46 -11.89 32.90
C SER A 2 30.68 -10.58 32.98
N ASN A 3 31.14 -9.56 32.25
CA ASN A 3 30.48 -8.27 32.21
C ASN A 3 29.91 -7.92 30.84
N LEU A 4 30.00 -8.82 29.87
CA LEU A 4 29.50 -8.55 28.53
C LEU A 4 27.98 -8.50 28.51
N SER A 5 27.44 -7.69 27.61
CA SER A 5 25.99 -7.48 27.56
C SER A 5 25.25 -8.67 26.96
N THR A 6 25.84 -9.34 25.98
CA THR A 6 25.19 -10.48 25.34
C THR A 6 25.30 -11.76 26.18
N CYS A 7 25.88 -11.68 27.38
CA CYS A 7 26.05 -12.83 28.25
C CYS A 7 25.54 -12.54 29.66
N VAL A 8 24.59 -11.62 29.79
CA VAL A 8 24.06 -11.30 31.11
C VAL A 8 23.11 -12.39 31.60
N LEU A 9 22.48 -13.12 30.67
CA LEU A 9 21.62 -14.23 31.08
C LEU A 9 22.44 -15.42 31.55
N GLY A 10 23.56 -15.68 30.88
CA GLY A 10 24.47 -16.70 31.36
C GLY A 10 25.07 -16.36 32.72
N LYS A 11 25.22 -15.07 33.01
CA LYS A 11 25.70 -14.66 34.33
C LYS A 11 24.61 -14.83 35.38
N LEU A 12 23.37 -14.49 35.04
CA LEU A 12 22.27 -14.65 35.98
C LEU A 12 22.08 -16.12 36.35
N SER A 13 22.18 -17.01 35.37
CA SER A 13 22.10 -18.44 35.66
C SER A 13 23.29 -18.91 36.50
N GLN A 14 24.44 -18.26 36.34
CA GLN A 14 25.63 -18.68 37.07
C GLN A 14 25.57 -18.27 38.53
N GLU A 15 25.17 -17.02 38.81
CA GLU A 15 25.09 -16.57 40.19
C GLU A 15 23.93 -17.24 40.92
N LEU A 16 22.79 -17.41 40.25
CA LEU A 16 21.66 -18.09 40.88
C LEU A 16 22.01 -19.53 41.24
N HIS A 17 22.77 -20.21 40.39
CA HIS A 17 23.11 -21.61 40.64
C HIS A 17 24.06 -21.73 41.82
N LYS A 18 25.21 -21.07 41.75
CA LYS A 18 26.25 -21.27 42.75
C LYS A 18 25.91 -20.66 44.10
N LEU A 19 24.97 -19.73 44.16
CA LEU A 19 24.55 -19.18 45.45
C LEU A 19 23.55 -20.09 46.15
N GLN A 20 22.71 -20.78 45.38
CA GLN A 20 21.62 -21.58 45.93
C GLN A 20 22.02 -23.03 46.18
N THR A 21 22.60 -23.70 45.19
CA THR A 21 22.89 -25.13 45.31
C THR A 21 24.02 -25.41 46.28
N TYR A 22 25.17 -24.77 46.07
CA TYR A 22 26.32 -25.04 46.92
C TYR A 22 26.08 -24.52 48.34
N PRO A 23 26.45 -25.28 49.36
CA PRO A 23 26.17 -24.88 50.74
C PRO A 23 27.01 -23.68 51.16
N ARG A 24 26.53 -22.98 52.19
CA ARG A 24 27.23 -21.75 52.64
C ARG A 24 28.56 -22.13 53.29
N THR A 25 29.62 -21.39 52.97
CA THR A 25 30.93 -21.63 53.61
C THR A 25 30.75 -21.35 55.10
N ASN A 26 31.35 -22.15 55.97
CA ASN A 26 31.11 -21.98 57.42
C ASN A 26 31.58 -20.60 57.88
N THR A 27 32.79 -20.19 57.45
CA THR A 27 33.33 -18.86 57.82
C THR A 27 33.16 -18.69 59.33
N GLY A 28 33.49 -19.72 60.10
CA GLY A 28 33.24 -19.70 61.56
C GLY A 28 34.47 -20.17 62.33
N SER A 29 34.38 -20.15 63.66
CA SER A 29 35.52 -20.59 64.51
C SER A 29 36.06 -21.92 64.01
N GLY A 30 37.39 -22.02 63.86
CA GLY A 30 38.02 -23.27 63.38
C GLY A 30 38.19 -23.30 61.88
N THR A 31 37.63 -22.32 61.16
CA THR A 31 37.87 -22.24 59.70
C THR A 31 38.67 -20.97 59.43
N PRO A 32 39.89 -21.11 58.84
CA PRO A 32 40.72 -19.90 58.65
C PRO A 32 40.43 -18.72 59.56
N NH2 A 33 39.88 -17.67 58.97
N LYS B 45 32.42 -35.19 42.38
CA LYS B 45 32.93 -33.92 42.90
C LYS B 45 32.60 -32.78 41.94
N PRO B 46 32.15 -31.65 42.50
CA PRO B 46 31.82 -30.50 41.64
C PRO B 46 33.07 -29.88 41.04
N PHE B 47 32.95 -29.43 39.79
CA PHE B 47 34.09 -28.83 39.11
C PHE B 47 34.43 -27.45 39.67
N LEU B 48 33.44 -26.73 40.20
CA LEU B 48 33.72 -25.43 40.79
C LEU B 48 34.59 -25.57 42.03
N TYR B 49 34.25 -26.52 42.91
CA TYR B 49 35.09 -26.77 44.08
C TYR B 49 36.42 -27.40 43.69
N VAL B 50 36.45 -28.18 42.61
CA VAL B 50 37.69 -28.80 42.17
C VAL B 50 38.66 -27.74 41.67
N VAL B 51 38.19 -26.85 40.79
CA VAL B 51 39.04 -25.79 40.28
C VAL B 51 39.40 -24.80 41.38
N GLY B 52 38.47 -24.58 42.32
CA GLY B 52 38.77 -23.67 43.43
C GLY B 52 39.80 -24.22 44.37
N ARG B 53 39.68 -25.51 44.74
CA ARG B 53 40.66 -26.11 45.65
C ARG B 53 41.99 -26.35 44.95
N LYS B 54 42.00 -26.46 43.62
CA LYS B 54 43.24 -26.70 42.89
C LYS B 54 44.16 -25.49 42.97
N LYS B 55 43.66 -24.32 42.55
CA LYS B 55 44.47 -23.11 42.62
C LYS B 55 44.71 -22.68 44.07
N MET B 56 43.83 -23.07 44.98
CA MET B 56 44.03 -22.74 46.39
C MET B 56 45.33 -23.35 46.92
N MET B 57 45.60 -24.61 46.54
CA MET B 57 46.87 -25.22 46.92
C MET B 57 48.03 -24.58 46.19
N ASP B 58 47.80 -24.11 44.96
CA ASP B 58 48.85 -23.42 44.21
C ASP B 58 49.12 -22.04 44.80
N ALA B 59 48.06 -21.29 45.14
CA ALA B 59 48.24 -19.98 45.75
C ALA B 59 48.83 -20.09 47.15
N GLN B 60 48.57 -21.19 47.84
CA GLN B 60 49.15 -21.40 49.16
C GLN B 60 50.67 -21.53 49.08
N TYR B 61 51.15 -22.42 48.21
CA TYR B 61 52.59 -22.58 48.03
C TYR B 61 53.22 -21.33 47.43
N LYS B 62 52.44 -20.53 46.70
CA LYS B 62 53.00 -19.37 46.01
C LYS B 62 53.42 -18.27 46.99
N CYS B 63 52.59 -17.99 48.00
CA CYS B 63 52.88 -16.86 48.89
C CYS B 63 54.03 -17.15 49.83
N TYR B 64 54.11 -18.37 50.38
CA TYR B 64 55.26 -18.72 51.21
C TYR B 64 56.52 -18.79 50.38
N ASP B 65 56.41 -19.16 49.11
CA ASP B 65 57.52 -19.02 48.18
C ASP B 65 57.85 -17.55 47.95
N ARG B 66 56.82 -16.70 47.97
CA ARG B 66 57.06 -15.26 47.91
C ARG B 66 57.55 -14.72 49.25
N MET B 67 57.24 -15.42 50.34
CA MET B 67 57.72 -15.01 51.65
C MET B 67 59.24 -15.03 51.70
N GLN B 68 59.86 -16.03 51.06
CA GLN B 68 61.31 -16.03 50.93
C GLN B 68 61.78 -14.91 50.00
N GLN B 69 60.96 -14.56 49.01
CA GLN B 69 61.28 -13.42 48.15
C GLN B 69 61.02 -12.10 48.87
N LEU B 70 59.99 -12.06 49.71
CA LEU B 70 59.70 -10.84 50.45
C LEU B 70 60.79 -10.62 51.51
N PRO B 71 61.30 -9.40 51.65
CA PRO B 71 62.37 -9.15 52.63
C PRO B 71 61.84 -9.14 54.05
N ALA B 72 62.79 -9.19 54.99
CA ALA B 72 62.43 -9.16 56.41
C ALA B 72 61.85 -7.81 56.79
N TYR B 73 60.85 -7.84 57.68
CA TYR B 73 60.21 -6.61 58.11
C TYR B 73 61.15 -5.78 58.96
N GLN B 74 61.34 -4.51 58.58
CA GLN B 74 62.19 -3.59 59.32
C GLN B 74 61.39 -2.67 60.24
N GLY B 75 60.07 -2.77 60.25
CA GLY B 75 59.28 -1.92 61.11
C GLY B 75 59.45 -2.28 62.58
N GLU B 76 59.53 -1.26 63.42
CA GLU B 76 59.71 -1.47 64.85
C GLU B 76 58.41 -1.90 65.51
N GLY B 77 58.54 -2.41 66.73
CA GLY B 77 57.38 -2.84 67.49
C GLY B 77 57.08 -4.31 67.30
N PRO B 78 56.09 -4.81 68.04
CA PRO B 78 55.69 -6.23 67.93
C PRO B 78 54.85 -6.51 66.69
N TYR B 79 55.49 -6.47 65.53
CA TYR B 79 54.80 -6.73 64.28
C TYR B 79 54.32 -8.17 64.24
N CYS B 80 53.04 -8.36 63.94
CA CYS B 80 52.49 -9.70 63.84
C CYS B 80 53.09 -10.45 62.66
N ASN B 81 53.41 -11.72 62.88
CA ASN B 81 54.14 -12.51 61.90
C ASN B 81 53.25 -12.85 60.72
N ARG B 82 53.85 -12.85 59.53
CA ARG B 82 53.12 -13.18 58.31
C ARG B 82 52.85 -14.67 58.24
N THR B 83 51.64 -15.02 57.78
CA THR B 83 51.28 -16.41 57.59
C THR B 83 50.17 -16.51 56.56
N TRP B 84 49.90 -17.76 56.15
CA TRP B 84 48.80 -18.05 55.21
C TRP B 84 47.70 -18.69 56.07
N ASP B 85 46.51 -18.09 56.10
CA ASP B 85 45.42 -18.56 56.99
C ASP B 85 44.85 -19.87 56.46
N GLY B 86 45.26 -20.29 55.27
CA GLY B 86 44.67 -21.48 54.64
C GLY B 86 43.75 -21.02 53.53
N TRP B 87 43.38 -19.73 53.53
CA TRP B 87 42.60 -19.20 52.40
C TRP B 87 43.38 -18.07 51.72
N LEU B 88 43.84 -17.07 52.49
CA LEU B 88 44.52 -15.92 51.85
C LEU B 88 45.91 -15.67 52.46
N CYS B 89 46.53 -14.52 52.16
CA CYS B 89 47.89 -14.25 52.60
C CYS B 89 47.94 -12.91 53.31
N TRP B 90 48.53 -12.89 54.50
CA TRP B 90 48.75 -11.66 55.25
C TRP B 90 50.24 -11.50 55.50
N ASP B 91 50.79 -10.37 55.07
CA ASP B 91 52.21 -10.10 55.20
C ASP B 91 52.52 -9.55 56.59
N ASP B 92 53.78 -9.19 56.81
CA ASP B 92 54.19 -8.60 58.08
C ASP B 92 53.51 -7.25 58.27
N THR B 93 52.64 -7.16 59.26
CA THR B 93 51.87 -5.95 59.52
C THR B 93 52.17 -5.44 60.93
N PRO B 94 52.22 -4.12 61.11
CA PRO B 94 52.48 -3.58 62.44
C PRO B 94 51.36 -3.90 63.41
N ALA B 95 51.71 -3.85 64.70
CA ALA B 95 50.73 -4.14 65.74
C ALA B 95 49.70 -3.03 65.85
N GLY B 96 48.51 -3.39 66.32
CA GLY B 96 47.44 -2.44 66.47
C GLY B 96 46.89 -1.89 65.16
N VAL B 97 46.96 -2.68 64.09
CA VAL B 97 46.47 -2.25 62.78
C VAL B 97 45.71 -3.41 62.15
N LEU B 98 44.69 -3.06 61.37
CA LEU B 98 43.85 -4.05 60.69
C LEU B 98 44.15 -4.04 59.21
N SER B 99 44.46 -5.21 58.67
CA SER B 99 44.75 -5.38 57.25
C SER B 99 43.47 -5.74 56.49
N TYR B 100 43.36 -5.23 55.27
CA TYR B 100 42.18 -5.42 54.44
C TYR B 100 42.60 -5.93 53.07
N GLN B 101 42.06 -7.08 52.67
CA GLN B 101 42.32 -7.65 51.36
C GLN B 101 41.02 -8.16 50.77
N PHE B 102 40.96 -8.19 49.44
CA PHE B 102 39.77 -8.67 48.76
C PHE B 102 39.57 -10.16 49.01
N CYS B 103 38.30 -10.57 49.04
CA CYS B 103 37.98 -11.96 49.33
C CYS B 103 38.45 -12.87 48.19
N PRO B 104 39.02 -14.02 48.51
CA PRO B 104 39.46 -14.95 47.46
C PRO B 104 38.28 -15.57 46.73
N ASP B 105 38.58 -16.16 45.57
CA ASP B 105 37.56 -16.68 44.68
C ASP B 105 37.66 -18.20 44.46
N TYR B 106 38.08 -18.94 45.49
CA TYR B 106 38.05 -20.39 45.37
C TYR B 106 36.64 -20.94 45.49
N PHE B 107 35.80 -20.31 46.31
CA PHE B 107 34.47 -20.77 46.65
C PHE B 107 33.41 -20.05 45.83
N PRO B 108 32.28 -20.71 45.57
CA PRO B 108 31.23 -20.06 44.77
C PRO B 108 30.56 -18.91 45.49
N ASP B 109 30.30 -19.05 46.79
CA ASP B 109 29.61 -18.00 47.54
C ASP B 109 30.52 -16.83 47.87
N PHE B 110 31.84 -17.00 47.77
CA PHE B 110 32.76 -15.92 48.04
C PHE B 110 32.69 -14.86 46.94
N ASP B 111 32.56 -13.59 47.35
CA ASP B 111 32.49 -12.48 46.41
C ASP B 111 33.81 -11.74 46.38
N PRO B 112 34.49 -11.67 45.23
CA PRO B 112 35.77 -10.96 45.19
C PRO B 112 35.64 -9.45 45.40
N SER B 113 34.47 -8.88 45.15
CA SER B 113 34.29 -7.44 45.34
C SER B 113 34.29 -7.06 46.82
N GLU B 114 33.88 -7.98 47.70
CA GLU B 114 33.90 -7.72 49.12
C GLU B 114 35.32 -7.70 49.64
N LYS B 115 35.48 -7.12 50.83
CA LYS B 115 36.79 -6.93 51.45
C LYS B 115 36.87 -7.75 52.73
N VAL B 116 37.89 -8.60 52.83
CA VAL B 116 38.17 -9.35 54.05
C VAL B 116 39.06 -8.51 54.95
N THR B 117 39.12 -8.88 56.23
CA THR B 117 39.90 -8.13 57.21
C THR B 117 40.63 -9.10 58.13
N LYS B 118 41.83 -8.68 58.55
CA LYS B 118 42.62 -9.42 59.53
C LYS B 118 43.27 -8.43 60.49
N TYR B 119 43.14 -8.70 61.79
CA TYR B 119 43.67 -7.82 62.83
C TYR B 119 44.65 -8.59 63.71
N CYS B 120 45.84 -8.05 63.88
CA CYS B 120 46.79 -8.49 64.89
C CYS B 120 46.96 -7.38 65.92
N ASP B 121 46.60 -7.66 67.17
CA ASP B 121 46.46 -6.64 68.19
C ASP B 121 47.80 -6.00 68.53
N GLU B 122 47.73 -4.90 69.29
CA GLU B 122 48.93 -4.13 69.62
C GLU B 122 49.92 -4.93 70.45
N LYS B 123 49.44 -5.97 71.15
CA LYS B 123 50.34 -6.82 71.93
C LYS B 123 51.29 -7.61 71.05
N GLY B 124 50.97 -7.80 69.77
CA GLY B 124 51.83 -8.50 68.84
C GLY B 124 51.30 -9.85 68.38
N VAL B 125 50.10 -10.25 68.81
CA VAL B 125 49.52 -11.53 68.45
C VAL B 125 48.25 -11.27 67.64
N TRP B 126 47.94 -12.18 66.72
CA TRP B 126 46.75 -12.05 65.91
C TRP B 126 45.50 -12.14 66.78
N PHE B 127 44.42 -11.50 66.30
CA PHE B 127 43.15 -11.57 67.01
C PHE B 127 42.61 -12.98 66.98
N LYS B 128 42.30 -13.52 68.17
CA LYS B 128 41.88 -14.89 68.32
C LYS B 128 40.39 -14.96 68.63
N HIS B 129 39.69 -15.88 67.97
CA HIS B 129 38.27 -16.07 68.22
C HIS B 129 38.06 -16.59 69.64
N PRO B 130 37.18 -15.98 70.43
CA PRO B 130 37.02 -16.43 71.82
C PRO B 130 36.43 -17.82 71.95
N GLU B 131 35.84 -18.38 70.89
CA GLU B 131 35.25 -19.71 70.97
C GLU B 131 36.33 -20.78 71.11
N ASN B 132 37.33 -20.74 70.23
CA ASN B 132 38.37 -21.75 70.19
C ASN B 132 39.74 -21.25 70.63
N ASN B 133 39.91 -19.94 70.82
CA ASN B 133 41.18 -19.35 71.23
C ASN B 133 42.30 -19.70 70.24
N ARG B 134 41.99 -19.53 68.96
CA ARG B 134 43.02 -19.75 67.90
C ARG B 134 42.97 -18.55 66.95
N THR B 135 44.02 -18.34 66.15
CA THR B 135 44.05 -17.15 65.27
C THR B 135 42.88 -17.25 64.28
N TRP B 136 42.15 -16.14 64.07
CA TRP B 136 40.95 -16.19 63.19
C TRP B 136 40.98 -15.01 62.22
N SER B 137 40.45 -15.20 61.02
CA SER B 137 40.40 -14.10 60.01
C SER B 137 38.94 -13.80 59.68
N ASN B 138 38.58 -12.53 59.56
CA ASN B 138 37.16 -12.15 59.34
C ASN B 138 36.85 -12.25 57.85
N TYR B 139 36.33 -13.39 57.40
CA TYR B 139 35.92 -13.51 55.99
C TYR B 139 34.39 -13.34 55.95
N THR B 140 33.79 -12.98 57.08
CA THR B 140 32.32 -12.89 57.17
C THR B 140 31.70 -12.06 56.05
N MET B 141 32.14 -10.81 55.88
CA MET B 141 31.49 -9.91 54.92
C MET B 141 31.58 -10.44 53.49
N CYS B 142 32.40 -11.46 53.23
CA CYS B 142 32.42 -12.08 51.91
C CYS B 142 31.16 -12.91 51.69
N ASN B 143 30.58 -13.45 52.76
CA ASN B 143 29.38 -14.27 52.67
C ASN B 143 28.19 -13.68 53.41
N ALA B 144 28.33 -12.48 53.98
CA ALA B 144 27.25 -11.92 54.78
C ALA B 144 26.12 -11.42 53.89
N PHE B 145 26.45 -10.89 52.71
CA PHE B 145 25.45 -10.31 51.81
C PHE B 145 24.92 -11.34 50.81
N THR B 146 25.10 -12.63 51.06
CA THR B 146 24.53 -13.63 50.17
C THR B 146 23.00 -13.66 50.17
N PRO B 147 22.29 -13.48 51.29
CA PRO B 147 20.83 -13.35 51.19
C PRO B 147 20.39 -12.15 50.35
N GLU B 148 21.09 -11.03 50.47
CA GLU B 148 20.76 -9.86 49.67
C GLU B 148 21.17 -10.03 48.22
N LYS B 149 22.29 -10.74 47.96
CA LYS B 149 22.67 -11.05 46.59
C LYS B 149 21.67 -12.01 45.95
N LEU B 150 21.24 -13.03 46.68
CA LEU B 150 20.26 -13.97 46.14
C LEU B 150 18.89 -13.33 45.98
N LYS B 151 18.59 -12.30 46.78
CA LYS B 151 17.31 -11.61 46.64
C LYS B 151 17.22 -10.87 45.31
N ASN B 152 18.29 -10.15 44.94
CA ASN B 152 18.30 -9.45 43.66
C ASN B 152 18.39 -10.43 42.49
N ALA B 153 19.01 -11.59 42.70
CA ALA B 153 19.11 -12.58 41.64
C ALA B 153 17.75 -13.18 41.31
N TYR B 154 16.85 -13.28 42.29
CA TYR B 154 15.53 -13.83 42.04
C TYR B 154 14.57 -12.80 41.46
N VAL B 155 14.80 -11.51 41.74
CA VAL B 155 14.00 -10.46 41.10
C VAL B 155 14.28 -10.44 39.60
N LEU B 156 15.54 -10.64 39.21
CA LEU B 156 15.88 -10.75 37.80
C LEU B 156 15.51 -12.11 37.23
N TYR B 157 15.45 -13.14 38.08
CA TYR B 157 15.08 -14.47 37.62
C TYR B 157 13.63 -14.49 37.13
N TYR B 158 12.72 -13.89 37.89
CA TYR B 158 11.32 -13.85 37.50
C TYR B 158 11.06 -12.78 36.45
N LEU B 159 11.82 -11.69 36.47
CA LEU B 159 11.74 -10.72 35.39
C LEU B 159 12.12 -11.35 34.06
N ALA B 160 13.05 -12.31 34.09
CA ALA B 160 13.42 -13.02 32.86
C ALA B 160 12.31 -13.98 32.42
N ILE B 161 11.66 -14.64 33.39
CA ILE B 161 10.59 -15.56 33.04
C ILE B 161 9.36 -14.81 32.53
N VAL B 162 9.02 -13.68 33.18
CA VAL B 162 7.89 -12.88 32.73
C VAL B 162 8.19 -12.26 31.38
N GLY B 163 9.42 -11.79 31.17
CA GLY B 163 9.78 -11.18 29.90
C GLY B 163 9.70 -12.17 28.75
N HIS B 164 10.18 -13.39 28.96
CA HIS B 164 10.13 -14.41 27.91
C HIS B 164 8.76 -15.06 27.78
N SER B 165 7.97 -15.09 28.85
CA SER B 165 6.60 -15.59 28.75
C SER B 165 5.70 -14.60 28.01
N LEU B 166 5.87 -13.31 28.29
CA LEU B 166 5.14 -12.29 27.56
C LEU B 166 5.60 -12.20 26.11
N SER B 167 6.88 -12.50 25.86
CA SER B 167 7.38 -12.51 24.48
C SER B 167 6.72 -13.61 23.67
N ILE B 168 6.78 -14.84 24.18
CA ILE B 168 6.20 -15.99 23.47
C ILE B 168 4.72 -15.74 23.19
N PHE B 169 4.00 -15.13 24.14
CA PHE B 169 2.58 -14.89 23.96
C PHE B 169 2.32 -13.98 22.76
N THR B 170 2.95 -12.80 22.75
CA THR B 170 2.70 -11.84 21.69
C THR B 170 3.37 -12.22 20.36
N LEU B 171 4.41 -13.06 20.40
CA LEU B 171 5.11 -13.39 19.17
C LEU B 171 4.37 -14.44 18.35
N VAL B 172 3.78 -15.45 19.01
CA VAL B 172 2.97 -16.43 18.28
C VAL B 172 1.73 -15.77 17.72
N ILE B 173 1.15 -14.82 18.45
CA ILE B 173 0.04 -14.03 17.92
C ILE B 173 0.51 -13.22 16.72
N SER B 174 1.68 -12.58 16.84
CA SER B 174 2.21 -11.81 15.73
C SER B 174 2.61 -12.72 14.56
N LEU B 175 3.27 -13.83 14.85
CA LEU B 175 3.64 -14.76 13.80
C LEU B 175 2.41 -15.43 13.19
N GLY B 176 1.37 -15.64 13.99
CA GLY B 176 0.15 -16.21 13.45
C GLY B 176 -0.59 -15.26 12.53
N ILE B 177 -0.42 -13.95 12.74
CA ILE B 177 -1.06 -12.98 11.86
C ILE B 177 -0.37 -12.96 10.50
N PHE B 178 0.96 -12.99 10.48
CA PHE B 178 1.68 -12.92 9.21
C PHE B 178 1.51 -14.18 8.38
N VAL B 179 1.27 -15.33 9.02
CA VAL B 179 1.04 -16.55 8.28
C VAL B 179 -0.41 -16.63 7.80
N PHE B 180 -1.35 -16.18 8.63
CA PHE B 180 -2.76 -16.18 8.25
C PHE B 180 -3.00 -15.26 7.07
N PHE B 181 -2.74 -13.96 7.26
CA PHE B 181 -3.03 -12.95 6.24
C PHE B 181 -1.96 -13.01 5.16
N ARG B 182 -2.32 -13.56 3.99
CA ARG B 182 -1.39 -13.59 2.87
C ARG B 182 -1.18 -12.21 2.28
N SER B 183 -2.12 -11.29 2.48
CA SER B 183 -2.01 -9.94 1.95
C SER B 183 -0.72 -9.25 2.41
N LEU B 184 -0.36 -9.44 3.67
CA LEU B 184 0.85 -8.83 4.21
C LEU B 184 2.12 -9.45 3.66
N GLY B 185 2.03 -10.59 2.98
CA GLY B 185 3.20 -11.32 2.52
C GLY B 185 4.13 -10.53 1.60
N CYS B 186 5.39 -10.42 2.01
CA CYS B 186 6.42 -9.76 1.22
C CYS B 186 7.78 -10.22 1.75
N GLN B 187 8.84 -9.65 1.18
CA GLN B 187 10.18 -10.02 1.63
C GLN B 187 10.48 -9.45 3.01
N ARG B 188 9.89 -8.30 3.35
CA ARG B 188 10.07 -7.77 4.70
C ARG B 188 9.38 -8.65 5.75
N VAL B 189 8.20 -9.19 5.41
CA VAL B 189 7.49 -10.05 6.33
C VAL B 189 8.11 -11.43 6.39
N THR B 190 8.63 -11.94 5.27
CA THR B 190 9.28 -13.24 5.26
C THR B 190 10.49 -13.25 6.20
N LEU B 191 11.24 -12.15 6.23
CA LEU B 191 12.35 -12.04 7.18
C LEU B 191 11.85 -11.79 8.59
N HIS B 192 10.75 -11.04 8.72
CA HIS B 192 10.15 -10.84 10.03
C HIS B 192 9.64 -12.16 10.62
N LYS B 193 9.16 -13.06 9.77
CA LYS B 193 8.67 -14.35 10.26
C LYS B 193 9.79 -15.18 10.86
N ASN B 194 10.94 -15.23 10.19
CA ASN B 194 12.08 -15.96 10.74
C ASN B 194 12.67 -15.24 11.94
N MET B 195 12.61 -13.90 11.95
CA MET B 195 13.04 -13.16 13.13
C MET B 195 12.14 -13.45 14.32
N PHE B 196 10.84 -13.56 14.09
CA PHE B 196 9.92 -13.90 15.18
C PHE B 196 10.11 -15.33 15.63
N LEU B 197 10.42 -16.24 14.69
CA LEU B 197 10.62 -17.64 15.05
C LEU B 197 11.87 -17.82 15.91
N THR B 198 12.90 -17.00 15.66
CA THR B 198 14.09 -17.05 16.51
C THR B 198 13.78 -16.61 17.93
N TYR B 199 12.94 -15.59 18.08
CA TYR B 199 12.58 -15.11 19.42
C TYR B 199 11.77 -16.15 20.17
N ILE B 200 10.87 -16.86 19.47
CA ILE B 200 10.04 -17.87 20.13
C ILE B 200 10.89 -19.04 20.59
N LEU B 201 11.72 -19.58 19.68
CA LEU B 201 12.55 -20.73 20.03
C LEU B 201 13.59 -20.37 21.09
N ASN B 202 14.15 -19.16 21.01
CA ASN B 202 15.12 -18.73 22.02
C ASN B 202 14.46 -18.61 23.39
N SER B 203 13.30 -17.97 23.44
CA SER B 203 12.60 -17.81 24.72
C SER B 203 12.11 -19.14 25.27
N MET B 204 11.83 -20.10 24.38
CA MET B 204 11.38 -21.41 24.86
C MET B 204 12.50 -22.17 25.55
N ILE B 205 13.68 -22.23 24.92
CA ILE B 205 14.82 -22.90 25.53
C ILE B 205 15.30 -22.17 26.78
N ILE B 206 15.13 -20.85 26.83
CA ILE B 206 15.52 -20.10 28.02
C ILE B 206 14.59 -20.42 29.19
N ILE B 207 13.29 -20.48 28.94
CA ILE B 207 12.35 -20.82 30.00
C ILE B 207 12.60 -22.24 30.50
N ILE B 208 12.83 -23.18 29.58
CA ILE B 208 13.13 -24.56 29.98
C ILE B 208 14.42 -24.61 30.78
N HIS B 209 15.43 -23.84 30.35
CA HIS B 209 16.72 -23.85 31.05
C HIS B 209 16.62 -23.22 32.43
N LEU B 210 15.66 -22.31 32.63
CA LEU B 210 15.60 -21.53 33.87
C LEU B 210 14.83 -22.22 34.98
N VAL B 211 13.95 -23.16 34.67
CA VAL B 211 13.15 -23.83 35.69
C VAL B 211 13.66 -25.24 35.98
N GLU B 212 14.18 -25.92 34.96
CA GLU B 212 14.60 -27.31 35.13
C GLU B 212 16.07 -27.47 35.50
N VAL B 213 16.93 -26.56 35.06
CA VAL B 213 18.37 -26.71 35.18
C VAL B 213 18.95 -25.82 36.29
N VAL B 214 18.71 -24.51 36.21
CA VAL B 214 19.35 -23.58 37.13
C VAL B 214 18.98 -23.84 38.59
N PRO B 215 17.70 -23.88 38.98
CA PRO B 215 17.39 -24.04 40.42
C PRO B 215 17.51 -25.45 40.92
N ASN B 216 17.68 -26.44 40.04
CA ASN B 216 17.78 -27.84 40.45
C ASN B 216 19.21 -28.12 40.87
N GLY B 217 19.43 -28.27 42.19
CA GLY B 217 20.78 -28.47 42.69
C GLY B 217 21.32 -29.86 42.41
N GLU B 218 20.48 -30.88 42.55
CA GLU B 218 20.96 -32.25 42.36
C GLU B 218 21.14 -32.60 40.89
N LEU B 219 20.41 -31.94 39.99
CA LEU B 219 20.60 -32.18 38.57
C LEU B 219 21.98 -31.72 38.10
N VAL B 220 22.36 -30.49 38.48
CA VAL B 220 23.65 -29.96 38.08
C VAL B 220 24.78 -30.68 38.79
N ARG B 221 24.55 -31.07 40.05
CA ARG B 221 25.59 -31.76 40.81
C ARG B 221 25.89 -33.13 40.22
N ARG B 222 24.90 -33.79 39.62
CA ARG B 222 25.14 -35.06 38.95
C ARG B 222 25.80 -34.87 37.59
N ASP B 223 25.55 -33.73 36.95
CA ASP B 223 26.12 -33.35 35.65
C ASP B 223 25.84 -34.40 34.58
N PRO B 224 24.59 -34.55 34.14
CA PRO B 224 24.30 -35.42 33.00
C PRO B 224 24.56 -34.70 31.69
N VAL B 225 24.59 -35.49 30.62
CA VAL B 225 24.72 -34.90 29.28
C VAL B 225 23.45 -34.17 28.86
N SER B 226 22.33 -34.40 29.57
CA SER B 226 21.10 -33.71 29.22
C SER B 226 21.22 -32.19 29.35
N CYS B 227 22.07 -31.73 30.27
CA CYS B 227 22.34 -30.30 30.37
C CYS B 227 23.08 -29.78 29.14
N LYS B 228 24.04 -30.54 28.64
CA LYS B 228 24.96 -30.03 27.61
C LYS B 228 24.29 -29.97 26.24
N ILE B 229 23.40 -30.91 25.92
CA ILE B 229 22.60 -30.77 24.71
C ILE B 229 21.63 -29.61 24.85
N LEU B 230 21.03 -29.44 26.02
CA LEU B 230 20.14 -28.29 26.24
C LEU B 230 20.92 -26.99 26.21
N HIS B 231 22.14 -26.98 26.77
CA HIS B 231 22.96 -25.78 26.73
C HIS B 231 23.52 -25.53 25.34
N PHE B 232 23.67 -26.59 24.54
CA PHE B 232 24.14 -26.40 23.15
C PHE B 232 23.06 -25.74 22.30
N PHE B 233 21.84 -26.27 22.36
CA PHE B 233 20.74 -25.66 21.61
C PHE B 233 20.38 -24.29 22.16
N HIS B 234 20.70 -24.03 23.43
CA HIS B 234 20.48 -22.70 23.99
C HIS B 234 21.45 -21.69 23.38
N GLN B 235 22.74 -22.05 23.29
CA GLN B 235 23.71 -21.15 22.71
C GLN B 235 23.52 -21.01 21.21
N TYR B 236 23.06 -22.08 20.55
CA TYR B 236 22.83 -22.02 19.12
C TYR B 236 21.64 -21.13 18.79
N MET B 237 20.51 -21.32 19.48
CA MET B 237 19.33 -20.51 19.22
C MET B 237 19.50 -19.07 19.69
N MET B 238 20.34 -18.84 20.69
CA MET B 238 20.65 -17.47 21.09
C MET B 238 21.50 -16.76 20.04
N ALA B 239 22.42 -17.48 19.41
CA ALA B 239 23.22 -16.89 18.35
C ALA B 239 22.38 -16.63 17.10
N CYS B 240 21.46 -17.54 16.77
CA CYS B 240 20.57 -17.32 15.64
C CYS B 240 19.66 -16.12 15.87
N ASN B 241 19.30 -15.86 17.13
CA ASN B 241 18.52 -14.66 17.43
C ASN B 241 19.34 -13.40 17.19
N TYR B 242 20.63 -13.43 17.54
CA TYR B 242 21.48 -12.26 17.34
C TYR B 242 21.84 -12.06 15.88
N PHE B 243 22.02 -13.15 15.13
CA PHE B 243 22.39 -13.05 13.73
C PHE B 243 21.21 -12.83 12.80
N TRP B 244 19.98 -13.03 13.28
CA TRP B 244 18.82 -12.61 12.52
C TRP B 244 18.47 -11.15 12.72
N MET B 245 18.95 -10.54 13.81
CA MET B 245 18.91 -9.09 13.92
C MET B 245 19.83 -8.45 12.90
N LEU B 246 20.94 -9.12 12.56
CA LEU B 246 21.84 -8.60 11.52
C LEU B 246 21.22 -8.74 10.14
N CYS B 247 20.52 -9.85 9.88
CA CYS B 247 19.84 -10.01 8.62
C CYS B 247 18.78 -8.93 8.43
N GLU B 248 18.10 -8.55 9.52
CA GLU B 248 17.16 -7.44 9.43
C GLU B 248 17.88 -6.13 9.17
N GLY B 249 19.06 -5.96 9.75
CA GLY B 249 19.83 -4.75 9.50
C GLY B 249 20.44 -4.71 8.12
N ILE B 250 20.92 -5.86 7.63
CA ILE B 250 21.44 -5.93 6.27
C ILE B 250 20.34 -5.67 5.25
N TYR B 251 19.15 -6.21 5.49
CA TYR B 251 18.05 -6.00 4.54
C TYR B 251 17.56 -4.55 4.59
N LEU B 252 17.55 -3.94 5.78
CA LEU B 252 17.18 -2.53 5.87
C LEU B 252 18.22 -1.63 5.21
N HIS B 253 19.49 -2.00 5.27
CA HIS B 253 20.54 -1.17 4.69
C HIS B 253 20.54 -1.28 3.17
N THR B 254 20.42 -2.50 2.64
CA THR B 254 20.37 -2.72 1.21
C THR B 254 18.99 -2.45 0.62
N LEU B 255 18.12 -1.74 1.34
CA LEU B 255 16.83 -1.32 0.83
C LEU B 255 16.64 0.19 0.84
N ILE B 256 17.31 0.90 1.75
CA ILE B 256 17.17 2.34 1.88
C ILE B 256 18.44 3.06 1.46
N VAL B 257 19.61 2.51 1.80
CA VAL B 257 20.88 3.18 1.52
C VAL B 257 21.49 2.62 0.26
N VAL B 258 21.78 1.32 0.25
CA VAL B 258 22.48 0.66 -0.85
C VAL B 258 21.47 -0.08 -1.71
N ALA B 259 21.64 0.01 -3.03
CA ALA B 259 20.88 -0.76 -4.00
C ALA B 259 19.37 -0.61 -3.77
N VAL B 260 18.90 0.61 -3.95
CA VAL B 260 17.49 0.91 -3.74
C VAL B 260 16.64 0.27 -4.83
N PHE B 261 17.10 0.31 -6.08
CA PHE B 261 16.30 -0.20 -7.19
C PHE B 261 16.28 -1.71 -7.26
N THR B 262 17.23 -2.40 -6.62
CA THR B 262 17.26 -3.85 -6.69
C THR B 262 16.00 -4.46 -6.08
N GLU B 263 15.51 -5.51 -6.73
CA GLU B 263 14.27 -6.18 -6.33
C GLU B 263 14.53 -7.66 -6.16
N LYS B 264 13.85 -8.26 -5.20
CA LYS B 264 13.96 -9.68 -4.87
C LYS B 264 15.40 -10.04 -4.51
N GLN B 265 15.86 -9.46 -3.41
CA GLN B 265 17.09 -9.90 -2.79
C GLN B 265 16.94 -11.36 -2.37
N ARG B 266 17.74 -12.24 -2.97
CA ARG B 266 17.58 -13.67 -2.73
C ARG B 266 17.81 -13.98 -1.26
N LEU B 267 16.81 -14.60 -0.64
CA LEU B 267 16.84 -14.91 0.78
C LEU B 267 17.65 -16.15 1.11
N ARG B 268 18.35 -16.73 0.13
CA ARG B 268 19.16 -17.90 0.40
C ARG B 268 20.33 -17.55 1.33
N TRP B 269 20.98 -16.42 1.10
CA TRP B 269 22.09 -16.01 1.96
C TRP B 269 21.63 -15.52 3.32
N TYR B 270 20.39 -15.03 3.43
CA TYR B 270 19.86 -14.65 4.73
C TYR B 270 19.60 -15.88 5.59
N TYR B 271 19.21 -17.00 4.95
CA TYR B 271 18.99 -18.23 5.70
C TYR B 271 20.30 -18.85 6.17
N LEU B 272 21.36 -18.74 5.37
CA LEU B 272 22.65 -19.26 5.79
C LEU B 272 23.27 -18.40 6.89
N LEU B 273 23.04 -17.09 6.83
CA LEU B 273 23.58 -16.20 7.84
C LEU B 273 22.81 -16.29 9.16
N GLY B 274 21.48 -16.40 9.08
CA GLY B 274 20.66 -16.44 10.26
C GLY B 274 20.57 -17.81 10.91
N TRP B 275 20.24 -18.83 10.10
CA TRP B 275 20.05 -20.18 10.63
C TRP B 275 21.28 -21.05 10.47
N GLY B 276 22.10 -20.82 9.45
CA GLY B 276 23.20 -21.72 9.15
C GLY B 276 24.51 -21.34 9.78
N PHE B 277 24.89 -20.06 9.69
CA PHE B 277 26.18 -19.63 10.21
C PHE B 277 26.33 -19.81 11.73
N PRO B 278 25.32 -19.51 12.58
CA PRO B 278 25.52 -19.67 14.03
C PRO B 278 25.83 -21.09 14.46
N LEU B 279 25.80 -22.04 13.53
CA LEU B 279 26.19 -23.42 13.86
C LEU B 279 27.70 -23.59 13.91
N VAL B 280 28.47 -22.73 13.27
CA VAL B 280 29.92 -22.85 13.22
C VAL B 280 30.53 -22.42 14.55
N PRO B 281 30.21 -21.23 15.09
CA PRO B 281 30.79 -20.88 16.40
C PRO B 281 30.23 -21.70 17.55
N THR B 282 28.99 -22.16 17.43
CA THR B 282 28.40 -22.95 18.52
C THR B 282 29.00 -24.34 18.57
N THR B 283 29.26 -24.95 17.41
CA THR B 283 29.89 -26.26 17.39
C THR B 283 31.33 -26.19 17.89
N ILE B 284 32.08 -25.17 17.46
CA ILE B 284 33.46 -25.02 17.92
C ILE B 284 33.50 -24.75 19.42
N HIS B 285 32.56 -23.95 19.92
CA HIS B 285 32.51 -23.67 21.35
C HIS B 285 32.23 -24.93 22.15
N ALA B 286 31.27 -25.74 21.69
CA ALA B 286 30.93 -26.97 22.43
C ALA B 286 32.07 -27.97 22.40
N ILE B 287 32.86 -27.97 21.32
CA ILE B 287 34.00 -28.89 21.23
C ILE B 287 35.06 -28.52 22.26
N THR B 288 35.50 -27.25 22.25
CA THR B 288 36.53 -26.83 23.17
C THR B 288 36.07 -26.83 24.63
N ARG B 289 34.76 -26.74 24.87
CA ARG B 289 34.25 -26.86 26.24
C ARG B 289 34.34 -28.31 26.71
N ALA B 290 33.97 -29.25 25.85
CA ALA B 290 34.02 -30.66 26.23
C ALA B 290 35.45 -31.17 26.36
N VAL B 291 36.43 -30.44 25.84
CA VAL B 291 37.81 -30.89 25.82
C VAL B 291 38.64 -30.18 26.89
N TYR B 292 38.48 -28.87 27.03
CA TYR B 292 39.36 -28.07 27.87
C TYR B 292 38.68 -27.59 29.15
N PHE B 293 37.54 -26.90 29.04
CA PHE B 293 36.83 -26.35 30.20
C PHE B 293 35.48 -27.04 30.29
N ASN B 294 35.46 -28.20 30.95
CA ASN B 294 34.26 -29.02 31.08
C ASN B 294 33.84 -29.03 32.54
N ASP B 295 32.62 -28.57 32.81
CA ASP B 295 32.12 -28.51 34.17
C ASP B 295 30.65 -28.93 34.26
N ASN B 296 30.03 -28.69 35.42
CA ASN B 296 28.69 -29.19 35.68
C ASN B 296 27.67 -28.41 34.87
N CYS B 297 27.06 -29.08 33.90
CA CYS B 297 25.97 -28.57 33.05
C CYS B 297 26.36 -27.31 32.29
N TRP B 298 27.65 -26.98 32.22
CA TRP B 298 28.14 -25.84 31.45
C TRP B 298 27.49 -24.53 31.87
N LEU B 299 27.30 -24.34 33.18
CA LEU B 299 26.67 -23.12 33.67
C LEU B 299 27.65 -21.99 33.93
N SER B 300 28.94 -22.30 34.02
CA SER B 300 29.93 -21.28 34.34
C SER B 300 30.11 -20.33 33.16
N VAL B 301 30.12 -19.03 33.45
CA VAL B 301 30.24 -18.00 32.42
C VAL B 301 31.61 -17.33 32.46
N GLU B 302 32.51 -17.79 33.33
CA GLU B 302 33.80 -17.14 33.54
C GLU B 302 34.84 -17.48 32.49
N THR B 303 34.69 -18.61 31.79
CA THR B 303 35.69 -19.02 30.82
C THR B 303 35.71 -18.08 29.62
N HIS B 304 36.90 -17.91 29.05
CA HIS B 304 37.06 -17.09 27.86
C HIS B 304 36.72 -17.81 26.56
N LEU B 305 36.28 -19.07 26.65
CA LEU B 305 35.87 -19.81 25.47
C LEU B 305 34.51 -19.38 24.95
N LEU B 306 33.78 -18.56 25.69
CA LEU B 306 32.49 -18.07 25.21
C LEU B 306 32.65 -16.98 24.16
N TYR B 307 33.82 -16.37 24.06
CA TYR B 307 34.08 -15.39 23.01
C TYR B 307 34.10 -16.03 21.63
N ILE B 308 34.12 -17.35 21.54
CA ILE B 308 33.97 -18.02 20.25
C ILE B 308 32.57 -17.77 19.69
N ILE B 309 31.58 -17.71 20.57
CA ILE B 309 30.20 -17.43 20.15
C ILE B 309 29.89 -15.94 20.22
N HIS B 310 30.25 -15.29 21.34
CA HIS B 310 29.88 -13.91 21.59
C HIS B 310 30.90 -12.92 21.08
N GLY B 311 31.95 -13.38 20.41
CA GLY B 311 32.83 -12.50 19.66
C GLY B 311 32.22 -12.16 18.32
N PRO B 312 31.87 -13.17 17.53
CA PRO B 312 31.10 -12.92 16.30
C PRO B 312 29.74 -12.29 16.57
N VAL B 313 29.16 -12.50 17.76
CA VAL B 313 27.86 -11.92 18.05
C VAL B 313 27.96 -10.42 18.30
N MET B 314 28.96 -9.99 19.08
CA MET B 314 29.13 -8.56 19.31
C MET B 314 29.55 -7.84 18.04
N ALA B 315 30.34 -8.49 17.19
CA ALA B 315 30.72 -7.88 15.91
C ALA B 315 29.52 -7.73 14.99
N ALA B 316 28.63 -8.73 14.99
CA ALA B 316 27.43 -8.65 14.15
C ALA B 316 26.48 -7.56 14.64
N LEU B 317 26.53 -7.23 15.93
CA LEU B 317 25.68 -6.16 16.46
C LEU B 317 26.31 -4.79 16.29
N VAL B 318 27.63 -4.72 16.17
CA VAL B 318 28.28 -3.43 15.87
C VAL B 318 28.02 -3.04 14.42
N VAL B 319 28.01 -4.01 13.52
CA VAL B 319 27.64 -3.74 12.14
C VAL B 319 26.20 -3.24 12.05
N ASN B 320 25.32 -3.76 12.92
CA ASN B 320 23.94 -3.27 12.95
C ASN B 320 23.86 -1.86 13.52
N PHE B 321 24.74 -1.51 14.45
CA PHE B 321 24.75 -0.15 14.99
C PHE B 321 25.15 0.86 13.93
N PHE B 322 26.07 0.50 13.03
CA PHE B 322 26.47 1.40 11.96
C PHE B 322 25.47 1.41 10.81
N PHE B 323 24.65 0.36 10.68
CA PHE B 323 23.53 0.42 9.74
C PHE B 323 22.47 1.38 10.24
N LEU B 324 22.27 1.42 11.56
CA LEU B 324 21.31 2.38 12.13
C LEU B 324 21.76 3.81 11.92
N LEU B 325 23.07 4.05 11.97
CA LEU B 325 23.58 5.40 11.76
C LEU B 325 23.35 5.86 10.33
N ASN B 326 23.46 4.95 9.36
CA ASN B 326 23.23 5.31 7.97
C ASN B 326 21.75 5.44 7.66
N ILE B 327 20.90 4.65 8.30
CA ILE B 327 19.47 4.73 8.05
C ILE B 327 18.89 6.03 8.61
N VAL B 328 19.36 6.43 9.80
CA VAL B 328 18.88 7.68 10.37
C VAL B 328 19.46 8.87 9.63
N ARG B 329 20.69 8.76 9.10
CA ARG B 329 21.27 9.85 8.34
C ARG B 329 20.50 10.08 7.04
N VAL B 330 20.13 9.00 6.36
CA VAL B 330 19.30 9.13 5.15
C VAL B 330 17.94 9.69 5.51
N LEU B 331 17.42 9.34 6.69
CA LEU B 331 16.08 9.78 7.08
C LEU B 331 16.05 11.28 7.38
N VAL B 332 17.06 11.79 8.08
CA VAL B 332 17.05 13.22 8.39
C VAL B 332 17.35 14.05 7.15
N THR B 333 18.12 13.49 6.20
CA THR B 333 18.36 14.19 4.94
C THR B 333 17.11 14.29 4.09
N LYS B 334 16.16 13.35 4.24
CA LYS B 334 14.92 13.41 3.48
C LYS B 334 13.94 14.41 4.08
N MET B 335 14.02 14.65 5.39
CA MET B 335 13.17 15.65 6.02
C MET B 335 13.69 17.06 5.79
N ARG B 336 14.99 17.23 5.55
CA ARG B 336 15.51 18.55 5.21
C ARG B 336 15.14 18.95 3.79
N GLU B 337 15.02 17.97 2.89
CA GLU B 337 14.58 18.24 1.53
C GLU B 337 13.09 18.53 1.45
N THR B 338 12.33 18.16 2.47
CA THR B 338 10.91 18.47 2.55
C THR B 338 10.66 19.79 3.27
N HIS B 339 11.70 20.38 3.85
CA HIS B 339 11.59 21.62 4.64
C HIS B 339 10.64 21.43 5.82
N GLU B 340 10.76 20.28 6.47
CA GLU B 340 9.95 19.98 7.65
C GLU B 340 10.45 20.79 8.84
N ALA B 341 9.51 21.11 9.75
CA ALA B 341 9.86 21.84 10.95
C ALA B 341 10.91 21.09 11.75
N GLU B 342 11.89 21.82 12.28
CA GLU B 342 13.00 21.19 12.99
C GLU B 342 12.53 20.50 14.27
N SER B 343 11.43 20.97 14.86
CA SER B 343 10.90 20.32 16.06
C SER B 343 10.31 18.95 15.73
N HIS B 344 9.51 18.88 14.66
CA HIS B 344 8.93 17.61 14.24
C HIS B 344 9.95 16.73 13.51
N MET B 345 11.00 17.32 12.96
CA MET B 345 12.07 16.51 12.38
C MET B 345 12.82 15.74 13.46
N TYR B 346 13.08 16.38 14.60
CA TYR B 346 13.68 15.69 15.73
C TYR B 346 12.70 14.71 16.37
N LEU B 347 11.41 15.01 16.34
CA LEU B 347 10.41 14.12 16.93
C LEU B 347 10.33 12.81 16.17
N LYS B 348 10.44 12.86 14.84
CA LYS B 348 10.35 11.66 14.03
C LYS B 348 11.68 10.95 13.87
N ALA B 349 12.80 11.67 13.99
CA ALA B 349 14.10 11.03 13.96
C ALA B 349 14.37 10.25 15.24
N VAL B 350 13.85 10.71 16.37
CA VAL B 350 13.99 9.97 17.62
C VAL B 350 13.06 8.78 17.64
N LYS B 351 11.83 8.96 17.13
CA LYS B 351 10.88 7.84 17.09
C LYS B 351 11.36 6.74 16.16
N ALA B 352 12.00 7.10 15.03
CA ALA B 352 12.52 6.08 14.13
C ALA B 352 13.71 5.37 14.75
N THR B 353 14.55 6.11 15.49
CA THR B 353 15.68 5.48 16.17
C THR B 353 15.20 4.58 17.30
N MET B 354 14.09 4.92 17.95
CA MET B 354 13.61 4.14 19.08
C MET B 354 12.89 2.86 18.66
N ILE B 355 12.37 2.79 17.43
CA ILE B 355 11.72 1.57 16.97
C ILE B 355 12.67 0.64 16.22
N LEU B 356 13.89 1.10 15.92
CA LEU B 356 14.90 0.25 15.31
C LEU B 356 15.86 -0.35 16.33
N VAL B 357 15.76 0.06 17.60
CA VAL B 357 16.62 -0.47 18.65
C VAL B 357 16.24 -1.92 18.98
N PRO B 358 14.96 -2.25 19.23
CA PRO B 358 14.66 -3.65 19.53
C PRO B 358 14.82 -4.58 18.34
N LEU B 359 14.69 -4.07 17.12
CA LEU B 359 14.80 -4.93 15.94
C LEU B 359 16.26 -5.24 15.60
N LEU B 360 17.15 -4.28 15.79
CA LEU B 360 18.56 -4.46 15.45
C LEU B 360 19.43 -4.82 16.64
N GLY B 361 18.87 -4.84 17.85
CA GLY B 361 19.64 -5.15 19.04
C GLY B 361 20.67 -4.09 19.37
N ILE B 362 20.23 -2.83 19.43
CA ILE B 362 21.15 -1.74 19.74
C ILE B 362 21.44 -1.65 21.22
N GLN B 363 20.55 -2.14 22.08
CA GLN B 363 20.78 -2.08 23.52
C GLN B 363 22.00 -2.88 23.94
N PHE B 364 22.44 -3.84 23.13
CA PHE B 364 23.65 -4.57 23.42
C PHE B 364 24.91 -3.79 23.10
N VAL B 365 24.81 -2.76 22.27
CA VAL B 365 25.98 -2.00 21.81
C VAL B 365 26.13 -0.73 22.64
N VAL B 366 25.02 -0.12 23.02
CA VAL B 366 25.09 1.13 23.77
C VAL B 366 25.46 0.87 25.23
N PHE B 367 25.12 -0.32 25.75
CA PHE B 367 25.52 -0.74 27.09
C PHE B 367 26.19 -2.10 26.99
N PRO B 368 27.41 -2.14 26.44
CA PRO B 368 28.04 -3.45 26.18
C PRO B 368 28.78 -4.03 27.37
N TRP B 369 29.15 -3.18 28.33
CA TRP B 369 29.94 -3.59 29.48
C TRP B 369 29.24 -3.18 30.75
N ARG B 370 29.29 -4.05 31.76
CA ARG B 370 28.64 -3.80 33.04
C ARG B 370 29.54 -2.96 33.93
N PRO B 371 29.02 -1.90 34.54
CA PRO B 371 29.84 -1.08 35.45
C PRO B 371 30.22 -1.87 36.70
N SER B 372 31.22 -1.36 37.41
CA SER B 372 31.73 -1.98 38.62
C SER B 372 31.09 -1.42 39.88
N ASN B 373 30.59 -0.18 39.84
CA ASN B 373 29.94 0.41 41.00
C ASN B 373 28.72 -0.41 41.40
N LYS B 374 28.50 -0.53 42.71
CA LYS B 374 27.37 -1.31 43.21
C LYS B 374 26.04 -0.68 42.81
N MET B 375 25.93 0.64 42.90
CA MET B 375 24.69 1.31 42.55
C MET B 375 24.48 1.31 41.04
N LEU B 376 25.50 1.73 40.28
CA LEU B 376 25.38 1.76 38.83
C LEU B 376 25.26 0.35 38.25
N GLY B 377 25.97 -0.62 38.82
CA GLY B 377 25.85 -1.98 38.36
C GLY B 377 24.48 -2.57 38.60
N LYS B 378 23.81 -2.11 39.67
CA LYS B 378 22.48 -2.63 39.97
C LYS B 378 21.45 -2.13 38.97
N ILE B 379 21.51 -0.84 38.60
CA ILE B 379 20.58 -0.33 37.60
C ILE B 379 20.88 -0.93 36.23
N TYR B 380 22.15 -1.20 35.93
CA TYR B 380 22.51 -1.83 34.67
C TYR B 380 21.82 -3.18 34.53
N ASP B 381 21.80 -3.97 35.61
CA ASP B 381 21.17 -5.28 35.56
C ASP B 381 19.67 -5.16 35.31
N TYR B 382 19.02 -4.17 35.93
CA TYR B 382 17.58 -4.01 35.74
C TYR B 382 17.25 -3.45 34.36
N VAL B 383 18.06 -2.51 33.87
CA VAL B 383 17.79 -1.92 32.57
C VAL B 383 18.06 -2.93 31.45
N MET B 384 19.15 -3.70 31.57
CA MET B 384 19.51 -4.62 30.52
C MET B 384 18.61 -5.84 30.49
N HIS B 385 18.26 -6.39 31.66
CA HIS B 385 17.36 -7.53 31.69
C HIS B 385 15.97 -7.17 31.18
N SER B 386 15.57 -5.91 31.32
CA SER B 386 14.28 -5.49 30.79
C SER B 386 14.33 -5.30 29.28
N LEU B 387 15.45 -4.80 28.75
CA LEU B 387 15.56 -4.58 27.31
C LEU B 387 15.87 -5.86 26.55
N ILE B 388 16.34 -6.91 27.23
CA ILE B 388 16.72 -8.15 26.58
C ILE B 388 15.60 -9.19 26.66
N HIS B 389 15.03 -9.38 27.85
CA HIS B 389 13.99 -10.38 28.01
C HIS B 389 12.67 -9.95 27.41
N PHE B 390 12.38 -8.65 27.43
CA PHE B 390 11.19 -8.10 26.79
C PHE B 390 11.44 -7.65 25.36
N GLN B 391 12.56 -8.05 24.76
CA GLN B 391 12.86 -7.60 23.41
C GLN B 391 11.91 -8.22 22.39
N GLY B 392 11.64 -9.52 22.52
CA GLY B 392 10.68 -10.15 21.63
C GLY B 392 9.28 -9.57 21.75
N PHE B 393 8.95 -9.04 22.92
CA PHE B 393 7.65 -8.40 23.10
C PHE B 393 7.63 -7.02 22.45
N PHE B 394 8.76 -6.30 22.49
CA PHE B 394 8.83 -4.98 21.87
C PHE B 394 8.76 -5.09 20.35
N VAL B 395 9.46 -6.06 19.77
CA VAL B 395 9.46 -6.22 18.31
C VAL B 395 8.08 -6.65 17.81
N ALA B 396 7.43 -7.55 18.56
CA ALA B 396 6.10 -8.01 18.14
C ALA B 396 5.06 -6.90 18.25
N THR B 397 5.23 -5.97 19.20
CA THR B 397 4.28 -4.87 19.35
C THR B 397 4.54 -3.77 18.32
N ILE B 398 5.81 -3.47 18.04
CA ILE B 398 6.14 -2.35 17.17
C ILE B 398 5.88 -2.71 15.71
N TYR B 399 6.35 -3.88 15.27
CA TYR B 399 6.36 -4.22 13.87
C TYR B 399 5.15 -5.04 13.41
N CYS B 400 4.35 -5.56 14.34
CA CYS B 400 3.13 -6.26 13.98
C CYS B 400 1.88 -5.58 14.52
N PHE B 401 1.83 -5.29 15.82
CA PHE B 401 0.61 -4.73 16.41
C PHE B 401 0.47 -3.25 16.09
N CYS B 402 1.51 -2.45 16.36
CA CYS B 402 1.47 -1.02 16.11
C CYS B 402 1.78 -0.66 14.65
N ASN B 403 1.81 -1.64 13.76
CA ASN B 403 2.03 -1.38 12.35
C ASN B 403 0.71 -0.99 11.70
N ASN B 404 0.71 0.16 11.00
CA ASN B 404 -0.54 0.67 10.44
C ASN B 404 -1.09 -0.27 9.37
N GLU B 405 -0.25 -0.69 8.42
CA GLU B 405 -0.72 -1.55 7.34
C GLU B 405 -1.16 -2.93 7.83
N VAL B 406 -0.86 -3.29 9.08
CA VAL B 406 -1.38 -4.52 9.66
C VAL B 406 -2.70 -4.27 10.38
N GLN B 407 -2.85 -3.09 10.99
CA GLN B 407 -4.10 -2.76 11.66
C GLN B 407 -5.25 -2.64 10.66
N THR B 408 -4.99 -2.03 9.50
CA THR B 408 -6.06 -1.87 8.51
C THR B 408 -6.51 -3.20 7.93
N THR B 409 -5.57 -4.10 7.63
CA THR B 409 -5.94 -5.40 7.09
C THR B 409 -6.55 -6.31 8.15
N VAL B 410 -6.30 -6.05 9.43
CA VAL B 410 -6.95 -6.80 10.50
C VAL B 410 -8.34 -6.22 10.78
N LYS B 411 -8.44 -4.90 10.87
CA LYS B 411 -9.73 -4.26 11.09
C LYS B 411 -10.69 -4.57 9.94
N ARG B 412 -10.17 -4.57 8.70
CA ARG B 412 -11.00 -4.90 7.56
C ARG B 412 -11.47 -6.35 7.61
N GLN B 413 -10.55 -7.27 7.89
CA GLN B 413 -10.91 -8.68 7.97
C GLN B 413 -11.82 -8.96 9.16
N TRP B 414 -11.73 -8.15 10.22
CA TRP B 414 -12.64 -8.29 11.34
C TRP B 414 -13.98 -7.62 11.07
N ALA B 415 -14.00 -6.56 10.26
CA ALA B 415 -15.26 -5.94 9.88
C ALA B 415 -16.08 -6.87 9.00
N GLN B 416 -15.43 -7.75 8.24
CA GLN B 416 -16.16 -8.75 7.45
C GLN B 416 -16.85 -9.75 8.36
N PHE B 417 -16.14 -10.28 9.34
CA PHE B 417 -16.68 -11.27 10.26
C PHE B 417 -17.12 -10.63 11.57
N ASP C 11 -9.93 -42.84 -14.24
CA ASP C 11 -10.41 -42.42 -15.55
C ASP C 11 -10.12 -40.94 -15.79
N GLN C 12 -10.53 -40.10 -14.85
CA GLN C 12 -10.30 -38.66 -14.94
C GLN C 12 -9.00 -38.23 -14.28
N ARG C 13 -8.24 -39.16 -13.71
CA ARG C 13 -6.93 -38.82 -13.16
C ARG C 13 -5.91 -38.50 -14.24
N ASN C 14 -6.17 -38.93 -15.48
CA ASN C 14 -5.28 -38.56 -16.59
C ASN C 14 -5.39 -37.08 -16.91
N GLU C 15 -6.59 -36.50 -16.78
CA GLU C 15 -6.77 -35.09 -17.07
C GLU C 15 -6.39 -34.22 -15.88
N GLU C 16 -6.72 -34.65 -14.66
CA GLU C 16 -6.40 -33.86 -13.47
C GLU C 16 -4.89 -33.83 -13.19
N LYS C 17 -4.14 -34.79 -13.72
CA LYS C 17 -2.69 -34.77 -13.60
C LYS C 17 -2.04 -33.95 -14.73
N ALA C 18 -2.53 -34.12 -15.96
CA ALA C 18 -2.02 -33.32 -17.07
C ALA C 18 -2.37 -31.85 -16.91
N GLN C 19 -3.45 -31.53 -16.20
CA GLN C 19 -3.78 -30.13 -15.94
C GLN C 19 -2.91 -29.54 -14.84
N ARG C 20 -2.50 -30.36 -13.88
CA ARG C 20 -1.59 -29.90 -12.84
C ARG C 20 -0.16 -29.76 -13.34
N GLU C 21 0.21 -30.50 -14.39
CA GLU C 21 1.53 -30.35 -14.97
C GLU C 21 1.65 -29.03 -15.74
N ALA C 22 0.66 -28.73 -16.58
CA ALA C 22 0.68 -27.48 -17.33
C ALA C 22 0.53 -26.28 -16.40
N ASN C 23 -0.17 -26.44 -15.28
CA ASN C 23 -0.29 -25.35 -14.31
C ASN C 23 1.07 -25.01 -13.70
N LYS C 24 1.88 -26.03 -13.41
CA LYS C 24 3.21 -25.77 -12.87
C LYS C 24 4.12 -25.16 -13.92
N LYS C 25 3.96 -25.55 -15.18
CA LYS C 25 4.71 -24.91 -16.26
C LYS C 25 4.31 -23.44 -16.39
N ILE C 26 3.04 -23.13 -16.18
CA ILE C 26 2.60 -21.73 -16.20
C ILE C 26 3.17 -20.98 -15.02
N GLU C 27 3.17 -21.62 -13.83
CA GLU C 27 3.61 -20.92 -12.63
C GLU C 27 5.10 -20.65 -12.64
N LYS C 28 5.90 -21.55 -13.22
CA LYS C 28 7.34 -21.31 -13.31
C LYS C 28 7.64 -20.18 -14.29
N GLN C 29 6.78 -20.00 -15.29
CA GLN C 29 6.95 -18.87 -16.20
C GLN C 29 6.50 -17.57 -15.57
N LEU C 30 5.44 -17.62 -14.74
CA LEU C 30 4.97 -16.42 -14.07
C LEU C 30 5.99 -15.90 -13.06
N GLN C 31 6.80 -16.79 -12.50
CA GLN C 31 7.86 -16.35 -11.60
C GLN C 31 9.00 -15.68 -12.35
N LYS C 32 9.24 -16.09 -13.60
CA LYS C 32 10.19 -15.37 -14.44
C LYS C 32 9.63 -14.02 -14.88
N ASP C 33 8.31 -13.93 -15.04
CA ASP C 33 7.68 -12.65 -15.35
C ASP C 33 7.66 -11.73 -14.14
N LYS C 34 7.48 -12.31 -12.94
CA LYS C 34 7.48 -11.51 -11.73
C LYS C 34 8.85 -10.89 -11.48
N GLN C 35 9.92 -11.56 -11.89
CA GLN C 35 11.25 -10.99 -11.76
C GLN C 35 11.44 -9.82 -12.72
N VAL C 36 10.93 -9.95 -13.95
CA VAL C 36 11.10 -8.89 -14.94
C VAL C 36 10.14 -7.74 -14.66
N TYR C 37 8.90 -8.05 -14.29
CA TYR C 37 7.89 -7.01 -14.07
C TYR C 37 8.25 -6.13 -12.87
N ARG C 38 8.78 -6.73 -11.81
CA ARG C 38 9.11 -5.96 -10.61
C ARG C 38 10.47 -5.27 -10.71
N ALA C 39 11.30 -5.66 -11.68
CA ALA C 39 12.59 -5.01 -11.85
C ALA C 39 12.49 -3.70 -12.62
N THR C 40 11.57 -3.62 -13.58
CA THR C 40 11.40 -2.41 -14.38
C THR C 40 10.46 -1.44 -13.68
N HIS C 41 10.69 -0.16 -13.91
CA HIS C 41 9.90 0.91 -13.31
C HIS C 41 9.11 1.60 -14.40
N ARG C 42 7.79 1.65 -14.23
CA ARG C 42 6.90 2.24 -15.22
C ARG C 42 6.71 3.72 -14.95
N LEU C 43 6.71 4.52 -16.02
CA LEU C 43 6.57 5.96 -15.92
C LEU C 43 5.49 6.43 -16.88
N LEU C 44 4.67 7.37 -16.42
CA LEU C 44 3.66 8.00 -17.24
C LEU C 44 4.14 9.36 -17.68
N LEU C 45 4.25 9.56 -18.99
CA LEU C 45 4.65 10.84 -19.56
C LEU C 45 3.39 11.62 -19.92
N LEU C 46 3.19 12.76 -19.25
CA LEU C 46 2.01 13.58 -19.43
C LEU C 46 2.43 15.00 -19.80
N GLY C 47 1.88 15.51 -20.89
CA GLY C 47 2.22 16.85 -21.34
C GLY C 47 1.21 17.36 -22.34
N ALA C 48 1.11 18.68 -22.44
CA ALA C 48 0.18 19.31 -23.36
C ALA C 48 0.78 19.34 -24.77
N GLY C 49 0.15 20.07 -25.67
CA GLY C 49 0.62 20.17 -27.04
C GLY C 49 1.78 21.14 -27.20
N GLU C 50 1.66 22.32 -26.59
CA GLU C 50 2.73 23.31 -26.70
C GLU C 50 3.99 22.88 -25.95
N SER C 51 3.82 22.10 -24.88
CA SER C 51 4.97 21.63 -24.12
C SER C 51 5.81 20.67 -24.96
N GLY C 52 7.13 20.73 -24.77
CA GLY C 52 8.04 19.84 -25.47
C GLY C 52 8.04 18.45 -24.89
N LYS C 53 6.90 17.76 -24.94
CA LYS C 53 6.80 16.42 -24.38
C LYS C 53 7.61 15.43 -25.20
N ASN C 54 7.59 15.55 -26.53
CA ASN C 54 8.35 14.64 -27.37
C ASN C 54 9.84 14.90 -27.26
N THR C 55 10.24 16.13 -26.91
CA THR C 55 11.65 16.42 -26.69
C THR C 55 12.21 15.69 -25.48
N ILE C 56 11.36 15.36 -24.50
CA ILE C 56 11.81 14.56 -23.37
C ILE C 56 12.09 13.13 -23.80
N VAL C 57 11.35 12.63 -24.80
CA VAL C 57 11.61 11.29 -25.32
C VAL C 57 12.95 11.23 -26.04
N LYS C 58 13.43 12.38 -26.54
CA LYS C 58 14.74 12.42 -27.19
C LYS C 58 15.84 11.96 -26.24
N GLN C 59 15.68 12.23 -24.95
CA GLN C 59 16.70 11.88 -23.96
C GLN C 59 16.32 10.61 -23.23
N THR C 204 -3.25 5.19 -35.69
CA THR C 204 -1.94 5.21 -35.05
C THR C 204 -1.97 4.51 -33.70
N SER C 205 -0.83 4.47 -33.02
CA SER C 205 -0.74 3.80 -31.74
C SER C 205 -1.52 4.56 -30.67
N GLY C 206 -2.31 3.84 -29.89
CA GLY C 206 -3.02 4.43 -28.77
C GLY C 206 -2.17 4.71 -27.56
N ILE C 207 -0.92 4.23 -27.56
CA ILE C 207 0.03 4.53 -26.50
C ILE C 207 1.42 4.22 -27.03
N PHE C 208 2.39 5.07 -26.68
CA PHE C 208 3.76 4.94 -27.15
C PHE C 208 4.65 4.51 -26.00
N GLU C 209 5.41 3.45 -26.22
CA GLU C 209 6.29 2.88 -25.20
C GLU C 209 7.73 3.10 -25.58
N THR C 210 8.51 3.67 -24.66
CA THR C 210 9.93 3.88 -24.83
C THR C 210 10.67 3.26 -23.65
N LYS C 211 11.69 2.47 -23.95
CA LYS C 211 12.46 1.75 -22.93
C LYS C 211 13.89 2.27 -22.91
N PHE C 212 14.33 2.74 -21.74
CA PHE C 212 15.69 3.17 -21.54
C PHE C 212 16.21 2.60 -20.22
N GLN C 213 17.53 2.63 -20.07
CA GLN C 213 18.20 2.05 -18.91
C GLN C 213 19.21 3.06 -18.37
N VAL C 214 19.14 3.31 -17.06
CA VAL C 214 20.07 4.22 -16.38
C VAL C 214 20.68 3.45 -15.22
N ASP C 215 21.99 3.17 -15.32
CA ASP C 215 22.73 2.45 -14.27
C ASP C 215 22.12 1.08 -14.01
N LYS C 216 21.95 0.30 -15.08
CA LYS C 216 21.44 -1.07 -15.05
C LYS C 216 20.00 -1.17 -14.56
N VAL C 217 19.32 -0.05 -14.36
CA VAL C 217 17.93 -0.04 -13.93
C VAL C 217 17.05 0.23 -15.14
N ASN C 218 16.03 -0.60 -15.33
CA ASN C 218 15.15 -0.50 -16.49
C ASN C 218 13.99 0.45 -16.19
N PHE C 219 13.70 1.33 -17.15
CA PHE C 219 12.61 2.29 -17.04
C PHE C 219 11.73 2.16 -18.27
N HIS C 220 10.43 1.96 -18.06
CA HIS C 220 9.45 1.84 -19.14
C HIS C 220 8.53 3.05 -19.09
N MET C 221 8.78 4.04 -19.94
CA MET C 221 7.99 5.25 -19.99
C MET C 221 6.93 5.13 -21.08
N PHE C 222 5.71 5.57 -20.75
CA PHE C 222 4.56 5.42 -21.62
C PHE C 222 3.99 6.79 -21.97
N ASP C 223 3.88 7.07 -23.27
CA ASP C 223 3.27 8.31 -23.76
C ASP C 223 1.86 8.00 -24.22
N VAL C 224 0.89 8.76 -23.72
CA VAL C 224 -0.53 8.54 -24.04
C VAL C 224 -0.83 9.37 -25.28
N GLY C 225 -0.73 8.72 -26.44
CA GLY C 225 -1.07 9.35 -27.70
C GLY C 225 -2.38 8.80 -28.26
N ALA C 226 -2.95 9.54 -29.21
CA ALA C 226 -4.18 9.14 -29.90
C ALA C 226 -5.31 8.89 -28.91
N GLN C 227 -5.44 9.77 -27.92
CA GLN C 227 -6.52 9.72 -26.95
C GLN C 227 -7.17 11.10 -26.85
N ARG C 228 -8.44 11.10 -26.45
CA ARG C 228 -9.17 12.34 -26.30
C ARG C 228 -8.71 13.09 -25.04
N ASP C 229 -9.04 14.38 -24.99
CA ASP C 229 -8.63 15.22 -23.87
C ASP C 229 -9.40 14.94 -22.59
N GLU C 230 -10.32 13.98 -22.60
CA GLU C 230 -11.03 13.55 -21.40
C GLU C 230 -10.24 12.41 -20.77
N ARG C 231 -9.46 12.73 -19.74
CA ARG C 231 -8.50 11.81 -19.16
C ARG C 231 -9.02 11.10 -17.91
N ARG C 232 -10.17 11.51 -17.38
CA ARG C 232 -10.62 11.06 -16.07
C ARG C 232 -10.84 9.55 -15.98
N LYS C 233 -10.93 8.85 -17.11
CA LYS C 233 -11.19 7.41 -17.10
C LYS C 233 -9.93 6.58 -17.31
N TRP C 234 -9.10 6.94 -18.29
CA TRP C 234 -7.89 6.16 -18.55
C TRP C 234 -6.71 6.59 -17.71
N ILE C 235 -6.79 7.71 -17.00
CA ILE C 235 -5.71 8.10 -16.10
C ILE C 235 -5.68 7.19 -14.86
N GLN C 236 -6.78 6.51 -14.56
CA GLN C 236 -6.81 5.61 -13.41
C GLN C 236 -5.98 4.36 -13.63
N CYS C 237 -5.61 4.06 -14.88
CA CYS C 237 -4.77 2.90 -15.14
C CYS C 237 -3.36 3.11 -14.62
N PHE C 238 -2.88 4.35 -14.60
CA PHE C 238 -1.54 4.67 -14.13
C PHE C 238 -1.53 5.05 -12.65
N ASN C 239 -2.12 4.21 -11.81
CA ASN C 239 -2.14 4.45 -10.37
C ASN C 239 -1.06 3.68 -9.63
N ASP C 240 -0.33 2.81 -10.32
CA ASP C 240 0.76 2.04 -9.70
C ASP C 240 2.11 2.32 -10.35
N VAL C 241 2.20 3.33 -11.22
CA VAL C 241 3.48 3.70 -11.79
C VAL C 241 4.36 4.33 -10.71
N THR C 242 5.67 4.32 -10.97
CA THR C 242 6.61 4.91 -10.02
C THR C 242 6.39 6.41 -9.89
N ALA C 243 6.26 7.10 -11.02
CA ALA C 243 6.04 8.54 -11.01
C ALA C 243 5.33 8.94 -12.30
N ILE C 244 4.67 10.09 -12.25
CA ILE C 244 4.03 10.68 -13.41
C ILE C 244 4.88 11.86 -13.86
N ILE C 245 5.40 11.78 -15.08
CA ILE C 245 6.19 12.86 -15.64
C ILE C 245 5.25 13.92 -16.18
N PHE C 246 5.29 15.12 -15.61
CA PHE C 246 4.43 16.23 -15.98
C PHE C 246 5.29 17.28 -16.67
N VAL C 247 5.06 17.48 -17.97
CA VAL C 247 5.83 18.42 -18.78
C VAL C 247 4.98 19.66 -19.01
N VAL C 248 5.48 20.81 -18.57
CA VAL C 248 4.76 22.07 -18.67
C VAL C 248 5.56 23.03 -19.55
N ALA C 249 4.84 23.87 -20.27
CA ALA C 249 5.44 24.91 -21.11
C ALA C 249 5.28 26.25 -20.41
N SER C 250 6.40 26.96 -20.23
CA SER C 250 6.39 28.26 -19.56
C SER C 250 6.73 29.38 -20.53
N ASN C 264 -4.22 30.90 -22.12
CA ASN C 264 -3.47 30.73 -20.89
C ASN C 264 -3.14 29.26 -20.66
N ARG C 265 -2.11 28.76 -21.36
CA ARG C 265 -1.72 27.37 -21.21
C ARG C 265 -1.10 27.08 -19.84
N LEU C 266 -0.58 28.10 -19.16
CA LEU C 266 0.01 27.88 -17.84
C LEU C 266 -1.07 27.64 -16.79
N GLN C 267 -2.18 28.37 -16.87
CA GLN C 267 -3.28 28.15 -15.93
C GLN C 267 -3.96 26.81 -16.17
N ALA C 268 -4.06 26.38 -17.44
CA ALA C 268 -4.64 25.09 -17.73
C ALA C 268 -3.77 23.95 -17.20
N ALA C 269 -2.46 24.13 -17.19
CA ALA C 269 -1.57 23.12 -16.61
C ALA C 269 -1.65 23.10 -15.10
N LEU C 270 -1.88 24.25 -14.47
CA LEU C 270 -2.05 24.29 -13.02
C LEU C 270 -3.33 23.57 -12.59
N LYS C 271 -4.37 23.63 -13.41
CA LYS C 271 -5.61 22.91 -13.09
C LYS C 271 -5.49 21.42 -13.36
N LEU C 272 -4.70 21.03 -14.37
CA LEU C 272 -4.49 19.62 -14.64
C LEU C 272 -3.65 18.97 -13.56
N PHE C 273 -2.59 19.66 -13.11
CA PHE C 273 -1.80 19.14 -12.01
C PHE C 273 -2.60 19.07 -10.71
N ASP C 274 -3.54 20.00 -10.54
CA ASP C 274 -4.39 19.98 -9.34
C ASP C 274 -5.34 18.78 -9.36
N SER C 275 -5.82 18.40 -10.54
CA SER C 275 -6.72 17.25 -10.64
C SER C 275 -5.97 15.93 -10.49
N ILE C 276 -4.75 15.85 -11.02
CA ILE C 276 -3.94 14.66 -10.84
C ILE C 276 -3.54 14.49 -9.38
N TRP C 277 -3.18 15.61 -8.73
CA TRP C 277 -2.69 15.55 -7.36
C TRP C 277 -3.77 15.11 -6.39
N ASN C 278 -5.00 15.54 -6.60
CA ASN C 278 -6.09 15.30 -5.66
C ASN C 278 -7.02 14.18 -6.09
N ASN C 279 -6.65 13.42 -7.13
CA ASN C 279 -7.44 12.26 -7.49
C ASN C 279 -7.29 11.17 -6.44
N LYS C 280 -8.39 10.48 -6.14
CA LYS C 280 -8.38 9.49 -5.08
C LYS C 280 -7.57 8.25 -5.43
N TRP C 281 -7.30 8.02 -6.71
CA TRP C 281 -6.50 6.89 -7.13
C TRP C 281 -5.05 7.25 -7.44
N LEU C 282 -4.77 8.55 -7.58
CA LEU C 282 -3.42 9.02 -7.88
C LEU C 282 -2.82 9.80 -6.70
N ARG C 283 -3.37 9.63 -5.50
CA ARG C 283 -2.90 10.34 -4.33
C ARG C 283 -1.70 9.66 -3.67
N ASP C 284 -1.32 8.47 -4.13
CA ASP C 284 -0.09 7.82 -3.71
C ASP C 284 0.95 7.81 -4.82
N THR C 285 0.65 8.42 -5.96
CA THR C 285 1.56 8.45 -7.09
C THR C 285 2.31 9.78 -7.10
N SER C 286 3.64 9.70 -7.12
CA SER C 286 4.46 10.91 -7.17
C SER C 286 4.45 11.50 -8.56
N VAL C 287 4.80 12.79 -8.64
CA VAL C 287 4.78 13.53 -9.89
C VAL C 287 6.13 14.21 -10.07
N ILE C 288 6.76 13.96 -11.22
CA ILE C 288 7.99 14.65 -11.61
C ILE C 288 7.62 15.76 -12.58
N LEU C 289 7.99 16.99 -12.25
CA LEU C 289 7.57 18.17 -13.01
C LEU C 289 8.74 18.67 -13.86
N PHE C 290 8.45 18.98 -15.12
CA PHE C 290 9.45 19.51 -16.04
C PHE C 290 8.88 20.75 -16.70
N LEU C 291 9.51 21.90 -16.45
CA LEU C 291 9.19 23.15 -17.13
C LEU C 291 10.14 23.28 -18.31
N ASN C 292 9.69 22.86 -19.49
CA ASN C 292 10.56 22.61 -20.62
C ASN C 292 10.78 23.83 -21.52
N LYS C 293 10.22 24.98 -21.17
CA LYS C 293 10.36 26.19 -21.99
C LYS C 293 11.14 27.28 -21.27
N GLN C 294 12.22 26.90 -20.58
CA GLN C 294 13.03 27.87 -19.88
C GLN C 294 13.78 28.78 -20.83
N ASP C 295 14.21 28.26 -21.98
CA ASP C 295 14.90 29.10 -22.97
C ASP C 295 13.91 30.06 -23.62
N LEU C 296 12.70 29.60 -23.92
CA LEU C 296 11.69 30.48 -24.48
C LEU C 296 11.23 31.51 -23.46
N LEU C 297 11.10 31.10 -22.20
CA LEU C 297 10.72 32.04 -21.15
C LEU C 297 11.79 33.10 -20.93
N ALA C 298 13.07 32.74 -21.10
CA ALA C 298 14.15 33.68 -20.88
C ALA C 298 14.17 34.80 -21.92
N GLU C 299 13.49 34.62 -23.06
CA GLU C 299 13.48 35.67 -24.08
C GLU C 299 12.32 36.64 -23.88
N LYS C 300 11.17 36.14 -23.44
CA LYS C 300 9.98 36.98 -23.31
C LYS C 300 9.90 37.71 -21.98
N VAL C 301 10.54 37.20 -20.93
CA VAL C 301 10.46 37.84 -19.62
C VAL C 301 11.16 39.20 -19.64
N LEU C 302 12.41 39.21 -20.09
CA LEU C 302 13.14 40.48 -20.17
C LEU C 302 12.58 41.40 -21.25
N ALA C 303 11.84 40.85 -22.20
CA ALA C 303 11.20 41.67 -23.24
C ALA C 303 9.85 42.17 -22.71
N GLY C 304 9.04 42.73 -23.60
CA GLY C 304 7.75 43.25 -23.20
C GLY C 304 6.58 42.40 -23.65
N LYS C 305 6.78 41.09 -23.73
CA LYS C 305 5.74 40.16 -24.14
C LYS C 305 5.75 38.91 -23.27
N SER C 306 6.08 39.08 -21.99
CA SER C 306 6.13 37.94 -21.08
C SER C 306 4.74 37.39 -20.79
N LYS C 307 3.74 38.27 -20.66
CA LYS C 307 2.35 37.92 -20.39
C LYS C 307 2.17 37.17 -19.07
N ILE C 308 3.16 37.20 -18.18
CA ILE C 308 3.04 36.53 -16.89
C ILE C 308 2.46 37.42 -15.81
N GLU C 309 2.38 38.74 -16.05
CA GLU C 309 1.82 39.65 -15.06
C GLU C 309 0.32 39.84 -15.22
N ASP C 310 -0.21 39.74 -16.44
CA ASP C 310 -1.64 39.86 -16.65
C ASP C 310 -2.36 38.56 -16.30
N TYR C 311 -1.77 37.42 -16.65
CA TYR C 311 -2.35 36.13 -16.31
C TYR C 311 -2.24 35.83 -14.81
N PHE C 312 -1.30 36.47 -14.12
CA PHE C 312 -1.12 36.26 -12.69
C PHE C 312 -0.83 37.62 -12.04
N PRO C 313 -1.83 38.24 -11.42
CA PRO C 313 -1.60 39.56 -10.80
C PRO C 313 -0.75 39.50 -9.55
N GLU C 314 -0.68 38.36 -8.88
CA GLU C 314 0.13 38.22 -7.68
C GLU C 314 1.62 38.07 -7.98
N PHE C 315 2.03 38.24 -9.23
CA PHE C 315 3.45 38.16 -9.58
C PHE C 315 4.19 39.43 -9.21
N ALA C 316 3.51 40.59 -9.24
CA ALA C 316 4.15 41.84 -8.84
C ALA C 316 4.46 41.86 -7.36
N ARG C 317 3.74 41.07 -6.56
CA ARG C 317 3.99 40.95 -5.13
C ARG C 317 5.00 39.86 -4.80
N TYR C 318 5.52 39.17 -5.81
CA TYR C 318 6.40 38.03 -5.60
C TYR C 318 7.87 38.45 -5.64
N THR C 319 8.67 37.83 -4.78
CA THR C 319 10.11 38.02 -4.77
C THR C 319 10.80 36.67 -4.89
N THR C 320 12.04 36.70 -5.40
CA THR C 320 12.81 35.48 -5.54
C THR C 320 13.06 34.84 -4.18
N PRO C 321 12.78 33.55 -4.01
CA PRO C 321 12.98 32.91 -2.70
C PRO C 321 14.45 32.87 -2.31
N GLU C 322 14.68 32.61 -1.03
CA GLU C 322 16.05 32.51 -0.52
C GLU C 322 16.70 31.19 -0.93
N ASP C 323 15.90 30.15 -1.18
CA ASP C 323 16.41 28.84 -1.59
C ASP C 323 16.67 28.75 -3.08
N ALA C 324 16.60 29.86 -3.81
CA ALA C 324 16.76 29.82 -5.25
C ALA C 324 18.22 29.62 -5.64
N THR C 325 18.43 28.93 -6.76
CA THR C 325 19.76 28.69 -7.31
C THR C 325 19.86 29.42 -8.64
N PRO C 326 20.25 30.70 -8.64
CA PRO C 326 20.36 31.45 -9.91
C PRO C 326 21.63 31.08 -10.65
N GLU C 327 21.48 30.66 -11.90
CA GLU C 327 22.64 30.37 -12.73
C GLU C 327 23.28 31.67 -13.20
N PRO C 328 24.60 31.67 -13.39
CA PRO C 328 25.29 32.90 -13.84
C PRO C 328 24.94 33.35 -15.25
N GLY C 329 24.04 32.66 -15.93
CA GLY C 329 23.70 33.02 -17.29
C GLY C 329 22.26 33.45 -17.47
N GLU C 330 21.53 33.64 -16.38
CA GLU C 330 20.14 34.05 -16.42
C GLU C 330 19.96 35.35 -15.64
N ASP C 331 19.09 36.21 -16.17
CA ASP C 331 18.82 37.49 -15.54
C ASP C 331 18.00 37.28 -14.26
N PRO C 332 18.05 38.24 -13.33
CA PRO C 332 17.28 38.09 -12.08
C PRO C 332 15.77 38.09 -12.29
N ARG C 333 15.28 38.54 -13.45
CA ARG C 333 13.84 38.53 -13.69
C ARG C 333 13.34 37.14 -14.06
N VAL C 334 14.09 36.43 -14.90
CA VAL C 334 13.73 35.05 -15.24
C VAL C 334 13.86 34.16 -14.02
N THR C 335 14.86 34.41 -13.16
CA THR C 335 14.96 33.66 -11.91
C THR C 335 13.73 33.89 -11.05
N ARG C 336 13.23 35.13 -11.01
CA ARG C 336 11.99 35.41 -10.29
C ARG C 336 10.79 34.84 -11.01
N ALA C 337 10.83 34.80 -12.35
CA ALA C 337 9.69 34.33 -13.12
C ALA C 337 9.57 32.82 -13.07
N LYS C 338 10.68 32.10 -13.23
CA LYS C 338 10.63 30.65 -13.26
C LYS C 338 10.43 30.06 -11.87
N TYR C 339 10.85 30.77 -10.83
CA TYR C 339 10.59 30.33 -9.46
C TYR C 339 9.19 30.70 -9.00
N PHE C 340 8.53 31.64 -9.67
CA PHE C 340 7.12 31.92 -9.38
C PHE C 340 6.21 30.85 -9.97
N ILE C 341 6.53 30.37 -11.17
CA ILE C 341 5.77 29.28 -11.76
C ILE C 341 5.96 28.00 -10.97
N ARG C 342 7.18 27.77 -10.48
CA ARG C 342 7.44 26.61 -9.64
C ARG C 342 6.68 26.68 -8.32
N ASP C 343 6.52 27.88 -7.77
CA ASP C 343 5.78 28.03 -6.52
C ASP C 343 4.29 27.84 -6.74
N GLU C 344 3.79 28.06 -7.96
CA GLU C 344 2.39 27.79 -8.25
C GLU C 344 2.09 26.30 -8.18
N PHE C 345 3.01 25.47 -8.71
CA PHE C 345 2.82 24.03 -8.65
C PHE C 345 3.09 23.47 -7.26
N LEU C 346 4.04 24.06 -6.53
CA LEU C 346 4.33 23.63 -5.17
C LEU C 346 3.23 24.04 -4.19
N ARG C 347 2.43 25.06 -4.54
CA ARG C 347 1.31 25.44 -3.69
C ARG C 347 0.24 24.36 -3.67
N ILE C 348 0.04 23.68 -4.79
CA ILE C 348 -0.92 22.59 -4.85
C ILE C 348 -0.35 21.34 -4.17
N SER C 349 0.96 21.11 -4.29
CA SER C 349 1.57 19.93 -3.69
C SER C 349 1.59 20.04 -2.17
N THR C 350 1.83 21.24 -1.64
CA THR C 350 1.91 21.41 -0.19
C THR C 350 0.54 21.43 0.47
N ALA C 351 -0.50 21.80 -0.29
CA ALA C 351 -1.83 21.88 0.30
C ALA C 351 -2.47 20.51 0.51
N SER C 352 -2.06 19.52 -0.28
CA SER C 352 -2.64 18.18 -0.20
C SER C 352 -1.61 17.09 0.06
N GLY C 353 -0.33 17.42 0.15
CA GLY C 353 0.69 16.44 0.42
C GLY C 353 0.76 16.04 1.88
N ASP C 354 0.51 14.76 2.17
CA ASP C 354 0.52 14.25 3.54
C ASP C 354 1.50 13.09 3.68
N GLY C 355 2.58 13.11 2.91
CA GLY C 355 3.59 12.08 2.98
C GLY C 355 3.33 10.87 2.10
N ARG C 356 2.25 10.87 1.32
CA ARG C 356 1.94 9.76 0.43
C ARG C 356 2.62 9.90 -0.93
N HIS C 357 2.69 11.12 -1.44
CA HIS C 357 3.27 11.40 -2.74
C HIS C 357 3.90 12.78 -2.73
N TYR C 358 4.90 12.99 -3.59
CA TYR C 358 5.69 14.19 -3.60
C TYR C 358 5.84 14.72 -5.01
N CYS C 359 6.21 16.00 -5.11
CA CYS C 359 6.41 16.67 -6.38
C CYS C 359 7.89 17.04 -6.53
N TYR C 360 8.47 16.72 -7.68
CA TYR C 360 9.88 16.99 -7.97
C TYR C 360 9.96 17.94 -9.15
N PRO C 361 9.94 19.25 -8.91
CA PRO C 361 10.00 20.21 -10.03
C PRO C 361 11.41 20.43 -10.52
N HIS C 362 11.56 20.50 -11.84
CA HIS C 362 12.84 20.72 -12.48
C HIS C 362 12.68 21.71 -13.63
N PHE C 363 13.71 22.51 -13.85
CA PHE C 363 13.73 23.46 -14.96
C PHE C 363 14.47 22.84 -16.14
N THR C 364 13.81 22.81 -17.29
CA THR C 364 14.37 22.21 -18.50
C THR C 364 14.48 23.29 -19.58
N CYS C 365 15.69 23.46 -20.12
CA CYS C 365 15.94 24.41 -21.19
C CYS C 365 15.86 23.78 -22.57
N ALA C 366 15.45 22.52 -22.66
CA ALA C 366 15.32 21.77 -23.91
C ALA C 366 16.63 21.70 -24.69
N VAL C 367 17.76 21.95 -24.04
CA VAL C 367 19.06 21.87 -24.68
C VAL C 367 19.97 20.99 -23.83
N ASP C 368 19.41 20.39 -22.78
CA ASP C 368 20.16 19.55 -21.86
C ASP C 368 19.64 18.12 -21.92
N THR C 369 20.55 17.18 -22.12
CA THR C 369 20.20 15.77 -22.23
C THR C 369 20.28 15.04 -20.89
N GLU C 370 20.40 15.78 -19.78
CA GLU C 370 20.49 15.19 -18.45
C GLU C 370 19.14 15.04 -17.77
N ASN C 371 18.05 14.96 -18.55
CA ASN C 371 16.72 14.81 -17.96
C ASN C 371 16.44 13.40 -17.48
N ILE C 372 17.06 12.38 -18.10
CA ILE C 372 16.89 11.02 -17.61
C ILE C 372 17.68 10.79 -16.33
N ARG C 373 18.69 11.61 -16.05
CA ARG C 373 19.39 11.53 -14.77
C ARG C 373 18.56 12.13 -13.65
N ARG C 374 17.74 13.15 -13.96
CA ARG C 374 16.84 13.70 -12.97
C ARG C 374 15.71 12.73 -12.65
N VAL C 375 15.16 12.07 -13.68
CA VAL C 375 14.12 11.07 -13.46
C VAL C 375 14.68 9.91 -12.65
N PHE C 376 15.89 9.47 -13.00
CA PHE C 376 16.53 8.38 -12.24
C PHE C 376 16.77 8.78 -10.79
N ASN C 377 17.21 10.01 -10.56
CA ASN C 377 17.45 10.46 -9.19
C ASN C 377 16.15 10.70 -8.44
N ASP C 378 15.11 11.17 -9.14
CA ASP C 378 13.82 11.38 -8.48
C ASP C 378 13.10 10.07 -8.21
N CYS C 379 13.20 9.09 -9.12
CA CYS C 379 12.60 7.79 -8.87
C CYS C 379 13.29 7.05 -7.75
N ARG C 380 14.58 7.31 -7.53
CA ARG C 380 15.28 6.71 -6.41
C ARG C 380 14.80 7.28 -5.09
N ASP C 381 14.49 8.57 -5.06
CA ASP C 381 13.93 9.18 -3.86
C ASP C 381 12.52 8.68 -3.58
N ILE C 382 11.77 8.34 -4.62
CA ILE C 382 10.42 7.84 -4.44
C ILE C 382 10.44 6.44 -3.86
N ILE C 383 11.29 5.56 -4.41
CA ILE C 383 11.39 4.19 -3.91
C ILE C 383 11.95 4.19 -2.49
N GLN C 384 12.88 5.11 -2.21
CA GLN C 384 13.42 5.22 -0.86
C GLN C 384 12.34 5.65 0.14
N ARG C 385 11.51 6.63 -0.25
CA ARG C 385 10.45 7.08 0.64
C ARG C 385 9.35 6.03 0.76
N MET C 386 9.17 5.20 -0.26
CA MET C 386 8.21 4.10 -0.16
C MET C 386 8.72 3.01 0.77
N HIS C 387 10.03 2.75 0.77
CA HIS C 387 10.59 1.77 1.68
C HIS C 387 10.58 2.29 3.11
N LEU C 388 10.88 3.56 3.31
CA LEU C 388 10.81 4.15 4.64
C LEU C 388 9.38 4.16 5.17
N ARG C 389 8.39 4.22 4.27
CA ARG C 389 6.99 4.22 4.70
C ARG C 389 6.52 2.81 5.08
N GLN C 390 7.10 1.78 4.48
CA GLN C 390 6.72 0.41 4.83
C GLN C 390 7.26 0.01 6.19
N TYR C 391 8.37 0.61 6.62
CA TYR C 391 8.93 0.37 7.93
C TYR C 391 8.46 1.38 8.96
N GLU C 392 7.52 2.26 8.59
CA GLU C 392 6.99 3.29 9.49
C GLU C 392 8.09 4.20 10.03
N LEU C 393 9.11 4.47 9.23
CA LEU C 393 10.20 5.36 9.62
C LEU C 393 10.00 6.79 9.14
N LEU C 394 9.25 6.99 8.06
CA LEU C 394 9.02 8.33 7.52
C LEU C 394 7.54 8.56 7.25
N SER D 12 -30.87 32.37 -35.45
CA SER D 12 -30.20 31.46 -36.36
C SER D 12 -30.84 30.07 -36.31
N GLU D 13 -30.52 29.24 -37.30
CA GLU D 13 -31.06 27.89 -37.34
C GLU D 13 -30.53 27.03 -36.19
N LEU D 14 -29.36 27.36 -35.63
CA LEU D 14 -28.85 26.62 -34.49
C LEU D 14 -29.78 26.75 -33.29
N ASP D 15 -30.30 27.96 -33.04
CA ASP D 15 -31.28 28.14 -31.97
C ASP D 15 -32.60 27.49 -32.32
N GLN D 16 -32.93 27.40 -33.62
CA GLN D 16 -34.16 26.71 -34.02
C GLN D 16 -34.03 25.21 -33.82
N LEU D 17 -32.86 24.64 -34.12
CA LEU D 17 -32.66 23.22 -33.88
C LEU D 17 -32.60 22.91 -32.38
N ARG D 18 -32.05 23.82 -31.58
CA ARG D 18 -32.06 23.62 -30.13
C ARG D 18 -33.47 23.69 -29.57
N GLN D 19 -34.29 24.61 -30.07
CA GLN D 19 -35.68 24.69 -29.62
C GLN D 19 -36.48 23.50 -30.11
N GLU D 20 -36.23 23.04 -31.33
CA GLU D 20 -36.92 21.86 -31.84
C GLU D 20 -36.54 20.61 -31.06
N ALA D 21 -35.30 20.55 -30.58
CA ALA D 21 -34.88 19.41 -29.76
C ALA D 21 -35.34 19.56 -28.32
N GLU D 22 -35.43 20.79 -27.82
CA GLU D 22 -35.87 21.00 -26.45
C GLU D 22 -37.33 20.62 -26.26
N GLN D 23 -38.18 20.89 -27.25
CA GLN D 23 -39.58 20.49 -27.13
C GLN D 23 -39.75 18.99 -27.33
N LEU D 24 -38.94 18.39 -28.21
CA LEU D 24 -38.96 16.94 -28.36
C LEU D 24 -38.53 16.25 -27.06
N LYS D 25 -37.63 16.87 -26.29
CA LYS D 25 -37.30 16.35 -24.98
C LYS D 25 -38.49 16.44 -24.04
N ASN D 26 -39.29 17.51 -24.16
CA ASN D 26 -40.49 17.64 -23.34
C ASN D 26 -41.58 16.68 -23.80
N GLN D 27 -41.63 16.37 -25.09
CA GLN D 27 -42.61 15.40 -25.59
C GLN D 27 -42.29 14.00 -25.08
N ILE D 28 -41.01 13.63 -25.07
CA ILE D 28 -40.63 12.32 -24.55
C ILE D 28 -40.80 12.26 -23.04
N ARG D 29 -40.44 13.35 -22.35
CA ARG D 29 -40.56 13.37 -20.90
C ARG D 29 -42.01 13.29 -20.45
N ASP D 30 -42.93 13.93 -21.18
CA ASP D 30 -44.34 13.84 -20.83
C ASP D 30 -44.95 12.52 -21.26
N ALA D 31 -44.43 11.90 -22.33
CA ALA D 31 -44.91 10.59 -22.73
C ALA D 31 -44.45 9.51 -21.76
N ARG D 32 -43.30 9.71 -21.12
CA ARG D 32 -42.85 8.76 -20.10
C ARG D 32 -43.59 8.94 -18.79
N LYS D 33 -43.93 10.18 -18.44
CA LYS D 33 -44.67 10.43 -17.21
C LYS D 33 -46.08 9.86 -17.31
N ALA D 34 -46.65 9.85 -18.51
CA ALA D 34 -48.00 9.31 -18.69
C ALA D 34 -48.03 7.80 -18.44
N CYS D 35 -46.92 7.11 -18.70
CA CYS D 35 -46.84 5.68 -18.47
C CYS D 35 -46.53 5.31 -17.03
N ALA D 36 -46.04 6.26 -16.23
CA ALA D 36 -45.68 6.00 -14.83
C ALA D 36 -46.97 6.04 -14.00
N ASP D 37 -47.74 4.96 -14.09
CA ASP D 37 -48.96 4.83 -13.32
C ASP D 37 -48.72 4.20 -11.95
N ALA D 38 -47.68 3.39 -11.81
CA ALA D 38 -47.34 2.77 -10.55
C ALA D 38 -45.88 2.37 -10.59
N THR D 39 -45.15 2.66 -9.51
CA THR D 39 -43.73 2.38 -9.46
C THR D 39 -43.48 0.91 -9.14
N LEU D 40 -42.23 0.48 -9.34
CA LEU D 40 -41.85 -0.89 -9.03
C LEU D 40 -41.90 -1.16 -7.53
N SER D 41 -41.65 -0.14 -6.71
CA SER D 41 -41.75 -0.31 -5.26
C SER D 41 -43.18 -0.51 -4.79
N GLN D 42 -44.16 -0.10 -5.58
CA GLN D 42 -45.56 -0.32 -5.23
C GLN D 42 -46.11 -1.65 -5.74
N ILE D 43 -45.54 -2.17 -6.83
CA ILE D 43 -45.99 -3.47 -7.35
C ILE D 43 -45.41 -4.60 -6.53
N THR D 44 -44.17 -4.45 -6.07
CA THR D 44 -43.49 -5.48 -5.26
C THR D 44 -43.54 -5.15 -3.78
N ASN D 45 -44.65 -4.56 -3.32
CA ASN D 45 -44.77 -4.22 -1.92
C ASN D 45 -45.18 -5.41 -1.06
N ASN D 46 -45.86 -6.40 -1.64
CA ASN D 46 -46.39 -7.53 -0.90
C ASN D 46 -45.57 -8.80 -1.05
N ILE D 47 -44.48 -8.76 -1.82
CA ILE D 47 -43.65 -9.94 -1.99
C ILE D 47 -42.75 -10.11 -0.77
N ASP D 48 -42.40 -11.36 -0.48
CA ASP D 48 -41.57 -11.65 0.68
C ASP D 48 -40.11 -11.33 0.37
N PRO D 49 -39.39 -10.71 1.30
CA PRO D 49 -37.98 -10.38 1.05
C PRO D 49 -37.13 -11.64 0.90
N VAL D 50 -35.99 -11.47 0.23
CA VAL D 50 -35.09 -12.60 0.01
C VAL D 50 -34.30 -12.95 1.26
N GLY D 51 -34.25 -12.06 2.25
CA GLY D 51 -33.50 -12.32 3.45
C GLY D 51 -32.03 -11.96 3.31
N ARG D 52 -31.27 -12.33 4.32
CA ARG D 52 -29.84 -12.05 4.35
C ARG D 52 -29.11 -13.04 3.45
N ILE D 53 -28.37 -12.52 2.48
CA ILE D 53 -27.57 -13.33 1.57
C ILE D 53 -26.14 -13.37 2.10
N GLN D 54 -25.65 -14.56 2.42
CA GLN D 54 -24.32 -14.75 2.99
C GLN D 54 -23.54 -15.69 2.09
N MET D 55 -22.71 -15.13 1.21
CA MET D 55 -21.82 -15.90 0.36
C MET D 55 -20.42 -15.90 0.97
N ARG D 56 -19.69 -16.99 0.72
CA ARG D 56 -18.34 -17.14 1.23
C ARG D 56 -17.38 -17.38 0.08
N THR D 57 -16.13 -16.96 0.28
CA THR D 57 -15.10 -17.10 -0.75
C THR D 57 -14.71 -18.57 -0.87
N ARG D 58 -15.16 -19.21 -1.95
CA ARG D 58 -14.85 -20.62 -2.15
C ARG D 58 -13.47 -20.81 -2.78
N ARG D 59 -13.10 -19.95 -3.73
CA ARG D 59 -11.80 -20.04 -4.38
C ARG D 59 -11.16 -18.66 -4.37
N THR D 60 -9.83 -18.66 -4.52
CA THR D 60 -9.07 -17.42 -4.63
C THR D 60 -7.93 -17.65 -5.63
N LEU D 61 -7.86 -16.79 -6.65
CA LEU D 61 -6.89 -16.92 -7.72
C LEU D 61 -5.81 -15.87 -7.52
N ARG D 62 -4.56 -16.31 -7.39
CA ARG D 62 -3.45 -15.44 -7.03
C ARG D 62 -2.35 -15.39 -8.10
N GLY D 63 -2.69 -15.66 -9.36
CA GLY D 63 -1.66 -15.71 -10.39
C GLY D 63 -1.20 -14.34 -10.86
N HIS D 64 -2.12 -13.40 -10.98
CA HIS D 64 -1.81 -12.11 -11.58
C HIS D 64 -0.81 -11.34 -10.71
N LEU D 65 -0.06 -10.44 -11.36
CA LEU D 65 0.98 -9.66 -10.70
C LEU D 65 0.59 -8.20 -10.51
N ALA D 66 -0.55 -7.76 -11.05
CA ALA D 66 -0.96 -6.38 -10.95
C ALA D 66 -2.48 -6.33 -10.80
N LYS D 67 -3.03 -5.13 -10.85
CA LYS D 67 -4.47 -4.95 -10.67
C LYS D 67 -5.24 -5.60 -11.81
N ILE D 68 -6.29 -6.32 -11.45
CA ILE D 68 -7.17 -6.96 -12.42
C ILE D 68 -8.19 -5.94 -12.90
N TYR D 69 -8.30 -5.77 -14.22
CA TYR D 69 -9.23 -4.82 -14.79
C TYR D 69 -10.53 -5.46 -15.27
N ALA D 70 -10.47 -6.69 -15.77
CA ALA D 70 -11.65 -7.34 -16.31
C ALA D 70 -11.54 -8.84 -16.14
N MET D 71 -12.71 -9.49 -16.14
CA MET D 71 -12.80 -10.94 -16.15
C MET D 71 -14.08 -11.33 -16.86
N HIS D 72 -14.12 -12.55 -17.40
CA HIS D 72 -15.28 -13.02 -18.11
C HIS D 72 -15.40 -14.53 -17.96
N TRP D 73 -16.58 -14.99 -17.58
CA TRP D 73 -16.83 -16.42 -17.48
C TRP D 73 -17.03 -17.03 -18.87
N GLY D 74 -16.64 -18.30 -18.99
CA GLY D 74 -17.01 -19.06 -20.16
C GLY D 74 -18.44 -19.56 -20.06
N THR D 75 -18.96 -20.01 -21.21
CA THR D 75 -20.33 -20.52 -21.22
C THR D 75 -20.47 -21.85 -20.51
N ASP D 76 -19.37 -22.54 -20.23
CA ASP D 76 -19.42 -23.79 -19.48
C ASP D 76 -19.44 -23.56 -17.97
N SER D 77 -19.33 -22.31 -17.52
CA SER D 77 -19.42 -21.93 -16.11
C SER D 77 -18.24 -22.47 -15.31
N ARG D 78 -17.26 -23.06 -15.99
CA ARG D 78 -16.07 -23.58 -15.33
C ARG D 78 -14.83 -22.73 -15.63
N LEU D 79 -14.59 -22.46 -16.91
CA LEU D 79 -13.42 -21.71 -17.32
C LEU D 79 -13.72 -20.21 -17.33
N LEU D 80 -12.76 -19.42 -16.84
CA LEU D 80 -12.90 -17.97 -16.84
C LEU D 80 -11.55 -17.35 -17.17
N VAL D 81 -11.59 -16.25 -17.91
CA VAL D 81 -10.38 -15.51 -18.30
C VAL D 81 -10.38 -14.18 -17.56
N SER D 82 -9.21 -13.81 -17.05
CA SER D 82 -9.03 -12.53 -16.37
C SER D 82 -7.95 -11.73 -17.10
N ALA D 83 -7.97 -10.42 -16.87
CA ALA D 83 -7.04 -9.50 -17.53
C ALA D 83 -6.49 -8.55 -16.49
N SER D 84 -5.18 -8.61 -16.27
CA SER D 84 -4.49 -7.70 -15.36
C SER D 84 -3.52 -6.84 -16.15
N GLN D 85 -3.26 -5.65 -15.61
CA GLN D 85 -2.43 -4.67 -16.31
C GLN D 85 -0.94 -4.97 -16.20
N ASP D 86 -0.56 -6.17 -15.77
CA ASP D 86 0.82 -6.62 -15.83
C ASP D 86 1.18 -7.19 -17.19
N GLY D 87 0.24 -7.25 -18.12
CA GLY D 87 0.50 -7.76 -19.44
C GLY D 87 0.22 -9.25 -19.61
N LYS D 88 -0.66 -9.82 -18.80
CA LYS D 88 -0.94 -11.24 -18.84
C LYS D 88 -2.44 -11.49 -18.96
N LEU D 89 -2.79 -12.50 -19.74
CA LEU D 89 -4.16 -12.98 -19.86
C LEU D 89 -4.19 -14.43 -19.40
N ILE D 90 -4.80 -14.66 -18.24
CA ILE D 90 -4.78 -15.97 -17.59
C ILE D 90 -6.16 -16.61 -17.70
N ILE D 91 -6.21 -17.82 -18.23
CA ILE D 91 -7.42 -18.62 -18.24
C ILE D 91 -7.37 -19.56 -17.05
N TRP D 92 -8.45 -19.58 -16.27
CA TRP D 92 -8.49 -20.32 -15.02
C TRP D 92 -9.46 -21.48 -15.11
N ASP D 93 -9.17 -22.53 -14.35
CA ASP D 93 -10.12 -23.60 -14.07
C ASP D 93 -10.65 -23.35 -12.67
N SER D 94 -11.87 -22.79 -12.59
CA SER D 94 -12.40 -22.35 -11.31
C SER D 94 -12.59 -23.51 -10.34
N TYR D 95 -12.87 -24.70 -10.87
CA TYR D 95 -13.09 -25.86 -10.00
C TYR D 95 -11.81 -26.28 -9.31
N THR D 96 -10.73 -26.45 -10.08
CA THR D 96 -9.47 -26.96 -9.55
C THR D 96 -8.47 -25.87 -9.19
N THR D 97 -8.78 -24.62 -9.47
CA THR D 97 -7.96 -23.42 -9.22
C THR D 97 -6.72 -23.41 -10.11
N ASN D 98 -6.59 -24.34 -11.04
CA ASN D 98 -5.41 -24.40 -11.90
C ASN D 98 -5.52 -23.38 -13.04
N LYS D 99 -4.36 -22.92 -13.50
CA LYS D 99 -4.29 -22.03 -14.66
C LYS D 99 -4.19 -22.87 -15.92
N VAL D 100 -5.10 -22.62 -16.86
CA VAL D 100 -5.10 -23.37 -18.12
C VAL D 100 -4.19 -22.71 -19.15
N HIS D 101 -4.22 -21.38 -19.24
CA HIS D 101 -3.39 -20.65 -20.18
C HIS D 101 -2.88 -19.38 -19.53
N ALA D 102 -1.74 -18.91 -20.02
CA ALA D 102 -1.19 -17.61 -19.64
C ALA D 102 -0.69 -16.93 -20.91
N ILE D 103 -1.36 -15.86 -21.31
CA ILE D 103 -1.13 -15.21 -22.59
C ILE D 103 -0.39 -13.89 -22.33
N PRO D 104 0.87 -13.76 -22.73
CA PRO D 104 1.55 -12.46 -22.61
C PRO D 104 1.05 -11.50 -23.68
N LEU D 105 0.60 -10.34 -23.24
CA LEU D 105 0.04 -9.33 -24.15
C LEU D 105 1.14 -8.39 -24.62
N ARG D 106 0.96 -7.88 -25.85
CA ARG D 106 1.91 -6.91 -26.39
C ARG D 106 1.82 -5.59 -25.65
N SER D 107 0.61 -5.11 -25.39
CA SER D 107 0.39 -3.90 -24.61
C SER D 107 -0.02 -4.29 -23.20
N SER D 108 0.68 -3.76 -22.20
CA SER D 108 0.41 -4.11 -20.82
C SER D 108 -0.84 -3.46 -20.26
N TRP D 109 -1.34 -2.40 -20.91
CA TRP D 109 -2.46 -1.63 -20.38
C TRP D 109 -3.79 -2.13 -20.95
N VAL D 110 -4.10 -3.37 -20.63
CA VAL D 110 -5.36 -3.99 -21.03
C VAL D 110 -6.46 -3.51 -20.10
N MET D 111 -7.62 -3.18 -20.68
CA MET D 111 -8.75 -2.68 -19.91
C MET D 111 -9.99 -3.55 -20.03
N THR D 112 -9.97 -4.60 -20.84
CA THR D 112 -11.13 -5.46 -21.01
C THR D 112 -10.69 -6.80 -21.59
N CYS D 113 -11.47 -7.84 -21.28
CA CYS D 113 -11.25 -9.16 -21.82
C CYS D 113 -12.59 -9.84 -22.03
N ALA D 114 -12.65 -10.72 -23.03
CA ALA D 114 -13.87 -11.41 -23.38
C ALA D 114 -13.57 -12.88 -23.69
N TYR D 115 -14.56 -13.72 -23.46
CA TYR D 115 -14.48 -15.15 -23.75
C TYR D 115 -15.56 -15.52 -24.75
N ALA D 116 -15.16 -16.15 -25.84
CA ALA D 116 -16.11 -16.51 -26.89
C ALA D 116 -17.07 -17.58 -26.37
N PRO D 117 -18.34 -17.54 -26.76
CA PRO D 117 -19.28 -18.57 -26.31
C PRO D 117 -18.90 -19.97 -26.74
N SER D 118 -18.13 -20.13 -27.81
CA SER D 118 -17.65 -21.44 -28.21
C SER D 118 -16.42 -21.89 -27.41
N GLY D 119 -15.78 -20.97 -26.69
CA GLY D 119 -14.60 -21.30 -25.92
C GLY D 119 -13.33 -21.47 -26.73
N ASN D 120 -13.32 -21.06 -28.00
CA ASN D 120 -12.15 -21.21 -28.84
C ASN D 120 -11.28 -19.96 -28.88
N TYR D 121 -11.84 -18.78 -28.59
CA TYR D 121 -11.12 -17.53 -28.70
C TYR D 121 -11.33 -16.68 -27.45
N VAL D 122 -10.40 -15.76 -27.23
CA VAL D 122 -10.51 -14.73 -26.20
C VAL D 122 -10.11 -13.41 -26.82
N ALA D 123 -10.72 -12.33 -26.33
CA ALA D 123 -10.43 -11.00 -26.81
C ALA D 123 -9.86 -10.15 -25.67
N CYS D 124 -9.15 -9.09 -26.05
CA CYS D 124 -8.57 -8.18 -25.07
C CYS D 124 -8.27 -6.86 -25.76
N GLY D 125 -8.44 -5.78 -25.01
CA GLY D 125 -8.18 -4.44 -25.51
C GLY D 125 -7.85 -3.51 -24.37
N GLY D 126 -7.43 -2.30 -24.72
CA GLY D 126 -7.07 -1.32 -23.73
C GLY D 126 -6.60 -0.01 -24.34
N LEU D 127 -5.55 0.56 -23.75
CA LEU D 127 -5.04 1.84 -24.24
C LEU D 127 -4.39 1.74 -25.60
N ASP D 128 -4.10 0.53 -26.08
CA ASP D 128 -3.50 0.35 -27.40
C ASP D 128 -4.49 0.59 -28.53
N ASN D 129 -5.78 0.78 -28.22
CA ASN D 129 -6.82 1.01 -29.21
C ASN D 129 -6.98 -0.16 -30.17
N ILE D 130 -6.57 -1.35 -29.74
CA ILE D 130 -6.64 -2.55 -30.57
C ILE D 130 -7.42 -3.61 -29.81
N CYS D 131 -8.29 -4.33 -30.51
CA CYS D 131 -9.00 -5.49 -29.98
C CYS D 131 -8.37 -6.74 -30.57
N SER D 132 -7.52 -7.39 -29.79
CA SER D 132 -6.77 -8.56 -30.25
C SER D 132 -7.53 -9.83 -29.94
N ILE D 133 -7.54 -10.75 -30.90
CA ILE D 133 -8.21 -12.04 -30.77
C ILE D 133 -7.15 -13.12 -30.67
N TYR D 134 -7.27 -13.98 -29.66
CA TYR D 134 -6.31 -15.05 -29.40
C TYR D 134 -6.99 -16.39 -29.59
N ASN D 135 -6.45 -17.19 -30.52
CA ASN D 135 -7.00 -18.52 -30.78
C ASN D 135 -6.49 -19.49 -29.72
N LEU D 136 -7.42 -20.13 -29.01
CA LEU D 136 -7.06 -21.07 -27.96
C LEU D 136 -7.05 -22.52 -28.43
N LYS D 137 -7.52 -22.79 -29.66
CA LYS D 137 -7.61 -24.15 -30.15
C LYS D 137 -6.75 -24.34 -31.39
N THR D 138 -5.51 -23.84 -31.34
CA THR D 138 -4.60 -23.96 -32.47
C THR D 138 -4.14 -25.40 -32.64
N ARG D 139 -3.75 -25.74 -33.87
CA ARG D 139 -3.27 -27.08 -34.15
C ARG D 139 -1.97 -27.36 -33.41
N GLU D 140 -1.07 -26.40 -33.38
CA GLU D 140 0.21 -26.58 -32.69
C GLU D 140 0.01 -26.72 -31.18
N GLY D 141 -0.93 -25.97 -30.62
CA GLY D 141 -1.22 -26.08 -29.20
C GLY D 141 -1.07 -24.79 -28.44
N ASN D 142 -0.07 -23.98 -28.82
CA ASN D 142 0.15 -22.72 -28.14
C ASN D 142 -0.88 -21.67 -28.58
N VAL D 143 -1.10 -20.70 -27.72
CA VAL D 143 -2.07 -19.63 -27.97
C VAL D 143 -1.35 -18.49 -28.69
N ARG D 144 -1.79 -18.20 -29.92
CA ARG D 144 -1.23 -17.11 -30.70
C ARG D 144 -2.33 -16.10 -31.03
N VAL D 145 -1.92 -14.85 -31.24
CA VAL D 145 -2.87 -13.81 -31.60
C VAL D 145 -3.39 -14.08 -33.01
N SER D 146 -4.70 -14.28 -33.12
CA SER D 146 -5.30 -14.63 -34.40
C SER D 146 -5.71 -13.42 -35.22
N ARG D 147 -6.08 -12.32 -34.58
CA ARG D 147 -6.52 -11.13 -35.30
C ARG D 147 -6.34 -9.91 -34.40
N GLU D 148 -6.09 -8.77 -35.04
CA GLU D 148 -5.99 -7.49 -34.35
C GLU D 148 -6.91 -6.50 -35.06
N LEU D 149 -7.91 -6.01 -34.34
CA LEU D 149 -8.92 -5.11 -34.90
C LEU D 149 -8.50 -3.67 -34.63
N ALA D 150 -8.14 -2.96 -35.70
CA ALA D 150 -7.73 -1.57 -35.62
C ALA D 150 -8.77 -0.68 -36.29
N GLY D 151 -8.90 0.54 -35.78
CA GLY D 151 -9.87 1.47 -36.30
C GLY D 151 -10.49 2.35 -35.24
N HIS D 152 -10.41 1.94 -33.98
CA HIS D 152 -10.85 2.78 -32.87
C HIS D 152 -9.81 3.85 -32.59
N THR D 153 -10.27 5.09 -32.45
CA THR D 153 -9.41 6.21 -32.14
C THR D 153 -9.34 6.49 -30.65
N GLY D 154 -9.79 5.55 -29.82
CA GLY D 154 -9.73 5.68 -28.37
C GLY D 154 -9.51 4.34 -27.75
N TYR D 155 -9.26 4.35 -26.44
CA TYR D 155 -8.97 3.12 -25.72
C TYR D 155 -10.17 2.18 -25.74
N LEU D 156 -9.89 0.88 -25.76
CA LEU D 156 -10.94 -0.13 -25.74
C LEU D 156 -11.44 -0.33 -24.31
N SER D 157 -12.75 -0.16 -24.13
CA SER D 157 -13.37 -0.27 -22.82
C SER D 157 -14.05 -1.63 -22.58
N CYS D 158 -14.70 -2.17 -23.60
CA CYS D 158 -15.38 -3.45 -23.45
C CYS D 158 -15.50 -4.11 -24.82
N CYS D 159 -15.52 -5.44 -24.82
CA CYS D 159 -15.69 -6.21 -26.03
C CYS D 159 -16.48 -7.47 -25.69
N ARG D 160 -17.35 -7.88 -26.61
CA ARG D 160 -18.22 -9.02 -26.39
C ARG D 160 -18.41 -9.78 -27.70
N PHE D 161 -18.13 -11.08 -27.68
CA PHE D 161 -18.34 -11.91 -28.84
C PHE D 161 -19.82 -12.15 -29.08
N LEU D 162 -20.24 -11.98 -30.33
CA LEU D 162 -21.55 -12.49 -30.76
C LEU D 162 -21.45 -13.94 -31.21
N ASP D 163 -20.34 -14.29 -31.87
CA ASP D 163 -20.02 -15.64 -32.26
C ASP D 163 -18.52 -15.71 -32.47
N ASP D 164 -18.03 -16.77 -33.13
CA ASP D 164 -16.61 -16.89 -33.39
C ASP D 164 -16.10 -15.85 -34.38
N ASN D 165 -16.99 -15.26 -35.19
CA ASN D 165 -16.57 -14.37 -36.26
C ASN D 165 -17.04 -12.93 -36.09
N GLN D 166 -17.90 -12.64 -35.11
CA GLN D 166 -18.38 -11.30 -34.87
C GLN D 166 -18.11 -10.90 -33.43
N ILE D 167 -17.82 -9.61 -33.23
CA ILE D 167 -17.57 -9.08 -31.89
C ILE D 167 -17.87 -7.59 -31.86
N VAL D 168 -18.61 -7.15 -30.85
CA VAL D 168 -18.93 -5.74 -30.65
C VAL D 168 -17.97 -5.17 -29.62
N THR D 169 -17.44 -3.99 -29.90
CA THR D 169 -16.47 -3.33 -29.03
C THR D 169 -16.92 -1.93 -28.70
N SER D 170 -16.74 -1.54 -27.44
CA SER D 170 -16.94 -0.17 -26.98
C SER D 170 -15.60 0.49 -26.72
N SER D 171 -15.48 1.76 -27.09
CA SER D 171 -14.22 2.46 -27.00
C SER D 171 -14.41 3.84 -26.41
N GLY D 172 -13.30 4.44 -25.99
CA GLY D 172 -13.28 5.77 -25.41
C GLY D 172 -13.45 6.90 -26.39
N ASP D 173 -13.53 6.61 -27.69
CA ASP D 173 -13.77 7.63 -28.70
C ASP D 173 -15.25 7.96 -28.88
N THR D 174 -16.07 7.64 -27.88
CA THR D 174 -17.53 7.85 -27.84
C THR D 174 -18.25 6.97 -28.85
N THR D 175 -17.60 5.93 -29.37
CA THR D 175 -18.16 5.12 -30.45
C THR D 175 -18.12 3.65 -30.08
N CYS D 176 -19.14 2.92 -30.52
CA CYS D 176 -19.15 1.47 -30.51
C CYS D 176 -19.10 0.95 -31.94
N ALA D 177 -18.48 -0.20 -32.13
CA ALA D 177 -18.27 -0.76 -33.45
C ALA D 177 -18.56 -2.26 -33.44
N LEU D 178 -19.19 -2.73 -34.51
CA LEU D 178 -19.41 -4.16 -34.74
C LEU D 178 -18.39 -4.65 -35.75
N TRP D 179 -17.49 -5.51 -35.31
CA TRP D 179 -16.40 -6.00 -36.14
C TRP D 179 -16.77 -7.32 -36.80
N ASP D 180 -16.00 -7.66 -37.84
CA ASP D 180 -16.14 -8.92 -38.55
C ASP D 180 -14.77 -9.58 -38.61
N ILE D 181 -14.53 -10.54 -37.71
CA ILE D 181 -13.29 -11.29 -37.76
C ILE D 181 -13.24 -12.09 -39.07
N GLU D 182 -12.03 -12.54 -39.42
CA GLU D 182 -11.63 -13.15 -40.69
C GLU D 182 -11.49 -12.08 -41.78
N THR D 183 -11.92 -10.85 -41.54
CA THR D 183 -11.65 -9.72 -42.43
C THR D 183 -11.08 -8.51 -41.72
N GLY D 184 -11.34 -8.33 -40.42
CA GLY D 184 -10.76 -7.23 -39.67
C GLY D 184 -11.31 -5.86 -40.05
N GLN D 185 -12.57 -5.78 -40.44
CA GLN D 185 -13.17 -4.53 -40.88
C GLN D 185 -14.43 -4.25 -40.07
N GLN D 186 -14.67 -2.97 -39.80
CA GLN D 186 -15.87 -2.54 -39.10
C GLN D 186 -17.08 -2.65 -40.04
N THR D 187 -18.03 -3.50 -39.68
CA THR D 187 -19.25 -3.64 -40.47
C THR D 187 -20.35 -2.69 -40.03
N THR D 188 -20.31 -2.22 -38.78
CA THR D 188 -21.32 -1.32 -38.26
C THR D 188 -20.67 -0.38 -37.25
N THR D 189 -21.10 0.88 -37.26
CA THR D 189 -20.53 1.90 -36.38
C THR D 189 -21.67 2.61 -35.67
N PHE D 190 -21.62 2.65 -34.34
CA PHE D 190 -22.63 3.29 -33.51
C PHE D 190 -22.05 4.57 -32.93
N THR D 191 -22.63 5.71 -33.31
CA THR D 191 -22.04 7.01 -33.01
C THR D 191 -22.93 7.92 -32.16
N GLY D 192 -23.99 7.39 -31.57
CA GLY D 192 -24.93 8.25 -30.86
C GLY D 192 -24.36 8.88 -29.60
N HIS D 193 -23.49 8.16 -28.88
CA HIS D 193 -23.02 8.64 -27.60
C HIS D 193 -22.13 9.87 -27.75
N THR D 194 -22.09 10.69 -26.72
CA THR D 194 -21.27 11.90 -26.69
C THR D 194 -20.09 11.80 -25.73
N GLY D 195 -20.10 10.84 -24.81
CA GLY D 195 -18.99 10.61 -23.91
C GLY D 195 -18.35 9.25 -24.14
N ASP D 196 -17.28 8.99 -23.40
CA ASP D 196 -16.56 7.74 -23.53
C ASP D 196 -17.43 6.57 -23.11
N VAL D 197 -17.68 5.65 -24.04
CA VAL D 197 -18.45 4.45 -23.74
C VAL D 197 -17.61 3.53 -22.87
N MET D 198 -18.11 3.19 -21.68
CA MET D 198 -17.34 2.44 -20.72
C MET D 198 -17.74 0.98 -20.60
N SER D 199 -18.96 0.61 -21.00
CA SER D 199 -19.41 -0.77 -20.88
C SER D 199 -20.46 -1.05 -21.94
N LEU D 200 -20.72 -2.34 -22.14
CA LEU D 200 -21.75 -2.80 -23.05
C LEU D 200 -22.23 -4.16 -22.58
N SER D 201 -23.48 -4.47 -22.91
CA SER D 201 -24.08 -5.74 -22.51
C SER D 201 -24.95 -6.27 -23.64
N LEU D 202 -24.73 -7.52 -24.02
CA LEU D 202 -25.52 -8.18 -25.04
C LEU D 202 -26.77 -8.78 -24.43
N ALA D 203 -27.90 -8.62 -25.13
CA ALA D 203 -29.16 -9.19 -24.69
C ALA D 203 -29.09 -10.73 -24.75
N PRO D 204 -30.06 -11.41 -24.13
CA PRO D 204 -30.14 -12.88 -24.31
C PRO D 204 -30.01 -13.32 -25.75
N ASP D 205 -30.63 -12.59 -26.68
CA ASP D 205 -30.32 -12.74 -28.09
C ASP D 205 -29.33 -11.65 -28.51
N THR D 206 -28.59 -11.94 -29.58
CA THR D 206 -27.54 -11.04 -30.05
C THR D 206 -28.04 -10.01 -31.05
N ARG D 207 -29.31 -9.65 -30.99
CA ARG D 207 -29.87 -8.65 -31.89
C ARG D 207 -29.83 -7.25 -31.32
N LEU D 208 -29.81 -7.10 -30.00
CA LEU D 208 -29.76 -5.80 -29.35
C LEU D 208 -28.67 -5.80 -28.30
N PHE D 209 -28.11 -4.62 -28.02
CA PHE D 209 -27.16 -4.44 -26.94
C PHE D 209 -27.24 -3.01 -26.43
N VAL D 210 -27.01 -2.86 -25.13
CA VAL D 210 -27.01 -1.55 -24.49
C VAL D 210 -25.58 -1.13 -24.21
N SER D 211 -25.35 0.17 -24.15
CA SER D 211 -24.04 0.72 -23.87
C SER D 211 -24.17 1.87 -22.89
N GLY D 212 -23.19 2.01 -22.00
CA GLY D 212 -23.17 3.09 -21.04
C GLY D 212 -21.94 3.95 -21.19
N ALA D 213 -22.14 5.25 -21.39
CA ALA D 213 -21.05 6.18 -21.65
C ALA D 213 -20.90 7.15 -20.48
N CYS D 214 -19.89 8.01 -20.59
CA CYS D 214 -19.60 9.00 -19.57
C CYS D 214 -20.48 10.24 -19.66
N ASP D 215 -21.54 10.20 -20.48
CA ASP D 215 -22.50 11.28 -20.56
C ASP D 215 -23.73 11.05 -19.70
N ALA D 216 -23.63 10.12 -18.72
CA ALA D 216 -24.75 9.78 -17.84
C ALA D 216 -25.97 9.31 -18.63
N SER D 217 -25.72 8.56 -19.69
CA SER D 217 -26.79 8.10 -20.57
C SER D 217 -26.50 6.68 -21.03
N ALA D 218 -27.58 5.92 -21.27
CA ALA D 218 -27.50 4.58 -21.80
C ALA D 218 -28.33 4.51 -23.07
N LYS D 219 -27.79 3.84 -24.09
CA LYS D 219 -28.42 3.77 -25.41
C LYS D 219 -28.61 2.31 -25.82
N LEU D 220 -29.80 1.98 -26.29
CA LEU D 220 -30.10 0.66 -26.82
C LEU D 220 -29.85 0.68 -28.32
N TRP D 221 -29.11 -0.32 -28.81
CA TRP D 221 -28.69 -0.38 -30.19
C TRP D 221 -29.21 -1.65 -30.86
N ASP D 222 -29.53 -1.55 -32.14
CA ASP D 222 -29.84 -2.73 -32.95
C ASP D 222 -28.56 -3.16 -33.66
N VAL D 223 -28.16 -4.41 -33.46
CA VAL D 223 -26.89 -4.87 -34.01
C VAL D 223 -26.94 -4.91 -35.53
N ARG D 224 -28.01 -5.45 -36.09
CA ARG D 224 -28.08 -5.63 -37.54
C ARG D 224 -28.31 -4.31 -38.26
N GLU D 225 -29.25 -3.50 -37.77
CA GLU D 225 -29.57 -2.25 -38.44
C GLU D 225 -28.63 -1.11 -38.06
N GLY D 226 -27.92 -1.22 -36.93
CA GLY D 226 -27.01 -0.17 -36.53
C GLY D 226 -27.66 1.13 -36.14
N MET D 227 -28.83 1.08 -35.51
CA MET D 227 -29.56 2.27 -35.12
C MET D 227 -29.65 2.34 -33.61
N CYS D 228 -29.86 3.56 -33.11
CA CYS D 228 -30.09 3.79 -31.69
C CYS D 228 -31.60 3.84 -31.48
N ARG D 229 -32.15 2.77 -30.88
CA ARG D 229 -33.59 2.68 -30.72
C ARG D 229 -34.08 3.56 -29.56
N GLN D 230 -33.47 3.42 -28.39
CA GLN D 230 -33.89 4.17 -27.21
C GLN D 230 -32.68 4.72 -26.48
N THR D 231 -32.89 5.85 -25.81
CA THR D 231 -31.88 6.47 -24.97
C THR D 231 -32.42 6.56 -23.55
N PHE D 232 -31.63 6.11 -22.58
CA PHE D 232 -32.06 6.03 -21.18
C PHE D 232 -31.20 6.96 -20.35
N THR D 233 -31.82 7.99 -19.78
CA THR D 233 -31.16 8.92 -18.87
C THR D 233 -31.76 8.79 -17.48
N GLY D 234 -31.15 9.49 -16.53
CA GLY D 234 -31.58 9.42 -15.15
C GLY D 234 -30.42 9.41 -14.18
N HIS D 235 -29.26 8.98 -14.65
CA HIS D 235 -28.06 9.02 -13.82
C HIS D 235 -27.51 10.45 -13.77
N GLU D 236 -26.64 10.68 -12.78
CA GLU D 236 -26.05 11.99 -12.56
C GLU D 236 -24.59 12.07 -12.95
N SER D 237 -23.90 10.95 -13.10
CA SER D 237 -22.48 10.93 -13.41
C SER D 237 -22.21 9.85 -14.44
N ASP D 238 -20.93 9.55 -14.66
CA ASP D 238 -20.55 8.62 -15.71
C ASP D 238 -21.01 7.21 -15.40
N ILE D 239 -21.69 6.59 -16.37
CA ILE D 239 -22.12 5.20 -16.24
C ILE D 239 -20.93 4.29 -16.48
N ASN D 240 -20.55 3.52 -15.46
CA ASN D 240 -19.38 2.66 -15.53
C ASN D 240 -19.71 1.22 -15.90
N ALA D 241 -20.89 0.73 -15.53
CA ALA D 241 -21.25 -0.66 -15.76
C ALA D 241 -22.68 -0.74 -16.26
N ILE D 242 -22.99 -1.86 -16.91
CA ILE D 242 -24.32 -2.11 -17.45
C ILE D 242 -24.47 -3.61 -17.67
N CYS D 243 -25.67 -4.11 -17.42
CA CYS D 243 -25.94 -5.53 -17.54
C CYS D 243 -27.42 -5.75 -17.84
N PHE D 244 -27.70 -6.62 -18.80
CA PHE D 244 -29.07 -6.91 -19.20
C PHE D 244 -29.75 -7.82 -18.18
N PHE D 245 -31.07 -7.68 -18.09
CA PHE D 245 -31.88 -8.58 -17.28
C PHE D 245 -31.93 -9.96 -17.95
N PRO D 246 -32.02 -11.04 -17.17
CA PRO D 246 -32.07 -12.38 -17.77
C PRO D 246 -33.15 -12.56 -18.83
N ASN D 247 -34.28 -11.86 -18.73
CA ASN D 247 -35.34 -11.98 -19.71
C ASN D 247 -35.14 -11.09 -20.93
N GLY D 248 -34.26 -10.09 -20.84
CA GLY D 248 -33.95 -9.24 -21.96
C GLY D 248 -34.85 -8.03 -22.13
N ASN D 249 -35.73 -7.75 -21.19
CA ASN D 249 -36.63 -6.61 -21.27
C ASN D 249 -36.24 -5.48 -20.32
N ALA D 250 -35.13 -5.60 -19.61
CA ALA D 250 -34.68 -4.57 -18.70
C ALA D 250 -33.16 -4.68 -18.56
N PHE D 251 -32.57 -3.68 -17.90
CA PHE D 251 -31.14 -3.69 -17.65
C PHE D 251 -30.83 -2.73 -16.50
N ALA D 252 -29.76 -3.03 -15.78
CA ALA D 252 -29.30 -2.21 -14.67
C ALA D 252 -27.99 -1.53 -15.04
N THR D 253 -27.83 -0.29 -14.56
CA THR D 253 -26.64 0.50 -14.83
C THR D 253 -25.96 0.88 -13.52
N GLY D 254 -24.65 1.02 -13.57
CA GLY D 254 -23.88 1.49 -12.43
C GLY D 254 -23.09 2.73 -12.77
N SER D 255 -23.24 3.78 -11.97
CA SER D 255 -22.62 5.07 -12.27
C SER D 255 -21.77 5.54 -11.09
N ASP D 256 -21.10 6.67 -11.31
CA ASP D 256 -20.26 7.29 -10.31
C ASP D 256 -21.06 8.08 -9.26
N ASP D 257 -22.37 8.20 -9.44
CA ASP D 257 -23.21 8.89 -8.46
C ASP D 257 -23.58 8.01 -7.27
N ALA D 258 -22.89 6.88 -7.10
CA ALA D 258 -23.09 5.95 -5.99
C ALA D 258 -24.46 5.28 -6.02
N THR D 259 -25.13 5.24 -7.17
CA THR D 259 -26.43 4.62 -7.30
C THR D 259 -26.45 3.65 -8.47
N CYS D 260 -27.25 2.61 -8.34
CA CYS D 260 -27.60 1.72 -9.44
C CYS D 260 -29.07 1.93 -9.79
N ARG D 261 -29.37 1.89 -11.08
CA ARG D 261 -30.73 2.14 -11.55
C ARG D 261 -31.16 1.05 -12.51
N LEU D 262 -32.44 0.69 -12.46
CA LEU D 262 -33.03 -0.33 -13.30
C LEU D 262 -33.90 0.36 -14.34
N PHE D 263 -33.61 0.10 -15.61
CA PHE D 263 -34.36 0.68 -16.73
C PHE D 263 -35.11 -0.42 -17.47
N ASP D 264 -36.32 -0.12 -17.90
CA ASP D 264 -37.14 -1.06 -18.65
C ASP D 264 -37.19 -0.64 -20.11
N LEU D 265 -36.98 -1.61 -21.01
CA LEU D 265 -36.96 -1.29 -22.44
C LEU D 265 -38.35 -0.92 -22.94
N ARG D 266 -39.37 -1.70 -22.56
CA ARG D 266 -40.71 -1.42 -23.04
C ARG D 266 -41.29 -0.17 -22.38
N ALA D 267 -40.95 0.08 -21.11
CA ALA D 267 -41.43 1.27 -20.44
C ALA D 267 -40.61 2.52 -20.79
N ASP D 268 -39.38 2.34 -21.25
CA ASP D 268 -38.53 3.45 -21.72
C ASP D 268 -38.28 4.47 -20.61
N GLN D 269 -38.04 3.99 -19.40
CA GLN D 269 -37.77 4.87 -18.27
C GLN D 269 -37.17 4.05 -17.13
N GLU D 270 -36.69 4.77 -16.12
CA GLU D 270 -36.11 4.14 -14.94
C GLU D 270 -37.20 3.59 -14.03
N LEU D 271 -36.98 2.39 -13.51
CA LEU D 271 -37.95 1.72 -12.66
C LEU D 271 -37.56 1.69 -11.19
N MET D 272 -36.27 1.53 -10.88
CA MET D 272 -35.83 1.41 -9.50
C MET D 272 -34.45 2.02 -9.36
N THR D 273 -34.17 2.55 -8.17
CA THR D 273 -32.86 3.11 -7.83
C THR D 273 -32.32 2.39 -6.60
N TYR D 274 -31.08 1.92 -6.69
CA TYR D 274 -30.43 1.16 -5.62
C TYR D 274 -29.31 2.02 -5.04
N SER D 275 -29.61 2.70 -3.95
CA SER D 275 -28.64 3.58 -3.30
C SER D 275 -28.84 3.55 -1.80
N HIS D 276 -27.80 3.92 -1.07
CA HIS D 276 -27.84 4.03 0.38
C HIS D 276 -27.06 5.27 0.80
N ASP D 277 -27.42 5.83 1.95
CA ASP D 277 -26.75 7.03 2.44
C ASP D 277 -25.31 6.72 2.86
N ASN D 278 -25.05 5.49 3.31
CA ASN D 278 -23.71 5.08 3.71
C ASN D 278 -22.80 4.80 2.51
N ILE D 279 -23.32 4.95 1.29
CA ILE D 279 -22.56 4.66 0.07
C ILE D 279 -22.28 5.97 -0.64
N ILE D 280 -21.00 6.29 -0.81
CA ILE D 280 -20.59 7.50 -1.52
C ILE D 280 -19.56 7.22 -2.60
N CYS D 281 -19.24 5.96 -2.87
CA CYS D 281 -18.30 5.59 -3.90
C CYS D 281 -19.03 5.17 -5.17
N GLY D 282 -18.32 5.21 -6.29
CA GLY D 282 -18.91 4.83 -7.55
C GLY D 282 -19.03 3.33 -7.72
N ILE D 283 -19.92 2.93 -8.63
CA ILE D 283 -20.13 1.53 -8.95
C ILE D 283 -19.24 1.19 -10.15
N THR D 284 -18.49 0.09 -10.03
CA THR D 284 -17.57 -0.34 -11.07
C THR D 284 -18.10 -1.48 -11.92
N SER D 285 -18.91 -2.36 -11.35
CA SER D 285 -19.41 -3.52 -12.07
C SER D 285 -20.79 -3.87 -11.54
N VAL D 286 -21.66 -4.34 -12.44
CA VAL D 286 -22.99 -4.81 -12.08
C VAL D 286 -23.26 -6.14 -12.76
N SER D 287 -24.06 -6.98 -12.12
CA SER D 287 -24.44 -8.27 -12.68
C SER D 287 -25.69 -8.77 -11.98
N PHE D 288 -26.50 -9.53 -12.71
CA PHE D 288 -27.71 -10.13 -12.20
C PHE D 288 -27.47 -11.60 -11.87
N SER D 289 -28.45 -12.19 -11.19
CA SER D 289 -28.44 -13.62 -10.94
C SER D 289 -29.04 -14.36 -12.14
N LYS D 290 -29.16 -15.68 -12.01
CA LYS D 290 -29.78 -16.46 -13.08
C LYS D 290 -31.26 -16.15 -13.20
N SER D 291 -31.89 -15.76 -12.09
CA SER D 291 -33.31 -15.41 -12.10
C SER D 291 -33.56 -13.92 -12.18
N GLY D 292 -32.56 -13.10 -11.94
CA GLY D 292 -32.72 -11.66 -11.93
C GLY D 292 -33.25 -11.08 -10.64
N ARG D 293 -33.43 -11.90 -9.60
CA ARG D 293 -33.93 -11.39 -8.33
C ARG D 293 -32.86 -10.62 -7.57
N LEU D 294 -31.60 -11.02 -7.68
CA LEU D 294 -30.51 -10.35 -7.01
C LEU D 294 -29.73 -9.49 -7.99
N LEU D 295 -29.18 -8.39 -7.48
CA LEU D 295 -28.35 -7.48 -8.26
C LEU D 295 -27.06 -7.25 -7.50
N LEU D 296 -25.95 -7.69 -8.08
CA LEU D 296 -24.63 -7.57 -7.47
C LEU D 296 -23.89 -6.39 -8.09
N ALA D 297 -23.37 -5.52 -7.24
CA ALA D 297 -22.67 -4.32 -7.70
C ALA D 297 -21.34 -4.19 -6.96
N GLY D 298 -20.28 -3.93 -7.71
CA GLY D 298 -18.97 -3.69 -7.15
C GLY D 298 -18.75 -2.19 -6.96
N TYR D 299 -18.11 -1.84 -5.85
CA TYR D 299 -17.93 -0.46 -5.46
C TYR D 299 -16.46 -0.14 -5.28
N ASP D 300 -16.16 1.16 -5.13
CA ASP D 300 -14.80 1.60 -4.87
C ASP D 300 -14.40 1.44 -3.41
N ASP D 301 -15.34 1.14 -2.52
CA ASP D 301 -15.02 0.95 -1.11
C ASP D 301 -14.52 -0.46 -0.81
N PHE D 302 -14.06 -1.18 -1.82
CA PHE D 302 -13.43 -2.50 -1.76
C PHE D 302 -14.46 -3.60 -1.51
N ASN D 303 -15.75 -3.28 -1.51
CA ASN D 303 -16.80 -4.24 -1.21
C ASN D 303 -17.73 -4.40 -2.41
N CYS D 304 -18.53 -5.45 -2.37
CA CYS D 304 -19.55 -5.73 -3.38
C CYS D 304 -20.88 -5.96 -2.68
N ASN D 305 -21.85 -5.09 -2.95
CA ASN D 305 -23.15 -5.16 -2.28
C ASN D 305 -24.14 -5.95 -3.13
N VAL D 306 -24.91 -6.81 -2.46
CA VAL D 306 -25.95 -7.59 -3.10
C VAL D 306 -27.29 -6.88 -2.85
N TRP D 307 -27.97 -6.53 -3.93
CA TRP D 307 -29.22 -5.78 -3.85
C TRP D 307 -30.40 -6.68 -4.24
N ASP D 308 -31.55 -6.39 -3.65
CA ASP D 308 -32.80 -7.02 -4.05
C ASP D 308 -33.36 -6.23 -5.23
N ALA D 309 -33.31 -6.83 -6.43
CA ALA D 309 -33.68 -6.11 -7.64
C ALA D 309 -35.14 -5.70 -7.62
N LEU D 310 -35.99 -6.43 -6.91
CA LEU D 310 -37.42 -6.13 -6.88
C LEU D 310 -37.81 -5.24 -5.71
N LYS D 311 -36.98 -5.13 -4.67
CA LYS D 311 -37.32 -4.35 -3.50
C LYS D 311 -36.31 -3.27 -3.15
N ALA D 312 -35.19 -3.19 -3.87
CA ALA D 312 -34.18 -2.13 -3.68
C ALA D 312 -33.62 -2.11 -2.27
N ASP D 313 -33.54 -3.28 -1.62
CA ASP D 313 -32.99 -3.39 -0.28
C ASP D 313 -31.77 -4.29 -0.33
N ARG D 314 -30.67 -3.85 0.30
CA ARG D 314 -29.43 -4.60 0.29
C ARG D 314 -29.61 -5.92 1.01
N ALA D 315 -29.29 -7.02 0.34
CA ALA D 315 -29.46 -8.35 0.88
C ALA D 315 -28.16 -9.00 1.34
N GLY D 316 -27.02 -8.38 1.08
CA GLY D 316 -25.75 -8.96 1.48
C GLY D 316 -24.60 -8.07 1.07
N VAL D 317 -23.42 -8.46 1.53
CA VAL D 317 -22.18 -7.73 1.26
C VAL D 317 -21.08 -8.74 0.96
N LEU D 318 -20.27 -8.46 -0.06
CA LEU D 318 -19.12 -9.27 -0.42
C LEU D 318 -17.87 -8.43 -0.15
N ALA D 319 -17.30 -8.56 1.04
CA ALA D 319 -16.22 -7.70 1.49
C ALA D 319 -14.87 -8.39 1.52
N GLY D 320 -14.69 -9.45 0.72
CA GLY D 320 -13.44 -10.21 0.79
C GLY D 320 -12.24 -9.45 0.25
N HIS D 321 -12.46 -8.57 -0.73
CA HIS D 321 -11.34 -7.92 -1.40
C HIS D 321 -10.74 -6.81 -0.55
N ASP D 322 -9.45 -6.55 -0.78
CA ASP D 322 -8.71 -5.54 -0.03
C ASP D 322 -8.47 -4.26 -0.84
N ASN D 323 -8.89 -4.22 -2.10
CA ASN D 323 -8.74 -3.02 -2.91
C ASN D 323 -9.98 -2.86 -3.76
N ARG D 324 -9.95 -1.84 -4.63
CA ARG D 324 -11.11 -1.49 -5.45
C ARG D 324 -11.56 -2.67 -6.30
N VAL D 325 -12.84 -3.04 -6.15
CA VAL D 325 -13.43 -4.09 -6.95
C VAL D 325 -13.64 -3.55 -8.36
N SER D 326 -12.87 -4.07 -9.32
CA SER D 326 -12.92 -3.57 -10.68
C SER D 326 -13.94 -4.31 -11.54
N CYS D 327 -14.11 -5.61 -11.33
CA CYS D 327 -14.98 -6.42 -12.16
C CYS D 327 -15.68 -7.46 -11.30
N LEU D 328 -16.79 -7.98 -11.83
CA LEU D 328 -17.50 -9.07 -11.20
C LEU D 328 -18.39 -9.71 -12.26
N GLY D 329 -18.49 -11.03 -12.21
CA GLY D 329 -19.27 -11.77 -13.20
C GLY D 329 -19.94 -12.97 -12.58
N VAL D 330 -21.13 -13.26 -13.07
CA VAL D 330 -21.92 -14.41 -12.62
C VAL D 330 -21.93 -15.45 -13.72
N THR D 331 -21.85 -16.72 -13.32
CA THR D 331 -21.82 -17.82 -14.27
C THR D 331 -23.16 -17.95 -14.99
N ASP D 332 -23.13 -18.65 -16.12
CA ASP D 332 -24.34 -18.83 -16.91
C ASP D 332 -25.36 -19.73 -16.23
N ASP D 333 -24.93 -20.57 -15.28
CA ASP D 333 -25.84 -21.41 -14.52
C ASP D 333 -26.16 -20.82 -13.15
N GLY D 334 -25.67 -19.61 -12.87
CA GLY D 334 -25.95 -18.96 -11.60
C GLY D 334 -25.37 -19.65 -10.39
N MET D 335 -24.34 -20.48 -10.57
CA MET D 335 -23.79 -21.26 -9.48
C MET D 335 -22.76 -20.49 -8.65
N ALA D 336 -22.02 -19.58 -9.26
CA ALA D 336 -20.98 -18.86 -8.55
C ALA D 336 -20.85 -17.44 -9.10
N VAL D 337 -20.23 -16.59 -8.29
CA VAL D 337 -19.94 -15.21 -8.67
C VAL D 337 -18.44 -15.00 -8.51
N ALA D 338 -17.79 -14.53 -9.58
CA ALA D 338 -16.38 -14.18 -9.55
C ALA D 338 -16.24 -12.67 -9.46
N THR D 339 -15.34 -12.22 -8.60
CA THR D 339 -15.06 -10.79 -8.44
C THR D 339 -13.58 -10.53 -8.62
N GLY D 340 -13.25 -9.47 -9.34
CA GLY D 340 -11.88 -9.05 -9.51
C GLY D 340 -11.64 -7.73 -8.81
N SER D 341 -10.41 -7.46 -8.41
CA SER D 341 -10.11 -6.27 -7.63
C SER D 341 -8.82 -5.65 -8.13
N TRP D 342 -8.55 -4.44 -7.64
CA TRP D 342 -7.28 -3.80 -7.95
C TRP D 342 -6.13 -4.45 -7.20
N ASP D 343 -6.43 -5.29 -6.21
CA ASP D 343 -5.46 -6.28 -5.76
C ASP D 343 -5.44 -7.44 -6.74
N SER D 344 -4.27 -8.05 -6.92
CA SER D 344 -4.08 -9.02 -7.99
C SER D 344 -4.97 -10.26 -7.84
N PHE D 345 -5.70 -10.38 -6.74
CA PHE D 345 -6.45 -11.61 -6.47
C PHE D 345 -7.84 -11.56 -7.09
N LEU D 346 -8.35 -12.75 -7.44
CA LEU D 346 -9.70 -12.93 -7.95
C LEU D 346 -10.39 -13.97 -7.08
N LYS D 347 -11.55 -13.63 -6.54
CA LYS D 347 -12.25 -14.47 -5.57
C LYS D 347 -13.53 -15.01 -6.18
N ILE D 348 -13.80 -16.28 -5.90
CA ILE D 348 -15.04 -16.94 -6.32
C ILE D 348 -15.97 -17.04 -5.12
N TRP D 349 -17.20 -16.58 -5.29
CA TRP D 349 -18.18 -16.56 -4.22
C TRP D 349 -19.32 -17.51 -4.56
N ASN D 350 -20.05 -17.93 -3.52
CA ASN D 350 -21.16 -18.86 -3.71
C ASN D 350 -22.19 -18.70 -2.59
N SER E 8 -21.19 22.00 -33.15
CA SER E 8 -21.43 22.22 -34.57
C SER E 8 -22.92 22.35 -34.87
N ILE E 9 -23.25 22.61 -36.13
CA ILE E 9 -24.63 22.74 -36.56
C ILE E 9 -25.16 21.46 -37.19
N ALA E 10 -24.31 20.74 -37.93
CA ALA E 10 -24.75 19.50 -38.55
C ALA E 10 -25.02 18.43 -37.50
N GLN E 11 -24.20 18.38 -36.44
CA GLN E 11 -24.43 17.42 -35.38
C GLN E 11 -25.67 17.76 -34.55
N ALA E 12 -26.12 19.01 -34.59
CA ALA E 12 -27.35 19.39 -33.91
C ALA E 12 -28.59 19.04 -34.70
N ARG E 13 -28.47 18.87 -36.02
CA ARG E 13 -29.60 18.45 -36.83
C ARG E 13 -29.90 16.97 -36.65
N LYS E 14 -28.84 16.15 -36.52
CA LYS E 14 -29.03 14.73 -36.22
C LYS E 14 -29.47 14.51 -34.78
N LEU E 15 -29.27 15.49 -33.90
CA LEU E 15 -29.81 15.41 -32.55
C LEU E 15 -31.33 15.47 -32.59
N VAL E 16 -31.89 16.26 -33.50
CA VAL E 16 -33.35 16.32 -33.67
C VAL E 16 -33.84 15.08 -34.41
N GLU E 17 -33.10 14.62 -35.43
CA GLU E 17 -33.50 13.44 -36.17
C GLU E 17 -33.58 12.21 -35.28
N GLN E 18 -32.69 12.11 -34.29
CA GLN E 18 -32.72 10.98 -33.38
C GLN E 18 -33.87 11.11 -32.38
N LEU E 19 -34.24 12.34 -32.02
CA LEU E 19 -35.29 12.53 -31.02
C LEU E 19 -36.67 12.13 -31.57
N LYS E 20 -36.91 12.35 -32.87
CA LYS E 20 -38.18 11.92 -33.43
C LYS E 20 -38.26 10.41 -33.57
N MET E 21 -37.12 9.73 -33.71
CA MET E 21 -37.13 8.28 -33.78
C MET E 21 -37.46 7.66 -32.43
N GLU E 22 -37.06 8.31 -31.34
CA GLU E 22 -37.33 7.81 -30.00
C GLU E 22 -38.66 8.28 -29.44
N ALA E 23 -39.25 9.32 -30.03
CA ALA E 23 -40.52 9.83 -29.54
C ALA E 23 -41.72 9.13 -30.17
N ASN E 24 -41.54 8.43 -31.27
CA ASN E 24 -42.62 7.75 -31.98
C ASN E 24 -42.59 6.24 -31.74
N ILE E 25 -42.22 5.83 -30.53
CA ILE E 25 -42.19 4.42 -30.16
C ILE E 25 -43.35 4.14 -29.22
N ASP E 26 -43.71 2.86 -29.14
CA ASP E 26 -44.81 2.43 -28.28
C ASP E 26 -44.28 2.10 -26.89
N ARG E 27 -44.85 2.73 -25.87
CA ARG E 27 -44.46 2.52 -24.48
C ARG E 27 -45.62 1.93 -23.71
N ILE E 28 -45.38 0.78 -23.08
CA ILE E 28 -46.38 0.17 -22.21
C ILE E 28 -46.31 0.84 -20.84
N LYS E 29 -47.32 0.61 -20.01
CA LYS E 29 -47.34 1.19 -18.68
C LYS E 29 -46.26 0.56 -17.80
N VAL E 30 -45.82 1.31 -16.79
CA VAL E 30 -44.83 0.78 -15.87
C VAL E 30 -45.39 -0.37 -15.04
N SER E 31 -46.68 -0.30 -14.70
CA SER E 31 -47.32 -1.39 -13.96
C SER E 31 -47.30 -2.68 -14.76
N LYS E 32 -47.38 -2.59 -16.10
CA LYS E 32 -47.29 -3.78 -16.92
C LYS E 32 -45.84 -4.24 -17.09
N ALA E 33 -44.91 -3.28 -17.13
CA ALA E 33 -43.50 -3.64 -17.28
C ALA E 33 -42.92 -4.15 -15.97
N ALA E 34 -43.44 -3.68 -14.83
CA ALA E 34 -42.97 -4.16 -13.53
C ALA E 34 -43.56 -5.50 -13.15
N ALA E 35 -44.74 -5.85 -13.69
CA ALA E 35 -45.33 -7.14 -13.40
C ALA E 35 -44.61 -8.26 -14.13
N ASP E 36 -44.12 -8.00 -15.34
CA ASP E 36 -43.38 -9.03 -16.07
C ASP E 36 -42.02 -9.30 -15.44
N LEU E 37 -41.35 -8.24 -14.97
CA LEU E 37 -40.09 -8.43 -14.25
C LEU E 37 -40.32 -9.21 -12.95
N MET E 38 -41.44 -8.96 -12.29
CA MET E 38 -41.74 -9.70 -11.06
C MET E 38 -42.16 -11.13 -11.38
N ALA E 39 -42.92 -11.33 -12.46
CA ALA E 39 -43.34 -12.67 -12.84
C ALA E 39 -42.16 -13.53 -13.29
N TYR E 40 -41.09 -12.91 -13.76
CA TYR E 40 -39.94 -13.68 -14.23
C TYR E 40 -39.09 -14.18 -13.05
N CYS E 41 -38.87 -13.33 -12.04
CA CYS E 41 -38.05 -13.74 -10.91
C CYS E 41 -38.72 -14.82 -10.06
N GLU E 42 -40.04 -14.94 -10.12
CA GLU E 42 -40.74 -15.99 -9.38
C GLU E 42 -40.80 -17.30 -10.14
N ALA E 43 -40.92 -17.25 -11.47
CA ALA E 43 -40.92 -18.46 -12.27
C ALA E 43 -39.53 -19.09 -12.37
N HIS E 44 -38.48 -18.34 -12.06
CA HIS E 44 -37.11 -18.83 -12.11
C HIS E 44 -36.43 -18.78 -10.75
N ALA E 45 -37.19 -18.61 -9.67
CA ALA E 45 -36.59 -18.42 -8.36
C ALA E 45 -35.88 -19.68 -7.86
N LYS E 46 -36.41 -20.86 -8.16
CA LYS E 46 -35.81 -22.10 -7.66
C LYS E 46 -34.58 -22.50 -8.46
N GLU E 47 -34.51 -22.10 -9.73
CA GLU E 47 -33.34 -22.39 -10.56
C GLU E 47 -32.20 -21.41 -10.33
N ASP E 48 -32.23 -20.65 -9.23
CA ASP E 48 -31.20 -19.68 -8.91
C ASP E 48 -30.40 -20.18 -7.71
N PRO E 49 -29.20 -20.73 -7.93
CA PRO E 49 -28.42 -21.22 -6.79
C PRO E 49 -27.98 -20.12 -5.83
N LEU E 50 -27.86 -18.88 -6.30
CA LEU E 50 -27.49 -17.78 -5.43
C LEU E 50 -28.64 -17.36 -4.53
N LEU E 51 -29.88 -17.48 -5.01
CA LEU E 51 -31.04 -17.15 -4.19
C LEU E 51 -31.41 -18.31 -3.29
N THR E 52 -31.51 -19.52 -3.85
CA THR E 52 -31.77 -20.75 -3.10
C THR E 52 -30.49 -21.58 -3.10
N PRO E 53 -29.67 -21.51 -2.05
CA PRO E 53 -28.41 -22.25 -2.04
C PRO E 53 -28.61 -23.75 -2.19
N VAL E 54 -27.88 -24.34 -3.14
CA VAL E 54 -27.94 -25.77 -3.40
C VAL E 54 -27.17 -26.51 -2.32
N PRO E 55 -27.47 -27.78 -2.05
CA PRO E 55 -26.72 -28.51 -1.03
C PRO E 55 -25.25 -28.66 -1.40
N ALA E 56 -24.45 -29.08 -0.42
CA ALA E 56 -23.02 -29.26 -0.63
C ALA E 56 -22.72 -30.36 -1.64
N SER E 57 -23.64 -31.31 -1.83
CA SER E 57 -23.44 -32.38 -2.81
C SER E 57 -23.67 -31.91 -4.24
N GLU E 58 -24.24 -30.72 -4.43
CA GLU E 58 -24.50 -30.19 -5.76
C GLU E 58 -23.67 -28.95 -6.06
N ASN E 59 -22.86 -28.48 -5.12
CA ASN E 59 -22.07 -27.27 -5.31
C ASN E 59 -20.67 -27.66 -5.79
N PRO E 60 -20.30 -27.36 -7.04
CA PRO E 60 -18.95 -27.73 -7.51
C PRO E 60 -17.84 -26.92 -6.88
N PHE E 61 -18.14 -25.88 -6.10
CA PHE E 61 -17.13 -25.07 -5.43
C PHE E 61 -17.04 -25.38 -3.94
N ARG E 62 -17.38 -26.61 -3.55
CA ARG E 62 -17.34 -27.00 -2.14
C ARG E 62 -15.91 -27.11 -1.64
N GLN F 1 -31.66 13.29 -16.17
CA GLN F 1 -31.22 14.15 -17.25
C GLN F 1 -30.50 15.38 -16.70
N VAL F 2 -29.16 15.35 -16.74
CA VAL F 2 -28.37 16.48 -16.26
C VAL F 2 -28.55 17.65 -17.21
N GLN F 3 -29.07 18.76 -16.69
CA GLN F 3 -29.36 19.94 -17.48
C GLN F 3 -28.75 21.17 -16.83
N LEU F 4 -28.13 22.01 -17.66
CA LEU F 4 -27.52 23.26 -17.21
C LEU F 4 -27.84 24.33 -18.25
N GLN F 5 -28.65 25.31 -17.87
CA GLN F 5 -29.02 26.40 -18.76
C GLN F 5 -28.50 27.71 -18.17
N GLU F 6 -27.67 28.41 -18.93
CA GLU F 6 -27.07 29.67 -18.49
C GLU F 6 -27.95 30.82 -18.98
N SER F 7 -28.34 31.69 -18.06
CA SER F 7 -29.11 32.88 -18.38
C SER F 7 -28.24 34.12 -18.18
N GLY F 8 -28.84 35.29 -18.37
CA GLY F 8 -28.08 36.52 -18.27
C GLY F 8 -27.37 36.84 -19.57
N GLY F 9 -26.16 37.37 -19.44
CA GLY F 9 -25.39 37.73 -20.61
C GLY F 9 -25.93 38.97 -21.31
N GLY F 10 -25.37 39.23 -22.47
CA GLY F 10 -25.75 40.36 -23.29
C GLY F 10 -24.56 41.24 -23.63
N LEU F 11 -24.86 42.42 -24.15
CA LEU F 11 -23.84 43.38 -24.57
C LEU F 11 -23.62 44.39 -23.45
N VAL F 12 -22.37 44.53 -23.02
CA VAL F 12 -22.00 45.46 -21.96
C VAL F 12 -20.94 46.40 -22.49
N GLN F 13 -20.98 47.66 -22.05
CA GLN F 13 -19.91 48.57 -22.39
C GLN F 13 -18.73 48.38 -21.43
N PRO F 14 -17.52 48.67 -21.88
CA PRO F 14 -16.35 48.45 -21.02
C PRO F 14 -16.45 49.27 -19.73
N GLY F 15 -16.18 48.60 -18.61
CA GLY F 15 -16.32 49.19 -17.29
C GLY F 15 -17.62 48.88 -16.60
N GLY F 16 -18.58 48.27 -17.29
CA GLY F 16 -19.87 47.95 -16.71
C GLY F 16 -19.84 46.68 -15.89
N SER F 17 -21.03 46.27 -15.46
CA SER F 17 -21.20 45.08 -14.64
C SER F 17 -22.25 44.18 -15.25
N LEU F 18 -22.19 42.90 -14.88
CA LEU F 18 -23.13 41.90 -15.38
C LEU F 18 -23.14 40.72 -14.43
N ARG F 19 -24.27 40.01 -14.41
CA ARG F 19 -24.48 38.89 -13.48
C ARG F 19 -24.96 37.69 -14.29
N LEU F 20 -24.17 36.63 -14.30
CA LEU F 20 -24.53 35.39 -14.98
C LEU F 20 -25.19 34.43 -14.00
N SER F 21 -26.22 33.73 -14.47
CA SER F 21 -26.94 32.74 -13.68
C SER F 21 -26.91 31.40 -14.39
N CYS F 22 -26.89 30.34 -13.59
CA CYS F 22 -26.82 28.97 -14.10
C CYS F 22 -27.81 28.12 -13.32
N ALA F 23 -28.92 27.75 -13.97
CA ALA F 23 -29.95 26.94 -13.35
C ALA F 23 -29.65 25.47 -13.61
N ALA F 24 -29.54 24.68 -12.55
CA ALA F 24 -29.22 23.27 -12.64
C ALA F 24 -30.46 22.43 -12.36
N SER F 25 -30.50 21.25 -12.98
CA SER F 25 -31.59 20.31 -12.78
C SER F 25 -31.13 18.92 -13.18
N GLY F 26 -31.68 17.91 -12.51
CA GLY F 26 -31.37 16.53 -12.82
C GLY F 26 -30.29 15.90 -11.97
N PHE F 27 -29.82 16.59 -10.94
CA PHE F 27 -28.79 16.04 -10.06
C PHE F 27 -28.77 16.83 -8.76
N THR F 28 -28.21 16.22 -7.73
CA THR F 28 -28.08 16.85 -6.42
C THR F 28 -27.05 17.96 -6.51
N PHE F 29 -27.52 19.21 -6.54
CA PHE F 29 -26.63 20.34 -6.78
C PHE F 29 -25.63 20.53 -5.64
N SER F 30 -25.98 20.11 -4.43
CA SER F 30 -25.11 20.34 -3.28
C SER F 30 -23.93 19.37 -3.22
N ASN F 31 -24.00 18.25 -3.93
CA ASN F 31 -22.96 17.23 -3.87
C ASN F 31 -21.83 17.45 -4.86
N TYR F 32 -21.92 18.47 -5.72
CA TYR F 32 -20.97 18.64 -6.80
C TYR F 32 -20.25 19.97 -6.69
N LYS F 33 -19.00 19.97 -7.16
CA LYS F 33 -18.26 21.20 -7.36
C LYS F 33 -18.65 21.80 -8.71
N MET F 34 -18.78 23.12 -8.75
CA MET F 34 -19.23 23.83 -9.93
C MET F 34 -18.11 24.71 -10.46
N ASN F 35 -18.15 24.96 -11.77
CA ASN F 35 -17.12 25.74 -12.44
C ASN F 35 -17.75 26.72 -13.41
N TRP F 36 -16.96 27.72 -13.80
CA TRP F 36 -17.30 28.62 -14.90
C TRP F 36 -16.17 28.55 -15.92
N VAL F 37 -16.51 28.29 -17.17
CA VAL F 37 -15.55 28.26 -18.26
C VAL F 37 -16.07 29.10 -19.41
N ARG F 38 -15.15 29.70 -20.16
CA ARG F 38 -15.51 30.55 -21.29
C ARG F 38 -14.67 30.18 -22.50
N GLN F 39 -15.10 30.66 -23.66
CA GLN F 39 -14.41 30.39 -24.93
C GLN F 39 -14.44 31.69 -25.74
N ALA F 40 -13.32 32.40 -25.74
CA ALA F 40 -13.20 33.61 -26.52
C ALA F 40 -13.25 33.28 -28.01
N PRO F 41 -13.72 34.21 -28.84
CA PRO F 41 -13.76 33.95 -30.30
C PRO F 41 -12.36 33.69 -30.85
N GLY F 42 -12.19 32.54 -31.48
CA GLY F 42 -10.91 32.16 -32.02
C GLY F 42 -9.93 31.62 -31.00
N LYS F 43 -10.42 31.14 -29.86
CA LYS F 43 -9.57 30.61 -28.81
C LYS F 43 -10.23 29.34 -28.25
N GLY F 44 -9.53 28.70 -27.31
CA GLY F 44 -10.04 27.51 -26.68
C GLY F 44 -10.78 27.79 -25.38
N LEU F 45 -11.35 26.73 -24.81
CA LEU F 45 -12.08 26.87 -23.56
C LEU F 45 -11.12 27.13 -22.41
N GLU F 46 -11.36 28.23 -21.69
CA GLU F 46 -10.51 28.64 -20.58
C GLU F 46 -11.29 28.59 -19.28
N TRP F 47 -10.66 28.03 -18.24
CA TRP F 47 -11.27 27.97 -16.92
C TRP F 47 -11.26 29.34 -16.26
N VAL F 48 -12.39 29.72 -15.67
CA VAL F 48 -12.57 31.03 -15.07
C VAL F 48 -12.56 30.93 -13.54
N SER F 49 -13.49 30.17 -12.97
CA SER F 49 -13.61 30.08 -11.52
C SER F 49 -14.33 28.80 -11.15
N ASP F 50 -14.18 28.41 -9.88
CA ASP F 50 -14.89 27.26 -9.35
C ASP F 50 -15.29 27.55 -7.91
N ILE F 51 -16.16 26.71 -7.38
CA ILE F 51 -16.64 26.83 -6.00
C ILE F 51 -16.93 25.43 -5.48
N SER F 52 -16.65 25.21 -4.20
CA SER F 52 -16.76 23.90 -3.61
C SER F 52 -18.23 23.52 -3.40
N GLN F 53 -18.44 22.34 -2.79
CA GLN F 53 -19.79 21.84 -2.58
C GLN F 53 -20.58 22.73 -1.63
N SER F 54 -19.92 23.34 -0.66
CA SER F 54 -20.58 24.20 0.32
C SER F 54 -20.44 25.68 0.01
N GLY F 55 -19.34 26.09 -0.61
CA GLY F 55 -19.11 27.48 -0.93
C GLY F 55 -17.94 28.12 -0.20
N ALA F 56 -17.19 27.36 0.59
CA ALA F 56 -16.05 27.93 1.31
C ALA F 56 -14.84 28.10 0.40
N SER F 57 -14.43 27.02 -0.26
CA SER F 57 -13.28 27.04 -1.15
C SER F 57 -13.67 27.63 -2.50
N ILE F 58 -13.00 28.70 -2.90
CA ILE F 58 -13.31 29.43 -4.12
C ILE F 58 -12.00 29.80 -4.80
N SER F 59 -11.89 29.51 -6.09
CA SER F 59 -10.70 29.82 -6.88
C SER F 59 -11.09 30.61 -8.11
N TYR F 60 -10.20 31.52 -8.51
CA TYR F 60 -10.39 32.32 -9.72
C TYR F 60 -9.14 32.19 -10.59
N THR F 61 -9.32 32.51 -11.87
CA THR F 61 -8.18 32.69 -12.75
C THR F 61 -7.62 34.09 -12.56
N GLY F 62 -6.31 34.23 -12.82
CA GLY F 62 -5.64 35.48 -12.52
C GLY F 62 -6.24 36.68 -13.23
N SER F 63 -6.78 36.47 -14.44
CA SER F 63 -7.29 37.58 -15.23
C SER F 63 -8.52 38.22 -14.58
N VAL F 64 -9.35 37.40 -13.92
CA VAL F 64 -10.61 37.89 -13.36
C VAL F 64 -10.56 38.04 -11.85
N LYS F 65 -9.44 37.69 -11.22
CA LYS F 65 -9.36 37.78 -9.76
C LYS F 65 -9.50 39.22 -9.30
N GLY F 66 -10.37 39.44 -8.31
CA GLY F 66 -10.69 40.76 -7.83
C GLY F 66 -11.82 41.45 -8.56
N ARG F 67 -12.26 40.91 -9.69
CA ARG F 67 -13.36 41.46 -10.46
C ARG F 67 -14.59 40.56 -10.51
N PHE F 68 -14.40 39.26 -10.69
CA PHE F 68 -15.50 38.32 -10.77
C PHE F 68 -15.77 37.70 -9.40
N THR F 69 -17.03 37.39 -9.14
CA THR F 69 -17.44 36.79 -7.87
C THR F 69 -18.39 35.64 -8.16
N ILE F 70 -18.01 34.44 -7.76
CA ILE F 70 -18.81 33.24 -7.99
C ILE F 70 -19.48 32.86 -6.68
N SER F 71 -20.75 32.45 -6.76
CA SER F 71 -21.51 32.04 -5.60
C SER F 71 -22.59 31.07 -6.03
N ARG F 72 -22.96 30.17 -5.12
CA ARG F 72 -23.96 29.15 -5.38
C ARG F 72 -25.04 29.20 -4.32
N ASP F 73 -26.25 28.82 -4.71
CA ASP F 73 -27.40 28.73 -3.81
C ASP F 73 -27.90 27.29 -3.88
N ASN F 74 -27.44 26.47 -2.94
CA ASN F 74 -27.79 25.05 -2.95
C ASN F 74 -29.29 24.84 -2.72
N ALA F 75 -29.94 25.76 -2.02
CA ALA F 75 -31.38 25.65 -1.81
C ALA F 75 -32.15 25.92 -3.09
N LYS F 76 -31.60 26.74 -3.99
CA LYS F 76 -32.24 27.04 -5.26
C LYS F 76 -31.62 26.31 -6.44
N ASN F 77 -30.52 25.58 -6.21
CA ASN F 77 -29.82 24.84 -7.27
C ASN F 77 -29.42 25.76 -8.42
N THR F 78 -28.72 26.84 -8.08
CA THR F 78 -28.31 27.82 -9.07
C THR F 78 -26.91 28.32 -8.76
N LEU F 79 -26.15 28.62 -9.81
CA LEU F 79 -24.80 29.15 -9.71
C LEU F 79 -24.77 30.56 -10.28
N TYR F 80 -23.99 31.43 -9.66
CA TYR F 80 -23.93 32.83 -10.05
C TYR F 80 -22.50 33.23 -10.36
N LEU F 81 -22.38 34.32 -11.13
CA LEU F 81 -21.07 34.92 -11.41
C LEU F 81 -21.29 36.42 -11.61
N GLN F 82 -20.90 37.21 -10.61
CA GLN F 82 -20.98 38.66 -10.69
C GLN F 82 -19.72 39.17 -11.37
N MET F 83 -19.88 39.73 -12.57
CA MET F 83 -18.76 40.20 -13.38
C MET F 83 -18.73 41.72 -13.32
N ASN F 84 -17.76 42.25 -12.57
CA ASN F 84 -17.59 43.69 -12.41
C ASN F 84 -16.38 44.18 -13.21
N SER F 85 -16.40 45.47 -13.54
CA SER F 85 -15.34 46.14 -14.30
C SER F 85 -14.95 45.33 -15.54
N LEU F 86 -15.95 45.06 -16.39
CA LEU F 86 -15.71 44.28 -17.59
C LEU F 86 -14.91 45.07 -18.61
N LYS F 87 -13.97 44.39 -19.26
CA LYS F 87 -13.14 44.96 -20.31
C LYS F 87 -13.26 44.09 -21.55
N PRO F 88 -12.96 44.63 -22.74
CA PRO F 88 -13.20 43.88 -23.98
C PRO F 88 -12.50 42.53 -24.06
N GLU F 89 -11.50 42.26 -23.21
CA GLU F 89 -10.87 40.94 -23.23
C GLU F 89 -11.75 39.87 -22.61
N ASP F 90 -12.83 40.26 -21.92
CA ASP F 90 -13.75 39.32 -21.30
C ASP F 90 -14.86 38.86 -22.25
N THR F 91 -14.84 39.32 -23.50
CA THR F 91 -15.85 38.92 -24.47
C THR F 91 -15.67 37.45 -24.83
N ALA F 92 -16.63 36.61 -24.44
CA ALA F 92 -16.58 35.18 -24.70
C ALA F 92 -17.96 34.58 -24.43
N VAL F 93 -18.08 33.29 -24.72
CA VAL F 93 -19.28 32.53 -24.38
C VAL F 93 -19.00 31.80 -23.07
N TYR F 94 -19.70 32.18 -22.02
CA TYR F 94 -19.47 31.65 -20.69
C TYR F 94 -20.35 30.42 -20.45
N TYR F 95 -19.72 29.31 -20.09
CA TYR F 95 -20.40 28.05 -19.84
C TYR F 95 -20.43 27.73 -18.35
N CYS F 96 -21.47 27.02 -17.93
CA CYS F 96 -21.59 26.51 -16.57
C CYS F 96 -21.19 25.04 -16.60
N ALA F 97 -20.01 24.75 -16.06
CA ALA F 97 -19.42 23.42 -16.15
C ALA F 97 -19.42 22.73 -14.79
N ARG F 98 -20.05 21.57 -14.73
CA ARG F 98 -19.98 20.70 -13.56
C ARG F 98 -19.05 19.53 -13.83
N CYS F 99 -18.10 19.30 -12.93
CA CYS F 99 -17.22 18.16 -13.11
C CYS F 99 -17.89 16.88 -12.57
N PRO F 100 -17.53 15.72 -13.15
CA PRO F 100 -18.52 14.61 -13.21
C PRO F 100 -18.87 13.97 -11.88
N ALA F 101 -17.92 13.73 -11.01
CA ALA F 101 -18.14 12.91 -9.83
C ALA F 101 -18.40 13.77 -8.60
N PRO F 102 -19.33 13.36 -7.74
CA PRO F 102 -19.57 14.08 -6.50
C PRO F 102 -18.63 13.63 -5.39
N PHE F 103 -18.53 14.48 -4.37
CA PHE F 103 -17.70 14.22 -3.18
C PHE F 103 -16.23 14.00 -3.56
N THR F 104 -15.77 14.67 -4.62
CA THR F 104 -14.40 14.53 -5.10
C THR F 104 -13.75 15.90 -5.13
N ARG F 105 -12.50 15.99 -4.65
CA ARG F 105 -11.79 17.25 -4.71
C ARG F 105 -11.28 17.53 -6.11
N ASP F 106 -10.80 16.50 -6.81
CA ASP F 106 -10.40 16.66 -8.20
C ASP F 106 -11.60 17.00 -9.07
N CYS F 107 -11.38 17.85 -10.05
CA CYS F 107 -12.45 18.38 -10.89
C CYS F 107 -11.95 18.31 -12.33
N PHE F 108 -12.29 17.24 -13.04
CA PHE F 108 -11.64 16.86 -14.28
C PHE F 108 -12.47 17.27 -15.49
N ASP F 109 -11.76 17.56 -16.59
CA ASP F 109 -12.26 17.66 -17.96
C ASP F 109 -13.30 18.75 -18.15
N VAL F 110 -13.38 19.76 -17.28
CA VAL F 110 -14.40 20.78 -17.43
C VAL F 110 -14.16 21.61 -18.69
N THR F 111 -12.89 21.75 -19.09
CA THR F 111 -12.53 22.56 -20.24
C THR F 111 -12.33 21.75 -21.52
N SER F 112 -12.81 20.51 -21.55
CA SER F 112 -12.68 19.69 -22.74
C SER F 112 -13.58 20.21 -23.85
N THR F 113 -13.18 19.94 -25.10
CA THR F 113 -13.94 20.43 -26.24
C THR F 113 -15.32 19.80 -26.32
N THR F 114 -15.39 18.48 -26.14
CA THR F 114 -16.65 17.74 -26.14
C THR F 114 -16.83 17.14 -24.75
N TYR F 115 -17.47 17.90 -23.86
CA TYR F 115 -17.59 17.51 -22.46
C TYR F 115 -19.05 17.62 -22.03
N ALA F 116 -19.60 16.51 -21.51
CA ALA F 116 -20.93 16.53 -20.96
C ALA F 116 -20.95 17.24 -19.61
N TYR F 117 -22.14 17.38 -19.04
CA TYR F 117 -22.35 18.10 -17.78
C TYR F 117 -21.92 19.56 -17.89
N ARG F 118 -22.03 20.13 -19.08
CA ARG F 118 -21.74 21.54 -19.31
C ARG F 118 -22.86 22.15 -20.13
N GLY F 119 -23.29 23.34 -19.74
CA GLY F 119 -24.38 24.01 -20.42
C GLY F 119 -24.00 24.46 -21.82
N GLN F 120 -25.02 24.98 -22.52
CA GLN F 120 -24.81 25.46 -23.88
C GLN F 120 -24.13 26.81 -23.93
N GLY F 121 -24.10 27.54 -22.81
CA GLY F 121 -23.37 28.78 -22.72
C GLY F 121 -24.24 29.99 -23.03
N THR F 122 -23.77 31.15 -22.56
CA THR F 122 -24.42 32.43 -22.81
C THR F 122 -23.39 33.41 -23.36
N GLN F 123 -23.79 34.18 -24.36
CA GLN F 123 -22.88 35.12 -25.01
C GLN F 123 -22.72 36.37 -24.17
N VAL F 124 -21.47 36.73 -23.89
CA VAL F 124 -21.14 37.95 -23.17
C VAL F 124 -20.20 38.76 -24.06
N THR F 125 -20.68 39.90 -24.54
CA THR F 125 -19.91 40.75 -25.45
C THR F 125 -19.66 42.10 -24.78
N VAL F 126 -18.39 42.47 -24.64
CA VAL F 126 -18.03 43.75 -24.07
C VAL F 126 -17.57 44.69 -25.18
N SER F 127 -18.50 45.48 -25.72
CA SER F 127 -18.22 46.37 -26.82
C SER F 127 -18.68 47.79 -26.48
N SER F 128 -18.13 48.75 -27.20
CA SER F 128 -18.46 50.16 -26.98
C SER F 128 -19.85 50.47 -27.51
C1 NAG G . 34.31 -8.89 61.86
C2 NAG G . 34.32 -9.10 63.37
C3 NAG G . 32.91 -8.92 63.94
C4 NAG G . 32.31 -7.60 63.49
C5 NAG G . 32.39 -7.46 61.98
C6 NAG G . 31.93 -6.12 61.47
C7 NAG G . 35.40 -10.72 64.88
C8 NAG G . 35.86 -12.14 65.05
N2 NAG G . 34.83 -10.43 63.70
O3 NAG G . 32.96 -8.98 65.37
O4 NAG G . 30.93 -7.54 63.88
O5 NAG G . 33.76 -7.61 61.56
O6 NAG G . 32.43 -5.84 60.17
O7 NAG G . 35.53 -9.89 65.77
C1 NAG H . 57.14 -14.39 63.81
C2 NAG H . 58.13 -15.36 64.47
C3 NAG H . 59.47 -14.68 64.72
C4 NAG H . 59.80 -13.75 63.56
C5 NAG H . 58.83 -12.57 63.60
C6 NAG H . 58.63 -11.93 62.25
C7 NAG H . 56.89 -17.03 65.78
C8 NAG H . 56.41 -17.42 67.14
N2 NAG H . 57.60 -15.90 65.71
O3 NAG H . 60.49 -15.66 64.85
O4 NAG H . 61.14 -13.28 63.67
O5 NAG H . 57.54 -12.99 64.08
O6 NAG H . 59.54 -10.87 62.02
O7 NAG H . 56.64 -17.70 64.79
C4 P42 I . 11.62 -15.80 46.54
C5 P42 I . 12.61 -16.93 46.59
C6 P42 I . 13.14 -19.33 46.47
C7 P42 I . 11.06 -18.61 47.51
C8 P42 I . 11.34 -18.42 45.11
CBX P42 I . -1.12 -5.23 22.61
CBV P42 I . -0.64 -4.58 23.88
CBS P42 I . -0.14 -5.56 24.91
CBH P42 I . 0.36 -4.94 26.19
CAQ P42 I . 0.91 -5.94 27.18
CAP P42 I . 1.50 -5.33 28.43
CAO P42 I . 2.19 -6.33 29.33
CAN P42 I . 2.87 -5.74 30.53
CAM P42 I . 3.69 -6.74 31.31
CAL P42 I . 4.38 -6.18 32.53
CAK P42 I . 5.29 -7.19 33.21
CAJ P42 I . 5.89 -6.73 34.51
CAI P42 I . 6.79 -7.75 35.15
CAH P42 I . 7.24 -7.43 36.55
CAG P42 I . 8.03 -8.54 37.21
CAF P42 I . 8.30 -8.34 38.68
CAE P42 I . 8.93 -9.54 39.34
CAD P42 I . 9.02 -9.34 40.85
OAA P42 I . 9.87 -8.24 41.13
OAC P42 I . 9.46 -10.54 41.46
CAB P42 I . 9.57 -10.47 42.88
CBE P42 I . 10.06 -11.80 43.42
CBK P42 I . 10.32 -11.78 44.91
OBL P42 I . 10.95 -13.02 45.32
PBM P42 I . 11.48 -13.17 46.83
OBF P42 I . 12.45 -12.05 47.09
OBU P42 I . 10.28 -13.35 47.72
OBN P42 I . 12.31 -14.55 46.80
OBD P42 I . 9.09 -12.83 43.12
CBC P42 I . 7.91 -12.90 43.89
OBJ P42 I . 7.04 -11.78 43.71
CBB P42 I . 7.18 -14.18 43.52
CBA P42 I . 7.14 -14.42 42.03
CAZ P42 I . 6.32 -13.44 41.22
CAY P42 I . 6.58 -13.50 39.74
CAX P42 I . 6.32 -14.83 39.10
CAW P42 I . 6.91 -14.97 37.71
CAV P42 I . 6.60 -16.28 37.02
CAU P42 I . 5.16 -16.45 36.63
CAT P42 I . 4.66 -15.39 35.68
CAS P42 I . 3.23 -15.58 35.22
CAR P42 I . 2.71 -14.49 34.32
CBI P42 I . 3.53 -14.29 33.07
CBT P42 I . 2.99 -13.20 32.16
CBW P42 I . 2.91 -11.85 32.80
CBY P42 I . 2.38 -10.77 31.88
N P42 I . 12.04 -18.32 46.42
C1 PLM J . 15.62 -5.00 48.02
O1 PLM J . 14.64 -5.24 48.75
O2 PLM J . 16.76 -5.44 48.23
C2 PLM J . 15.40 -4.15 46.78
C3 PLM J . 14.41 -4.70 45.80
C4 PLM J . 14.27 -3.85 44.56
C5 PLM J . 13.31 -4.39 43.54
C6 PLM J . 13.23 -3.59 42.26
C7 PLM J . 12.29 -4.17 41.23
C8 PLM J . 12.27 -3.42 39.91
C9 PLM J . 11.36 -4.05 38.87
CA PLM J . 11.39 -3.36 37.54
CB PLM J . 10.50 -4.02 36.49
CC PLM J . 10.56 -3.36 35.13
CD PLM J . 9.68 -4.02 34.10
CE PLM J . 9.73 -3.38 32.74
CF PLM J . 8.86 -4.05 31.71
CG PLM J . 8.91 -3.38 30.35
C1 PLM K . 17.37 0.52 45.42
O1 PLM K . 16.79 0.05 46.41
O2 PLM K . 18.54 0.97 45.44
C2 PLM K . 16.62 0.55 44.10
C3 PLM K . 17.29 -0.21 42.98
C4 PLM K . 16.50 -0.14 41.69
C5 PLM K . 16.28 1.26 41.18
C6 PLM K . 15.50 1.33 39.88
C7 PLM K . 16.17 0.66 38.70
C8 PLM K . 15.40 0.76 37.43
C9 PLM K . 14.05 0.08 37.46
CA PLM K . 13.20 0.33 36.24
CB PLM K . 13.81 -0.09 34.94
CC PLM K . 12.95 0.19 33.73
CD PLM K . 13.57 -0.20 32.41
CE PLM K . 12.71 0.12 31.21
CF PLM K . 13.31 -0.25 29.89
CG PLM K . 12.42 0.08 28.72
C1 PLM L . 27.73 -1.68 1.29
O1 PLM L . 27.52 -0.88 2.23
O2 PLM L . 28.63 -1.51 0.43
C2 PLM L . 26.86 -2.92 1.19
C3 PLM L . 27.60 -4.21 1.31
C4 PLM L . 26.69 -5.43 1.17
C5 PLM L . 25.56 -5.48 2.16
C6 PLM L . 26.01 -5.57 3.61
C7 PLM L . 26.77 -6.84 3.93
C8 PLM L . 27.19 -6.95 5.38
C9 PLM L . 27.86 -8.25 5.73
CA PLM L . 28.24 -8.37 7.18
CB PLM L . 28.87 -9.70 7.54
CC PLM L . 29.28 -9.82 8.99
CD PLM L . 29.91 -11.15 9.34
CE PLM L . 30.37 -11.26 10.77
CF PLM L . 31.03 -12.57 11.10
CG PLM L . 31.54 -12.65 12.52
CAA Y01 M . 13.85 -27.07 17.28
CBA Y01 M . 15.29 -27.40 17.69
CAB Y01 M . 15.87 -26.27 18.53
CAN Y01 M . 16.17 -27.70 16.47
CAJ Y01 M . 16.42 -26.55 15.53
CAO Y01 M . 15.58 -26.60 14.28
CBB Y01 M . 15.71 -25.38 13.36
CAC Y01 M . 17.17 -25.16 12.98
CBE Y01 M . 14.78 -25.50 12.14
CAP Y01 M . 13.36 -26.01 12.53
CAQ Y01 M . 12.37 -25.39 11.52
CBG Y01 M . 13.28 -24.78 10.45
CBI Y01 M . 14.49 -24.26 11.25
CAE Y01 M . 14.11 -23.07 12.14
CAU Y01 M . 15.55 -23.87 10.22
CAS Y01 M . 15.03 -22.80 9.26
CBF Y01 M . 13.75 -23.24 8.52
CBD Y01 M . 12.68 -23.77 9.49
CAK Y01 M . 11.53 -24.37 8.70
CAI Y01 M . 11.14 -23.53 7.52
CAZ Y01 M . 11.82 -22.49 7.07
CAV Y01 M . 11.27 -21.61 5.97
CBH Y01 M . 13.21 -22.12 7.58
CAD Y01 M . 13.09 -20.77 8.31
CAT Y01 M . 14.14 -21.98 6.37
CAR Y01 M . 13.58 -21.08 5.26
CBC Y01 M . 12.23 -21.55 4.80
OAW Y01 M . 11.70 -20.59 3.83
CAY Y01 M . 10.68 -20.95 3.04
OAG Y01 M . 9.92 -20.17 2.57
CAM Y01 M . 10.67 -22.43 2.73
CAL Y01 M . 9.49 -22.94 1.94
CAX Y01 M . 8.15 -22.82 2.64
OAH Y01 M . 7.12 -23.16 2.01
OAF Y01 M . 8.12 -22.38 3.81
C1 PLM N . 41.89 -19.39 28.66
O1 PLM N . 40.77 -19.89 28.91
O2 PLM N . 42.83 -19.36 29.46
C2 PLM N . 42.11 -18.79 27.28
C3 PLM N . 40.92 -18.89 26.36
C4 PLM N . 41.13 -18.16 25.05
C5 PLM N . 39.94 -18.17 24.13
C6 PLM N . 40.09 -17.32 22.90
C7 PLM N . 38.88 -17.30 22.00
C8 PLM N . 39.01 -16.37 20.82
C9 PLM N . 37.81 -16.35 19.91
CA PLM N . 37.93 -15.39 18.76
CB PLM N . 36.75 -15.40 17.81
CC PLM N . 36.52 -16.72 17.13
CD PLM N . 35.37 -16.73 16.17
CE PLM N . 35.13 -18.06 15.49
CF PLM N . 33.96 -18.06 14.54
CG PLM N . 33.74 -19.39 13.85
C1 PLM O . 41.04 -23.45 30.22
O1 PLM O . 41.50 -23.67 31.35
O2 PLM O . 40.22 -22.55 29.97
C2 PLM O . 41.51 -24.33 29.06
C3 PLM O . 42.20 -23.60 27.96
C4 PLM O . 42.62 -24.52 26.82
C5 PLM O . 43.35 -23.83 25.70
C6 PLM O . 42.56 -22.73 25.04
C7 PLM O . 43.32 -22.00 23.95
C8 PLM O . 43.69 -22.86 22.76
C9 PLM O . 42.51 -23.23 21.88
CA PLM O . 41.84 -22.04 21.23
CB PLM O . 40.81 -22.39 20.20
CC PLM O . 40.18 -21.20 19.52
CD PLM O . 39.24 -21.54 18.39
CE PLM O . 38.66 -20.34 17.70
CF PLM O . 37.76 -20.67 16.53
CG PLM O . 38.47 -21.40 15.42
C1 PLM P . 45.08 -15.89 28.84
O1 PLM P . 44.39 -15.45 29.78
O2 PLM P . 45.79 -16.90 28.93
C2 PLM P . 45.04 -15.15 27.52
C3 PLM P . 43.68 -15.04 26.90
C4 PLM P . 43.72 -14.32 25.56
C5 PLM P . 42.36 -14.18 24.90
C6 PLM P . 41.36 -13.38 25.69
C7 PLM P . 40.01 -13.23 25.01
C8 PLM P . 40.08 -12.60 23.64
C9 PLM P . 38.75 -12.49 22.93
CA PLM P . 38.82 -11.93 21.54
CB PLM P . 37.52 -11.91 20.81
CC PLM P . 37.62 -11.44 19.38
CD PLM P . 36.31 -11.47 18.61
CE PLM P . 36.44 -11.06 17.17
CF PLM P . 35.15 -11.12 16.39
CG PLM P . 35.29 -10.73 14.94
C1 PLM Q . 22.88 12.51 11.15
O1 PLM Q . 23.19 12.55 9.93
O2 PLM Q . 22.12 13.33 11.69
C2 PLM Q . 23.45 11.38 11.98
C3 PLM Q . 23.06 11.44 13.44
C4 PLM Q . 23.70 10.34 14.26
C5 PLM Q . 23.41 10.45 15.74
C6 PLM Q . 21.95 10.33 16.10
C7 PLM Q . 21.48 8.91 16.30
C8 PLM Q . 21.99 8.27 17.57
C9 PLM Q . 21.34 6.95 17.92
CA PLM Q . 21.59 6.50 19.33
CB PLM Q . 20.75 5.32 19.76
CC PLM Q . 20.80 5.02 21.24
CD PLM Q . 19.85 3.93 21.68
CE PLM Q . 19.78 3.74 23.18
CF PLM Q . 18.81 2.69 23.61
CG PLM Q . 18.71 2.53 25.12
C1 PLM R . 42.93 -11.31 29.63
O1 PLM R . 43.25 -11.56 30.81
O2 PLM R . 43.69 -11.49 28.66
C2 PLM R . 41.55 -10.75 29.37
C3 PLM R . 41.23 -10.51 27.93
C4 PLM R . 39.83 -9.94 27.72
C5 PLM R . 39.62 -8.61 28.40
C6 PLM R . 38.19 -8.10 28.32
C7 PLM R . 37.68 -7.86 26.92
C8 PLM R . 36.30 -7.28 26.87
C9 PLM R . 35.77 -6.99 25.49
CA PLM R . 35.60 -8.21 24.61
CB PLM R . 34.89 -7.92 23.30
CC PLM R . 34.72 -9.12 22.42
CD PLM R . 33.91 -8.85 21.17
CE PLM R . 34.46 -7.73 20.31
CF PLM R . 33.64 -7.44 19.07
CG PLM R . 34.18 -6.30 18.25
C1 PLM S . 38.55 -3.46 30.70
O1 PLM S . 39.08 -4.35 31.40
O2 PLM S . 38.93 -2.28 30.66
C2 PLM S . 37.37 -3.86 29.82
C3 PLM S . 36.79 -2.74 29.01
C4 PLM S . 35.64 -3.19 28.13
C5 PLM S . 35.05 -2.09 27.27
C6 PLM S . 33.92 -2.54 26.38
C7 PLM S . 34.29 -3.67 25.45
C8 PLM S . 33.20 -4.06 24.48
C9 PLM S . 32.85 -2.97 23.49
CA PLM S . 31.79 -3.36 22.49
CB PLM S . 31.44 -2.28 21.50
CC PLM S . 30.94 -1.00 22.13
CD PLM S . 30.57 0.08 21.13
CE PLM S . 31.71 0.53 20.25
CF PLM S . 31.34 1.62 19.28
CG PLM S . 30.22 1.24 18.33
C1 PLM T . 40.34 -35.30 23.43
O1 PLM T . 41.13 -35.13 22.47
O2 PLM T . 40.45 -34.73 24.52
C2 PLM T . 39.18 -36.28 23.24
C3 PLM T . 37.82 -35.66 23.38
C4 PLM T . 36.72 -36.69 23.21
C5 PLM T . 35.32 -36.11 23.33
C6 PLM T . 35.00 -35.05 22.31
C7 PLM T . 33.57 -34.57 22.35
C8 PLM T . 33.23 -33.57 21.27
C9 PLM T . 31.77 -33.20 21.20
CA PLM T . 31.42 -32.31 20.03
CB PLM T . 29.94 -32.07 19.84
CC PLM T . 29.61 -31.31 18.59
CD PLM T . 28.13 -31.20 18.29
CE PLM T . 27.81 -30.53 16.99
CF PLM T . 26.33 -30.51 16.64
CG PLM T . 26.02 -29.86 15.32
C1 PLM U . 36.73 -35.34 27.88
O1 PLM U . 37.58 -34.52 27.49
O2 PLM U . 36.78 -35.92 28.98
C2 PLM U . 35.56 -35.67 26.96
C3 PLM U . 34.60 -36.68 27.49
C4 PLM U . 33.47 -36.98 26.51
C5 PLM U . 32.62 -35.78 26.18
C6 PLM U . 31.89 -35.19 27.36
C7 PLM U . 31.15 -33.91 27.05
C8 PLM U . 30.07 -34.03 26.01
C9 PLM U . 29.44 -32.72 25.62
CA PLM U . 28.29 -32.83 24.66
CB PLM U . 27.69 -31.50 24.26
CC PLM U . 26.44 -31.59 23.43
CD PLM U . 26.61 -32.30 22.10
CE PLM U . 25.37 -32.29 21.25
CF PLM U . 25.50 -33.02 19.94
CG PLM U . 24.24 -32.95 19.08
C1 PLM V . 7.17 -20.25 43.82
O1 PLM V . 6.34 -19.52 43.24
O2 PLM V . 7.99 -19.82 44.65
C2 PLM V . 7.19 -21.73 43.48
C3 PLM V . 7.42 -22.04 42.04
C4 PLM V . 8.75 -21.51 41.53
C5 PLM V . 9.00 -21.77 40.07
C6 PLM V . 7.95 -21.18 39.15
C7 PLM V . 8.19 -21.44 37.69
C8 PLM V . 7.13 -20.86 36.78
C9 PLM V . 7.36 -21.11 35.31
CA PLM V . 6.30 -20.50 34.42
CB PLM V . 6.53 -20.73 32.94
CC PLM V . 5.50 -20.08 32.06
CD PLM V . 5.72 -20.29 30.58
CE PLM V . 4.69 -19.62 29.69
CF PLM V . 4.92 -19.80 28.22
CG PLM V . 3.88 -19.12 27.36
C1 PLM W . 21.18 -40.64 27.41
O1 PLM W . 20.18 -41.36 27.62
O2 PLM W . 22.29 -40.83 27.92
C2 PLM W . 21.01 -39.46 26.45
C3 PLM W . 19.99 -38.46 26.88
C4 PLM W . 19.86 -37.32 25.88
C5 PLM W . 18.80 -36.29 26.24
C6 PLM W . 18.65 -35.18 25.23
C7 PLM W . 17.58 -34.18 25.57
C8 PLM W . 17.40 -33.10 24.53
C9 PLM W . 16.27 -32.14 24.81
CA PLM W . 16.06 -31.12 23.72
CB PLM W . 14.89 -30.19 23.95
CC PLM W . 14.61 -29.26 22.80
CD PLM W . 13.40 -28.38 22.98
CE PLM W . 13.10 -27.48 21.81
CF PLM W . 11.87 -26.63 21.97
CG PLM W . 11.95 -25.68 23.14
#